data_7UHA
#
_entry.id   7UHA
#
loop_
_entity.id
_entity.type
_entity.pdbx_description
1 polymer 'Troponin C, slow skeletal and cardiac muscles,Troponin I, cardiac muscle'
2 non-polymer 'CALCIUM ION'
3 non-polymer N-(5-aminopentyl)-5-chloronaphthalene-1-sulfonamide
#
_entity_poly.entity_id   1
_entity_poly.type   'polypeptide(L)'
_entity_poly.pdbx_seq_one_letter_code
;MDDIYKAAVEQLTEEQKNEFKAAFDIFVLGAEDGSISTKELGKVMRMLGQNPTPEELQEMIDEVDEDGSGTVDFDEFLVM
MVRSMKDDSKGKFKRPTLRRVRISADAMMQALLGARAKGHHHHHH
;
_entity_poly.pdbx_strand_id   A
#
loop_
_chem_comp.id
_chem_comp.type
_chem_comp.name
_chem_comp.formula
CA non-polymer 'CALCIUM ION' 'Ca 2'
WW6 non-polymer N-(5-aminopentyl)-5-chloronaphthalene-1-sulfonamide 'C15 H19 Cl N2 O2 S'
#
# COMPACT_ATOMS: atom_id res chain seq x y z
N MET A 1 -11.73 1.30 7.71
CA MET A 1 -10.59 0.97 8.61
C MET A 1 -11.07 0.06 9.73
N ASP A 2 -10.95 -1.25 9.52
CA ASP A 2 -11.37 -2.22 10.53
C ASP A 2 -10.44 -2.20 11.73
N ASP A 3 -10.97 -2.57 12.89
CA ASP A 3 -10.16 -2.60 14.11
C ASP A 3 -8.98 -3.53 13.95
N ILE A 4 -9.23 -4.66 13.29
CA ILE A 4 -8.17 -5.64 13.05
C ILE A 4 -7.03 -5.01 12.25
N TYR A 5 -7.37 -4.33 11.17
CA TYR A 5 -6.36 -3.68 10.34
C TYR A 5 -5.63 -2.60 11.13
N LYS A 6 -6.38 -1.85 11.93
CA LYS A 6 -5.79 -0.80 12.74
C LYS A 6 -4.78 -1.41 13.70
N ALA A 7 -5.16 -2.52 14.31
CA ALA A 7 -4.28 -3.20 15.26
C ALA A 7 -3.01 -3.65 14.55
N ALA A 8 -3.14 -4.12 13.31
CA ALA A 8 -2.00 -4.58 12.55
C ALA A 8 -0.97 -3.48 12.41
N VAL A 9 -1.45 -2.26 12.18
CA VAL A 9 -0.55 -1.12 12.04
C VAL A 9 0.22 -0.88 13.34
N GLU A 10 -0.52 -0.90 14.45
CA GLU A 10 0.09 -0.70 15.77
C GLU A 10 0.98 -1.87 16.15
N GLN A 11 0.68 -3.04 15.59
CA GLN A 11 1.46 -4.24 15.87
C GLN A 11 2.86 -4.13 15.29
N LEU A 12 3.05 -3.16 14.39
CA LEU A 12 4.36 -2.97 13.77
C LEU A 12 5.31 -2.28 14.75
N THR A 13 6.50 -2.85 14.91
CA THR A 13 7.50 -2.29 15.81
C THR A 13 8.00 -0.94 15.27
N GLU A 14 8.93 -0.33 16.00
CA GLU A 14 9.48 0.95 15.58
C GLU A 14 10.15 0.83 14.21
N GLU A 15 10.95 -0.21 14.04
CA GLU A 15 11.64 -0.43 12.78
C GLU A 15 10.62 -0.66 11.66
N GLN A 16 9.57 -1.43 11.95
CA GLN A 16 8.56 -1.71 10.95
C GLN A 16 7.82 -0.44 10.56
N LYS A 17 7.45 0.36 11.56
CA LYS A 17 6.76 1.61 11.30
C LYS A 17 7.67 2.57 10.53
N ASN A 18 8.94 2.60 10.91
CA ASN A 18 9.90 3.49 10.25
C ASN A 18 10.04 3.10 8.79
N GLU A 19 10.13 1.79 8.52
CA GLU A 19 10.28 1.31 7.16
C GLU A 19 9.07 1.72 6.32
N PHE A 20 7.88 1.51 6.85
CA PHE A 20 6.66 1.88 6.15
C PHE A 20 6.56 3.39 6.01
N LYS A 21 6.93 4.11 7.06
CA LYS A 21 6.87 5.56 7.04
C LYS A 21 7.66 6.10 5.85
N ALA A 22 8.82 5.51 5.59
CA ALA A 22 9.65 5.95 4.49
C ALA A 22 8.90 5.78 3.16
N ALA A 23 8.24 4.63 3.02
CA ALA A 23 7.47 4.36 1.80
C ALA A 23 6.34 5.37 1.65
N PHE A 24 5.70 5.70 2.77
CA PHE A 24 4.60 6.66 2.77
C PHE A 24 5.07 8.01 2.24
N ASP A 25 6.20 8.48 2.74
CA ASP A 25 6.74 9.77 2.32
C ASP A 25 6.98 9.77 0.81
N ILE A 26 7.60 8.71 0.32
CA ILE A 26 7.88 8.58 -1.10
C ILE A 26 6.58 8.48 -1.90
N PHE A 27 5.64 7.69 -1.37
CA PHE A 27 4.35 7.49 -2.02
C PHE A 27 3.64 8.83 -2.23
N VAL A 28 3.67 9.67 -1.22
CA VAL A 28 3.01 10.97 -1.31
C VAL A 28 3.99 12.05 -1.80
N LEU A 29 4.96 11.64 -2.61
CA LEU A 29 5.93 12.59 -3.13
C LEU A 29 5.25 13.66 -3.96
N GLY A 30 5.32 14.90 -3.49
CA GLY A 30 4.71 16.02 -4.20
C GLY A 30 3.24 16.18 -3.80
N ALA A 31 2.74 15.26 -2.98
CA ALA A 31 1.36 15.33 -2.53
C ALA A 31 1.14 16.55 -1.63
N GLU A 32 0.12 17.33 -1.96
CA GLU A 32 -0.19 18.52 -1.17
C GLU A 32 -0.81 18.13 0.16
N ASP A 33 -1.62 17.07 0.14
CA ASP A 33 -2.27 16.58 1.34
C ASP A 33 -1.32 15.71 2.16
N GLY A 34 -0.37 15.10 1.47
CA GLY A 34 0.60 14.22 2.12
C GLY A 34 0.13 12.78 2.12
N SER A 35 -1.03 12.54 1.52
CA SER A 35 -1.58 11.18 1.43
C SER A 35 -1.48 10.67 0.00
N ILE A 36 -1.47 9.35 -0.14
CA ILE A 36 -1.37 8.73 -1.45
C ILE A 36 -2.66 8.93 -2.25
N SER A 37 -2.58 9.75 -3.29
CA SER A 37 -3.74 10.03 -4.13
C SER A 37 -3.58 9.36 -5.48
N THR A 38 -4.52 9.61 -6.38
CA THR A 38 -4.45 9.03 -7.71
C THR A 38 -3.18 9.47 -8.44
N LYS A 39 -2.83 10.73 -8.28
CA LYS A 39 -1.63 11.26 -8.94
C LYS A 39 -0.40 10.51 -8.43
N GLU A 40 -0.30 10.37 -7.11
CA GLU A 40 0.81 9.65 -6.50
C GLU A 40 0.73 8.17 -6.83
N LEU A 41 -0.49 7.63 -6.84
CA LEU A 41 -0.68 6.23 -7.13
C LEU A 41 -0.21 5.92 -8.55
N GLY A 42 -0.60 6.77 -9.49
CA GLY A 42 -0.22 6.56 -10.88
C GLY A 42 1.30 6.53 -11.02
N LYS A 43 1.99 7.45 -10.36
CA LYS A 43 3.45 7.48 -10.45
C LYS A 43 4.04 6.22 -9.85
N VAL A 44 3.56 5.84 -8.67
CA VAL A 44 4.06 4.65 -7.98
C VAL A 44 3.76 3.41 -8.80
N MET A 45 2.54 3.33 -9.31
CA MET A 45 2.13 2.18 -10.10
C MET A 45 2.94 2.13 -11.40
N ARG A 46 3.24 3.30 -11.95
CA ARG A 46 4.02 3.38 -13.18
C ARG A 46 5.37 2.72 -12.98
N MET A 47 5.95 2.94 -11.81
CA MET A 47 7.25 2.35 -11.51
C MET A 47 7.12 0.82 -11.44
N LEU A 48 5.99 0.37 -10.91
CA LEU A 48 5.76 -1.07 -10.78
C LEU A 48 5.54 -1.70 -12.15
N GLY A 49 5.36 -0.87 -13.17
CA GLY A 49 5.15 -1.36 -14.52
C GLY A 49 3.67 -1.28 -14.92
N GLN A 50 2.89 -0.53 -14.14
CA GLN A 50 1.47 -0.38 -14.42
C GLN A 50 1.17 1.01 -14.98
N ASN A 51 0.06 1.13 -15.69
CA ASN A 51 -0.33 2.41 -16.26
C ASN A 51 -1.81 2.65 -16.05
N PRO A 52 -2.23 2.67 -14.81
CA PRO A 52 -3.67 2.91 -14.45
C PRO A 52 -4.11 4.35 -14.70
N THR A 53 -5.41 4.53 -14.91
CA THR A 53 -5.95 5.86 -15.16
C THR A 53 -6.43 6.51 -13.87
N PRO A 54 -6.68 7.78 -13.89
CA PRO A 54 -7.15 8.52 -12.68
C PRO A 54 -8.35 7.87 -12.02
N GLU A 55 -9.34 7.50 -12.83
CA GLU A 55 -10.54 6.85 -12.31
C GLU A 55 -10.16 5.52 -11.67
N GLU A 56 -9.26 4.80 -12.32
CA GLU A 56 -8.80 3.54 -11.79
C GLU A 56 -7.98 3.76 -10.52
N LEU A 57 -7.18 4.84 -10.54
CA LEU A 57 -6.33 5.17 -9.40
C LEU A 57 -7.19 5.46 -8.16
N GLN A 58 -8.28 6.19 -8.36
CA GLN A 58 -9.17 6.52 -7.25
C GLN A 58 -9.83 5.25 -6.72
N GLU A 59 -10.12 4.32 -7.61
CA GLU A 59 -10.73 3.07 -7.21
C GLU A 59 -9.80 2.29 -6.28
N MET A 60 -8.52 2.28 -6.62
CA MET A 60 -7.55 1.58 -5.79
C MET A 60 -7.56 2.15 -4.38
N ILE A 61 -7.47 3.48 -4.27
CA ILE A 61 -7.50 4.13 -2.98
C ILE A 61 -8.80 3.79 -2.23
N ASP A 62 -9.89 3.71 -2.99
CA ASP A 62 -11.19 3.40 -2.40
C ASP A 62 -11.15 2.01 -1.76
N GLU A 63 -10.32 1.13 -2.30
CA GLU A 63 -10.20 -0.22 -1.76
C GLU A 63 -9.73 -0.20 -0.31
N VAL A 64 -8.76 0.67 -0.02
CA VAL A 64 -8.23 0.80 1.32
C VAL A 64 -8.88 1.96 2.05
N ASP A 65 -9.49 2.86 1.28
CA ASP A 65 -10.15 4.01 1.86
C ASP A 65 -11.58 3.66 2.25
N GLU A 66 -11.77 3.28 3.52
CA GLU A 66 -13.08 2.92 4.01
C GLU A 66 -13.81 4.13 4.58
N ASP A 67 -13.04 5.16 4.93
CA ASP A 67 -13.63 6.38 5.48
C ASP A 67 -14.16 7.27 4.36
N GLY A 68 -13.99 6.83 3.13
CA GLY A 68 -14.47 7.60 1.98
C GLY A 68 -13.64 8.87 1.80
N SER A 69 -12.43 8.88 2.37
CA SER A 69 -11.56 10.03 2.26
C SER A 69 -11.23 10.32 0.79
N GLY A 70 -10.99 9.26 0.03
CA GLY A 70 -10.66 9.40 -1.38
C GLY A 70 -9.16 9.27 -1.60
N THR A 71 -8.41 9.33 -0.51
CA THR A 71 -6.95 9.19 -0.58
C THR A 71 -6.46 8.21 0.48
N VAL A 72 -5.27 7.65 0.25
CA VAL A 72 -4.69 6.69 1.19
C VAL A 72 -3.64 7.37 2.06
N ASP A 73 -3.95 7.49 3.35
CA ASP A 73 -3.03 8.11 4.30
C ASP A 73 -2.14 7.05 4.93
N PHE A 74 -1.44 7.42 6.00
CA PHE A 74 -0.56 6.50 6.68
C PHE A 74 -1.35 5.29 7.18
N ASP A 75 -2.57 5.53 7.67
CA ASP A 75 -3.41 4.46 8.18
C ASP A 75 -3.84 3.52 7.05
N GLU A 76 -4.36 4.10 5.96
CA GLU A 76 -4.81 3.31 4.82
C GLU A 76 -3.62 2.66 4.13
N PHE A 77 -2.50 3.37 4.08
CA PHE A 77 -1.31 2.83 3.43
C PHE A 77 -0.93 1.50 4.10
N LEU A 78 -0.79 1.51 5.42
CA LEU A 78 -0.40 0.31 6.15
C LEU A 78 -1.51 -0.74 6.03
N VAL A 79 -2.75 -0.27 6.07
CA VAL A 79 -3.90 -1.15 5.98
C VAL A 79 -3.89 -1.88 4.64
N MET A 80 -3.60 -1.17 3.56
CA MET A 80 -3.57 -1.79 2.24
C MET A 80 -2.55 -2.92 2.22
N MET A 81 -1.36 -2.65 2.75
CA MET A 81 -0.32 -3.67 2.78
C MET A 81 -0.74 -4.82 3.70
N VAL A 82 -1.31 -4.46 4.84
CA VAL A 82 -1.79 -5.46 5.79
C VAL A 82 -2.94 -6.26 5.20
N ARG A 83 -3.83 -5.58 4.49
CA ARG A 83 -4.98 -6.22 3.86
C ARG A 83 -4.53 -7.39 3.00
N SER A 84 -3.55 -7.15 2.13
CA SER A 84 -3.06 -8.20 1.25
C SER A 84 -2.44 -9.34 2.08
N MET A 85 -1.64 -8.97 3.07
CA MET A 85 -0.99 -9.96 3.92
C MET A 85 -2.03 -10.78 4.68
N LYS A 86 -3.05 -10.08 5.18
CA LYS A 86 -4.11 -10.73 5.93
C LYS A 86 -4.83 -11.75 5.05
N ASP A 87 -4.98 -11.42 3.78
CA ASP A 87 -5.66 -12.33 2.85
C ASP A 87 -4.96 -13.68 2.82
N ASP A 88 -3.74 -13.71 2.28
CA ASP A 88 -2.99 -14.96 2.20
C ASP A 88 -2.74 -15.53 3.60
N SER A 89 -2.42 -14.65 4.53
CA SER A 89 -2.16 -15.06 5.91
C SER A 89 -3.40 -15.72 6.50
N LYS A 90 -4.57 -15.16 6.19
CA LYS A 90 -5.83 -15.69 6.70
C LYS A 90 -6.83 -15.91 5.58
N GLY A 91 -7.30 -14.81 5.00
CA GLY A 91 -8.27 -14.91 3.91
C GLY A 91 -9.66 -15.26 4.43
N LYS A 92 -9.87 -15.04 5.73
CA LYS A 92 -11.15 -15.34 6.34
C LYS A 92 -12.28 -14.63 5.61
N PHE A 93 -13.51 -15.09 5.84
CA PHE A 93 -14.68 -14.50 5.19
C PHE A 93 -14.71 -14.87 3.72
N LYS A 94 -13.93 -14.16 2.91
CA LYS A 94 -13.90 -14.41 1.46
C LYS A 94 -15.31 -14.41 0.90
N ARG A 95 -15.73 -13.26 0.36
CA ARG A 95 -17.06 -13.14 -0.21
C ARG A 95 -17.16 -13.93 -1.52
N PRO A 96 -18.35 -14.17 -1.99
CA PRO A 96 -18.60 -14.93 -3.24
C PRO A 96 -18.19 -14.14 -4.49
N THR A 97 -18.11 -14.85 -5.61
CA THR A 97 -17.73 -14.21 -6.87
C THR A 97 -16.21 -14.15 -6.99
N LEU A 98 -15.52 -14.53 -5.92
CA LEU A 98 -14.05 -14.49 -5.92
C LEU A 98 -13.55 -13.06 -5.83
N ARG A 99 -12.28 -12.91 -5.45
CA ARG A 99 -11.66 -11.59 -5.34
C ARG A 99 -10.82 -11.28 -6.56
N ARG A 100 -10.67 -9.99 -6.87
CA ARG A 100 -9.88 -9.58 -8.02
C ARG A 100 -8.64 -8.81 -7.57
N VAL A 101 -7.91 -8.27 -8.53
CA VAL A 101 -6.69 -7.51 -8.22
C VAL A 101 -5.66 -8.41 -7.57
N ARG A 102 -4.87 -9.07 -8.41
CA ARG A 102 -3.83 -9.97 -7.92
C ARG A 102 -2.53 -9.21 -7.66
N ILE A 103 -2.60 -7.90 -7.79
CA ILE A 103 -1.43 -7.06 -7.57
C ILE A 103 -0.77 -7.39 -6.23
N SER A 104 0.55 -7.53 -6.22
CA SER A 104 1.26 -7.83 -4.99
C SER A 104 1.69 -6.54 -4.30
N ALA A 105 1.16 -6.33 -3.11
CA ALA A 105 1.49 -5.13 -2.35
C ALA A 105 2.98 -5.11 -2.04
N ASP A 106 3.53 -6.27 -1.71
CA ASP A 106 4.95 -6.38 -1.41
C ASP A 106 5.78 -5.98 -2.63
N ALA A 107 5.31 -6.38 -3.82
CA ALA A 107 6.01 -6.05 -5.06
C ALA A 107 6.10 -4.55 -5.24
N MET A 108 5.01 -3.85 -4.94
CA MET A 108 4.98 -2.41 -5.05
C MET A 108 5.99 -1.75 -4.11
N MET A 109 6.09 -2.29 -2.90
CA MET A 109 7.03 -1.74 -1.92
C MET A 109 8.44 -1.83 -2.46
N GLN A 110 8.76 -2.95 -3.09
CA GLN A 110 10.10 -3.14 -3.64
C GLN A 110 10.40 -2.03 -4.66
N ALA A 111 9.42 -1.75 -5.52
CA ALA A 111 9.59 -0.70 -6.52
C ALA A 111 9.75 0.66 -5.85
N LEU A 112 8.95 0.91 -4.83
CA LEU A 112 9.00 2.18 -4.11
C LEU A 112 10.33 2.34 -3.37
N LEU A 113 10.77 1.24 -2.73
CA LEU A 113 12.02 1.26 -1.99
C LEU A 113 13.20 1.42 -2.92
N GLY A 114 13.15 0.74 -4.07
CA GLY A 114 14.22 0.82 -5.04
C GLY A 114 15.55 0.38 -4.42
N ALA A 115 16.45 1.34 -4.24
CA ALA A 115 17.75 1.07 -3.66
C ALA A 115 18.75 0.68 -4.74
N ARG A 116 18.50 1.13 -5.96
CA ARG A 116 19.39 0.83 -7.07
C ARG A 116 19.56 -0.68 -7.25
N ALA A 117 18.44 -1.39 -7.34
CA ALA A 117 18.47 -2.84 -7.50
C ALA A 117 18.54 -3.54 -6.15
N LYS A 118 19.66 -3.38 -5.46
CA LYS A 118 19.83 -4.01 -4.16
C LYS A 118 18.89 -3.39 -3.14
N GLY A 119 17.63 -3.83 -3.17
CA GLY A 119 16.63 -3.32 -2.23
C GLY A 119 16.79 -4.00 -0.88
N HIS A 120 17.48 -3.33 0.04
CA HIS A 120 17.70 -3.88 1.37
C HIS A 120 18.60 -5.10 1.29
N HIS A 121 19.09 -5.56 2.45
CA HIS A 121 19.96 -6.71 2.50
C HIS A 121 19.22 -7.94 1.97
N HIS A 122 19.80 -8.58 0.96
CA HIS A 122 19.19 -9.76 0.37
C HIS A 122 19.04 -10.86 1.41
N HIS A 123 19.91 -10.85 2.41
CA HIS A 123 19.86 -11.86 3.46
C HIS A 123 18.52 -11.83 4.17
N HIS A 124 17.96 -10.62 4.30
CA HIS A 124 16.67 -10.45 4.96
C HIS A 124 15.58 -11.24 4.23
N HIS A 125 15.66 -11.25 2.90
CA HIS A 125 14.68 -11.97 2.09
C HIS A 125 13.35 -11.21 2.07
CA CA B . -8.72 8.22 3.86
CL1 WW6 C . -1.65 3.41 -3.01
C5 WW6 C . -2.72 2.07 -3.34
C6 WW6 C . -4.05 2.21 -2.95
C7 WW6 C . -4.95 1.19 -3.18
C8 WW6 C . -4.54 0.03 -3.79
C9 WW6 C . -3.22 -0.15 -4.20
C10 WW6 C . -2.30 0.87 -3.98
C4 WW6 C . -0.97 0.67 -4.41
C3 WW6 C . -0.59 -0.52 -5.02
C2 WW6 C . -1.51 -1.52 -5.23
C1 WW6 C . -2.83 -1.35 -4.83
S1 WW6 C . -3.98 -2.65 -5.11
O1 WW6 C . -3.34 -3.75 -5.95
O2 WW6 C . -5.19 -2.09 -5.87
N1 WW6 C . -4.48 -3.25 -3.67
C11 WW6 C . -3.37 -3.96 -2.99
C12 WW6 C . -3.84 -4.72 -1.76
C13 WW6 C . -5.02 -5.62 -2.12
C14 WW6 C . -4.53 -7.03 -2.41
C15 WW6 C . -5.38 -8.05 -1.66
N2 WW6 C . -4.68 -9.32 -1.50
H6 WW6 C . -4.39 3.12 -2.46
H7 WW6 C . -5.98 1.31 -2.86
H8 WW6 C . -5.26 -0.77 -3.97
H4 WW6 C . -0.22 1.45 -4.23
H3 WW6 C . 0.44 -0.67 -5.34
H21 WW6 C . -1.21 -2.45 -5.72
H17 WW6 C . -5.25 -3.87 -3.81
H11 WW6 C . -2.61 -3.23 -2.69
H8L WW6 C . -2.92 -4.67 -3.69
H12 WW6 C . -4.14 -4.00 -1.00
H8M WW6 C . -3.02 -5.32 -1.37
H13 WW6 C . -5.54 -5.21 -2.98
H8O WW6 C . -5.72 -5.63 -1.27
H14 WW6 C . -3.50 -7.13 -2.11
H8N WW6 C . -4.61 -7.22 -3.49
H15 WW6 C . -6.31 -8.20 -2.20
H8P WW6 C . -5.62 -7.63 -0.67
H23 WW6 C . -4.74 -9.62 -0.55
H22 WW6 C . -3.71 -9.20 -1.75
H24 WW6 C . -5.09 -10.00 -2.10
N MET A 1 -11.46 2.78 8.62
CA MET A 1 -10.45 1.69 8.73
C MET A 1 -10.92 0.66 9.74
N ASP A 2 -10.87 -0.61 9.34
CA ASP A 2 -11.28 -1.69 10.23
C ASP A 2 -10.35 -1.78 11.43
N ASP A 3 -10.90 -2.19 12.58
CA ASP A 3 -10.10 -2.31 13.78
C ASP A 3 -8.96 -3.30 13.57
N ILE A 4 -9.25 -4.35 12.81
CA ILE A 4 -8.24 -5.37 12.51
C ILE A 4 -7.03 -4.73 11.84
N TYR A 5 -7.28 -3.95 10.79
CA TYR A 5 -6.20 -3.29 10.07
C TYR A 5 -5.49 -2.29 10.98
N LYS A 6 -6.28 -1.60 11.81
CA LYS A 6 -5.72 -0.62 12.73
C LYS A 6 -4.75 -1.31 13.67
N ALA A 7 -5.17 -2.46 14.19
CA ALA A 7 -4.32 -3.22 15.10
C ALA A 7 -3.06 -3.68 14.38
N ALA A 8 -3.22 -4.08 13.12
CA ALA A 8 -2.08 -4.54 12.33
C ALA A 8 -1.00 -3.46 12.27
N VAL A 9 -1.43 -2.22 12.09
CA VAL A 9 -0.48 -1.12 12.04
C VAL A 9 0.26 -1.01 13.36
N GLU A 10 -0.48 -1.12 14.46
CA GLU A 10 0.12 -1.05 15.79
C GLU A 10 0.99 -2.26 16.06
N GLN A 11 0.64 -3.39 15.45
CA GLN A 11 1.40 -4.61 15.63
C GLN A 11 2.79 -4.48 15.01
N LEU A 12 2.87 -3.79 13.87
CA LEU A 12 4.14 -3.61 13.19
C LEU A 12 5.16 -3.03 14.16
N THR A 13 6.34 -3.66 14.22
CA THR A 13 7.40 -3.20 15.10
C THR A 13 7.92 -1.84 14.63
N GLU A 14 8.90 -1.31 15.34
CA GLU A 14 9.47 -0.01 14.99
C GLU A 14 10.02 -0.05 13.57
N GLU A 15 10.78 -1.09 13.24
CA GLU A 15 11.34 -1.22 11.90
C GLU A 15 10.24 -1.32 10.85
N GLN A 16 9.22 -2.14 11.12
CA GLN A 16 8.13 -2.31 10.18
C GLN A 16 7.37 -1.01 9.99
N LYS A 17 7.12 -0.31 11.10
CA LYS A 17 6.42 0.97 11.04
C LYS A 17 7.27 1.99 10.30
N ASN A 18 8.57 2.01 10.61
CA ASN A 18 9.49 2.95 9.96
C ASN A 18 9.57 2.67 8.47
N GLU A 19 9.63 1.40 8.10
CA GLU A 19 9.72 1.03 6.69
C GLU A 19 8.49 1.51 5.93
N PHE A 20 7.32 1.28 6.50
CA PHE A 20 6.09 1.71 5.88
C PHE A 20 6.03 3.23 5.82
N LYS A 21 6.50 3.87 6.86
CA LYS A 21 6.49 5.32 6.92
C LYS A 21 7.31 5.89 5.77
N ALA A 22 8.47 5.30 5.53
CA ALA A 22 9.34 5.76 4.45
C ALA A 22 8.60 5.68 3.12
N ALA A 23 7.88 4.59 2.92
CA ALA A 23 7.13 4.40 1.69
C ALA A 23 6.05 5.48 1.57
N PHE A 24 5.42 5.80 2.69
CA PHE A 24 4.39 6.83 2.72
C PHE A 24 4.93 8.15 2.20
N ASP A 25 6.08 8.55 2.73
CA ASP A 25 6.70 9.81 2.33
C ASP A 25 6.99 9.79 0.83
N ILE A 26 7.54 8.69 0.36
CA ILE A 26 7.86 8.54 -1.06
C ILE A 26 6.59 8.43 -1.89
N PHE A 27 5.61 7.71 -1.37
CA PHE A 27 4.35 7.52 -2.07
C PHE A 27 3.64 8.86 -2.26
N VAL A 28 3.67 9.70 -1.22
CA VAL A 28 3.03 11.00 -1.28
C VAL A 28 4.03 12.07 -1.70
N LEU A 29 5.07 11.65 -2.43
CA LEU A 29 6.09 12.58 -2.89
C LEU A 29 5.46 13.70 -3.71
N GLY A 30 5.46 14.91 -3.16
CA GLY A 30 4.88 16.05 -3.85
C GLY A 30 3.40 16.23 -3.50
N ALA A 31 2.87 15.28 -2.73
CA ALA A 31 1.47 15.35 -2.33
C ALA A 31 1.22 16.57 -1.45
N GLU A 32 0.27 17.40 -1.87
CA GLU A 32 -0.06 18.60 -1.10
C GLU A 32 -0.64 18.22 0.26
N ASP A 33 -1.51 17.22 0.26
CA ASP A 33 -2.13 16.77 1.50
C ASP A 33 -1.23 15.79 2.24
N GLY A 34 -0.18 15.32 1.55
CA GLY A 34 0.75 14.39 2.14
C GLY A 34 0.22 12.96 2.06
N SER A 35 -0.95 12.81 1.45
CA SER A 35 -1.57 11.49 1.32
C SER A 35 -1.44 10.99 -0.12
N ILE A 36 -1.60 9.68 -0.29
CA ILE A 36 -1.50 9.08 -1.62
C ILE A 36 -2.84 9.09 -2.34
N SER A 37 -2.85 9.67 -3.54
CA SER A 37 -4.08 9.73 -4.33
C SER A 37 -3.86 9.13 -5.70
N THR A 38 -4.80 9.35 -6.61
CA THR A 38 -4.67 8.82 -7.95
C THR A 38 -3.41 9.35 -8.64
N LYS A 39 -3.15 10.64 -8.48
CA LYS A 39 -1.96 11.23 -9.10
C LYS A 39 -0.70 10.58 -8.56
N GLU A 40 -0.61 10.50 -7.23
CA GLU A 40 0.53 9.87 -6.58
C GLU A 40 0.54 8.37 -6.86
N LEU A 41 -0.64 7.77 -6.88
CA LEU A 41 -0.78 6.35 -7.13
C LEU A 41 -0.26 6.01 -8.51
N GLY A 42 -0.65 6.82 -9.49
CA GLY A 42 -0.22 6.59 -10.86
C GLY A 42 1.30 6.64 -10.96
N LYS A 43 1.90 7.59 -10.25
CA LYS A 43 3.36 7.71 -10.26
C LYS A 43 4.00 6.42 -9.73
N VAL A 44 3.51 5.95 -8.59
CA VAL A 44 4.03 4.72 -8.00
C VAL A 44 3.68 3.52 -8.86
N MET A 45 2.46 3.50 -9.37
CA MET A 45 2.01 2.40 -10.21
C MET A 45 2.90 2.28 -11.44
N ARG A 46 3.24 3.41 -12.04
CA ARG A 46 4.09 3.42 -13.22
C ARG A 46 5.46 2.85 -12.86
N MET A 47 5.92 3.17 -11.66
CA MET A 47 7.21 2.68 -11.19
C MET A 47 7.23 1.16 -11.19
N LEU A 48 6.11 0.57 -10.80
CA LEU A 48 6.00 -0.89 -10.74
C LEU A 48 5.66 -1.44 -12.12
N GLY A 49 5.62 -0.57 -13.13
CA GLY A 49 5.28 -0.97 -14.48
C GLY A 49 3.78 -0.96 -14.71
N GLN A 50 3.04 -0.40 -13.76
CA GLN A 50 1.59 -0.33 -13.86
C GLN A 50 1.16 1.02 -14.42
N ASN A 51 0.12 1.01 -15.24
CA ASN A 51 -0.39 2.24 -15.83
C ASN A 51 -1.90 2.33 -15.66
N PRO A 52 -2.37 2.29 -14.44
CA PRO A 52 -3.82 2.38 -14.13
C PRO A 52 -4.41 3.75 -14.49
N THR A 53 -5.69 3.76 -14.86
CA THR A 53 -6.36 5.00 -15.23
C THR A 53 -6.81 5.76 -13.98
N PRO A 54 -7.07 7.02 -14.13
CA PRO A 54 -7.51 7.87 -12.99
C PRO A 54 -8.74 7.30 -12.28
N GLU A 55 -9.70 6.83 -13.07
CA GLU A 55 -10.91 6.25 -12.51
C GLU A 55 -10.57 5.01 -11.67
N GLU A 56 -9.71 4.16 -12.24
CA GLU A 56 -9.30 2.94 -11.54
C GLU A 56 -8.44 3.30 -10.33
N LEU A 57 -7.67 4.37 -10.46
CA LEU A 57 -6.79 4.80 -9.39
C LEU A 57 -7.63 5.17 -8.16
N GLN A 58 -8.74 5.86 -8.39
CA GLN A 58 -9.62 6.26 -7.30
C GLN A 58 -10.25 5.04 -6.64
N GLU A 59 -10.66 4.07 -7.45
CA GLU A 59 -11.27 2.86 -6.92
C GLU A 59 -10.27 2.09 -6.08
N MET A 60 -9.02 2.05 -6.52
CA MET A 60 -7.98 1.35 -5.78
C MET A 60 -7.82 1.94 -4.38
N ILE A 61 -7.75 3.27 -4.32
CA ILE A 61 -7.61 3.95 -3.03
C ILE A 61 -8.82 3.65 -2.15
N ASP A 62 -9.96 3.43 -2.79
CA ASP A 62 -11.19 3.13 -2.06
C ASP A 62 -11.08 1.81 -1.33
N GLU A 63 -10.16 0.96 -1.80
CA GLU A 63 -9.97 -0.35 -1.19
C GLU A 63 -9.58 -0.22 0.29
N VAL A 64 -8.69 0.73 0.57
CA VAL A 64 -8.24 0.94 1.94
C VAL A 64 -8.84 2.23 2.49
N ASP A 65 -9.56 2.96 1.64
CA ASP A 65 -10.18 4.21 2.05
C ASP A 65 -11.59 3.96 2.56
N GLU A 66 -11.69 3.46 3.79
CA GLU A 66 -12.99 3.18 4.39
C GLU A 66 -13.78 4.46 4.61
N ASP A 67 -13.11 5.52 5.03
CA ASP A 67 -13.78 6.78 5.28
C ASP A 67 -14.13 7.47 3.97
N GLY A 68 -13.75 6.86 2.85
CA GLY A 68 -14.06 7.42 1.54
C GLY A 68 -13.30 8.73 1.31
N SER A 69 -12.20 8.90 2.01
CA SER A 69 -11.40 10.13 1.88
C SER A 69 -10.95 10.31 0.44
N GLY A 70 -10.92 9.21 -0.31
CA GLY A 70 -10.50 9.27 -1.71
C GLY A 70 -8.98 9.21 -1.84
N THR A 71 -8.30 9.16 -0.69
CA THR A 71 -6.84 9.10 -0.70
C THR A 71 -6.34 8.20 0.43
N VAL A 72 -5.07 7.81 0.35
CA VAL A 72 -4.47 6.97 1.38
C VAL A 72 -3.50 7.78 2.23
N ASP A 73 -3.77 7.83 3.53
CA ASP A 73 -2.92 8.58 4.45
C ASP A 73 -1.87 7.65 5.06
N PHE A 74 -1.21 8.11 6.13
CA PHE A 74 -0.20 7.30 6.79
C PHE A 74 -0.79 5.98 7.29
N ASP A 75 -1.89 6.06 8.02
CA ASP A 75 -2.53 4.86 8.52
C ASP A 75 -3.18 4.07 7.38
N GLU A 76 -3.61 4.79 6.35
CA GLU A 76 -4.25 4.17 5.21
C GLU A 76 -3.25 3.41 4.35
N PHE A 77 -2.09 4.02 4.08
CA PHE A 77 -1.08 3.37 3.27
C PHE A 77 -0.55 2.13 3.99
N LEU A 78 -0.49 2.22 5.32
CA LEU A 78 -0.02 1.09 6.13
C LEU A 78 -0.98 -0.08 6.00
N VAL A 79 -2.27 0.22 6.00
CA VAL A 79 -3.29 -0.82 5.88
C VAL A 79 -3.16 -1.54 4.54
N MET A 80 -2.90 -0.80 3.48
CA MET A 80 -2.76 -1.39 2.15
C MET A 80 -1.85 -2.61 2.21
N MET A 81 -0.69 -2.46 2.83
CA MET A 81 0.26 -3.57 2.94
C MET A 81 -0.31 -4.65 3.83
N VAL A 82 -0.95 -4.23 4.93
CA VAL A 82 -1.56 -5.17 5.86
C VAL A 82 -2.68 -5.94 5.20
N ARG A 83 -3.47 -5.25 4.37
CA ARG A 83 -4.59 -5.87 3.68
C ARG A 83 -4.10 -7.04 2.83
N SER A 84 -3.01 -6.82 2.10
CA SER A 84 -2.46 -7.88 1.25
C SER A 84 -2.04 -9.07 2.10
N MET A 85 -1.37 -8.80 3.21
CA MET A 85 -0.90 -9.87 4.10
C MET A 85 -2.08 -10.59 4.74
N LYS A 86 -3.02 -9.81 5.27
CA LYS A 86 -4.20 -10.38 5.92
C LYS A 86 -5.10 -11.08 4.89
N ASP A 87 -5.30 -10.43 3.75
CA ASP A 87 -6.14 -10.98 2.71
C ASP A 87 -7.58 -11.14 3.20
N ASP A 88 -8.24 -10.00 3.46
CA ASP A 88 -9.61 -10.02 3.95
C ASP A 88 -10.49 -10.89 3.05
N SER A 89 -10.06 -11.05 1.80
CA SER A 89 -10.83 -11.86 0.85
C SER A 89 -10.96 -13.29 1.36
N LYS A 90 -9.87 -13.84 1.88
CA LYS A 90 -9.87 -15.20 2.40
C LYS A 90 -9.99 -16.21 1.25
N GLY A 91 -10.80 -15.88 0.25
CA GLY A 91 -10.98 -16.77 -0.89
C GLY A 91 -12.07 -17.79 -0.61
N LYS A 92 -12.75 -17.64 0.53
CA LYS A 92 -13.81 -18.57 0.90
C LYS A 92 -14.92 -18.55 -0.15
N PHE A 93 -14.91 -19.55 -1.02
CA PHE A 93 -15.91 -19.65 -2.07
C PHE A 93 -16.55 -18.30 -2.35
N LYS A 94 -15.71 -17.30 -2.59
CA LYS A 94 -16.19 -15.95 -2.87
C LYS A 94 -16.54 -15.79 -4.35
N ARG A 95 -17.02 -14.60 -4.71
CA ARG A 95 -17.38 -14.32 -6.09
C ARG A 95 -16.19 -14.56 -7.01
N PRO A 96 -16.43 -14.52 -8.28
CA PRO A 96 -15.36 -14.76 -9.31
C PRO A 96 -14.17 -13.82 -9.11
N THR A 97 -12.98 -14.40 -9.00
CA THR A 97 -11.78 -13.61 -8.80
C THR A 97 -11.09 -13.34 -10.13
N LEU A 98 -10.89 -14.40 -10.92
CA LEU A 98 -10.23 -14.27 -12.21
C LEU A 98 -8.93 -13.48 -12.07
N ARG A 99 -9.04 -12.16 -12.04
CA ARG A 99 -7.87 -11.30 -11.90
C ARG A 99 -8.16 -10.17 -10.92
N ARG A 100 -8.89 -10.47 -9.86
CA ARG A 100 -9.23 -9.46 -8.87
C ARG A 100 -8.09 -8.45 -8.72
N VAL A 101 -7.04 -8.85 -8.01
CA VAL A 101 -5.89 -7.98 -7.83
C VAL A 101 -4.60 -8.77 -8.02
N ARG A 102 -3.93 -8.54 -9.14
CA ARG A 102 -2.69 -9.24 -9.44
C ARG A 102 -1.49 -8.44 -8.93
N ILE A 103 -1.77 -7.41 -8.16
CA ILE A 103 -0.71 -6.57 -7.61
C ILE A 103 -0.36 -6.98 -6.18
N SER A 104 0.93 -7.20 -5.93
CA SER A 104 1.37 -7.59 -4.60
C SER A 104 1.93 -6.38 -3.87
N ALA A 105 1.35 -6.07 -2.72
CA ALA A 105 1.80 -4.92 -1.95
C ALA A 105 3.28 -5.08 -1.58
N ASP A 106 3.67 -6.32 -1.29
CA ASP A 106 5.06 -6.59 -0.93
C ASP A 106 5.98 -6.15 -2.07
N ALA A 107 5.54 -6.41 -3.30
CA ALA A 107 6.32 -6.04 -4.48
C ALA A 107 6.48 -4.53 -4.54
N MET A 108 5.41 -3.82 -4.19
CA MET A 108 5.43 -2.36 -4.19
C MET A 108 6.52 -1.84 -3.27
N MET A 109 6.71 -2.50 -2.14
CA MET A 109 7.72 -2.07 -1.19
C MET A 109 9.09 -2.06 -1.84
N GLN A 110 9.36 -3.07 -2.65
CA GLN A 110 10.64 -3.14 -3.35
C GLN A 110 10.79 -1.96 -4.31
N ALA A 111 9.71 -1.64 -5.01
CA ALA A 111 9.73 -0.52 -5.94
C ALA A 111 9.89 0.81 -5.19
N LEU A 112 9.16 0.94 -4.08
CA LEU A 112 9.22 2.16 -3.30
C LEU A 112 10.57 2.28 -2.58
N LEU A 113 11.03 1.17 -2.01
CA LEU A 113 12.31 1.17 -1.30
C LEU A 113 13.47 1.22 -2.28
N GLY A 114 13.40 0.40 -3.32
CA GLY A 114 14.45 0.37 -4.34
C GLY A 114 15.81 0.72 -3.72
N ALA A 115 16.20 0.00 -2.68
CA ALA A 115 17.47 0.25 -2.03
C ALA A 115 17.88 -0.94 -1.17
N ARG A 116 18.77 -1.77 -1.70
CA ARG A 116 19.24 -2.95 -0.97
C ARG A 116 18.11 -3.56 -0.15
N ALA A 117 18.47 -4.49 0.73
CA ALA A 117 17.47 -5.15 1.57
C ALA A 117 16.20 -5.44 0.77
N LYS A 118 16.33 -6.29 -0.25
CA LYS A 118 15.19 -6.62 -1.09
C LYS A 118 14.32 -7.70 -0.43
N GLY A 119 14.91 -8.87 -0.22
CA GLY A 119 14.19 -9.97 0.41
C GLY A 119 14.66 -10.21 1.84
N HIS A 120 13.98 -11.09 2.56
CA HIS A 120 14.35 -11.39 3.94
C HIS A 120 15.26 -12.61 3.99
N HIS A 121 14.90 -13.65 3.25
CA HIS A 121 15.69 -14.87 3.22
C HIS A 121 16.83 -14.73 2.21
N HIS A 122 17.95 -15.39 2.50
CA HIS A 122 19.11 -15.31 1.61
C HIS A 122 20.03 -16.51 1.86
N HIS A 123 20.99 -16.70 0.96
CA HIS A 123 21.93 -17.80 1.09
C HIS A 123 22.70 -17.69 2.40
N HIS A 124 22.56 -18.71 3.26
CA HIS A 124 23.24 -18.71 4.55
C HIS A 124 24.47 -19.61 4.48
N HIS A 125 24.32 -20.76 3.81
CA HIS A 125 25.44 -21.70 3.69
C HIS A 125 26.18 -21.83 5.02
CA CA B . -8.99 6.86 3.03
CL1 WW6 C . -2.10 3.74 -3.03
C5 WW6 C . -2.95 2.24 -3.34
C6 WW6 C . -4.31 2.22 -3.09
C7 WW6 C . -5.05 1.08 -3.31
C8 WW6 C . -4.44 -0.06 -3.79
C9 WW6 C . -3.07 -0.09 -4.05
C10 WW6 C . -2.31 1.06 -3.83
C4 WW6 C . -0.93 1.02 -4.12
C3 WW6 C . -0.35 -0.15 -4.60
C2 WW6 C . -1.10 -1.28 -4.81
C1 WW6 C . -2.47 -1.26 -4.55
S1 WW6 C . -3.41 -2.72 -4.83
O1 WW6 C . -2.49 -3.86 -5.30
O2 WW6 C . -4.45 -2.46 -5.92
N1 WW6 C . -4.16 -3.16 -3.45
C11 WW6 C . -3.21 -3.75 -2.49
C12 WW6 C . -3.90 -4.14 -1.19
C13 WW6 C . -4.96 -5.21 -1.48
C14 WW6 C . -4.39 -6.59 -1.10
C15 WW6 C . -4.33 -7.48 -2.35
N2 WW6 C . -5.46 -8.43 -2.37
H6 WW6 C . -4.81 3.11 -2.70
H7 WW6 C . -6.11 1.08 -3.11
H8 WW6 C . -5.03 -0.97 -3.96
H4 WW6 C . -0.30 1.90 -3.95
H3 WW6 C . 0.72 -0.18 -4.81
H21 WW6 C . -0.64 -2.19 -5.20
H17 WW6 C . -4.90 -3.80 -3.65
H11 WW6 C . -2.43 -3.03 -2.28
H8L WW6 C . -2.76 -4.64 -2.95
H12 WW6 C . -4.38 -3.27 -0.76
H8M WW6 C . -3.15 -4.53 -0.50
H13 WW6 C . -5.21 -5.20 -2.53
H8O WW6 C . -5.84 -5.01 -0.88
H14 WW6 C . -5.02 -7.05 -0.36
H8N WW6 C . -3.39 -6.47 -0.69
H15 WW6 C . -3.39 -8.03 -2.36
H8P WW6 C . -4.38 -6.85 -3.24
H23 WW6 C . -5.26 -9.18 -3.02
H22 WW6 C . -6.29 -7.95 -2.65
H24 WW6 C . -5.58 -8.81 -1.45
N MET A 1 -11.24 -0.17 6.06
CA MET A 1 -10.19 -0.31 7.09
C MET A 1 -10.75 -1.04 8.30
N ASP A 2 -10.94 -2.35 8.15
CA ASP A 2 -11.48 -3.15 9.24
C ASP A 2 -10.61 -2.99 10.48
N ASP A 3 -11.21 -3.24 11.64
CA ASP A 3 -10.49 -3.10 12.91
C ASP A 3 -9.21 -3.91 12.87
N ILE A 4 -9.25 -5.04 12.19
CA ILE A 4 -8.08 -5.89 12.05
C ILE A 4 -6.94 -5.12 11.41
N TYR A 5 -7.25 -4.38 10.35
CA TYR A 5 -6.24 -3.61 9.64
C TYR A 5 -5.64 -2.54 10.57
N LYS A 6 -6.50 -1.88 11.33
CA LYS A 6 -6.04 -0.86 12.26
C LYS A 6 -5.13 -1.48 13.31
N ALA A 7 -5.52 -2.64 13.83
CA ALA A 7 -4.73 -3.34 14.83
C ALA A 7 -3.38 -3.76 14.24
N ALA A 8 -3.41 -4.20 12.98
CA ALA A 8 -2.19 -4.64 12.31
C ALA A 8 -1.17 -3.51 12.27
N VAL A 9 -1.64 -2.32 11.94
CA VAL A 9 -0.75 -1.16 11.86
C VAL A 9 -0.13 -0.88 13.23
N GLU A 10 -0.95 -0.94 14.27
CA GLU A 10 -0.48 -0.68 15.62
C GLU A 10 0.45 -1.80 16.09
N GLN A 11 0.20 -3.01 15.61
CA GLN A 11 1.01 -4.17 15.97
C GLN A 11 2.43 -4.03 15.46
N LEU A 12 2.57 -3.44 14.27
CA LEU A 12 3.89 -3.27 13.67
C LEU A 12 4.83 -2.59 14.65
N THR A 13 6.09 -3.02 14.63
CA THR A 13 7.11 -2.45 15.51
C THR A 13 7.67 -1.16 14.94
N GLU A 14 8.61 -0.56 15.64
CA GLU A 14 9.21 0.68 15.18
C GLU A 14 9.88 0.48 13.83
N GLU A 15 10.60 -0.63 13.69
CA GLU A 15 11.28 -0.92 12.42
C GLU A 15 10.26 -1.10 11.29
N GLN A 16 9.20 -1.86 11.55
CA GLN A 16 8.17 -2.09 10.55
C GLN A 16 7.44 -0.79 10.24
N LYS A 17 7.11 -0.04 11.28
CA LYS A 17 6.41 1.23 11.10
C LYS A 17 7.30 2.21 10.34
N ASN A 18 8.59 2.21 10.67
CA ASN A 18 9.54 3.10 10.02
C ASN A 18 9.64 2.76 8.54
N GLU A 19 9.73 1.46 8.24
CA GLU A 19 9.83 1.01 6.85
C GLU A 19 8.58 1.41 6.07
N PHE A 20 7.42 1.15 6.66
CA PHE A 20 6.16 1.48 6.01
C PHE A 20 6.04 2.98 5.85
N LYS A 21 6.42 3.72 6.87
CA LYS A 21 6.34 5.16 6.83
C LYS A 21 7.22 5.72 5.71
N ALA A 22 8.38 5.09 5.52
CA ALA A 22 9.31 5.53 4.48
C ALA A 22 8.62 5.45 3.13
N ALA A 23 7.87 4.38 2.91
CA ALA A 23 7.14 4.22 1.65
C ALA A 23 6.10 5.33 1.51
N PHE A 24 5.48 5.70 2.63
CA PHE A 24 4.48 6.76 2.64
C PHE A 24 5.07 8.06 2.09
N ASP A 25 6.24 8.43 2.59
CA ASP A 25 6.90 9.65 2.15
C ASP A 25 7.18 9.58 0.65
N ILE A 26 7.70 8.44 0.20
CA ILE A 26 8.00 8.25 -1.22
C ILE A 26 6.71 8.18 -2.03
N PHE A 27 5.71 7.50 -1.48
CA PHE A 27 4.43 7.36 -2.16
C PHE A 27 3.76 8.72 -2.35
N VAL A 28 3.88 9.58 -1.33
CA VAL A 28 3.29 10.91 -1.41
C VAL A 28 4.34 11.93 -1.79
N LEU A 29 5.36 11.50 -2.54
CA LEU A 29 6.42 12.39 -2.97
C LEU A 29 5.84 13.54 -3.79
N GLY A 30 5.94 14.75 -3.25
CA GLY A 30 5.42 15.93 -3.94
C GLY A 30 3.91 16.10 -3.69
N ALA A 31 3.35 15.20 -2.90
CA ALA A 31 1.92 15.26 -2.60
C ALA A 31 1.59 16.55 -1.84
N GLU A 32 0.55 17.24 -2.28
CA GLU A 32 0.14 18.48 -1.64
C GLU A 32 -0.36 18.22 -0.23
N ASP A 33 -1.14 17.15 -0.07
CA ASP A 33 -1.69 16.81 1.23
C ASP A 33 -0.77 15.84 1.97
N GLY A 34 0.19 15.28 1.23
CA GLY A 34 1.13 14.33 1.82
C GLY A 34 0.56 12.92 1.81
N SER A 35 -0.70 12.80 1.40
CA SER A 35 -1.35 11.49 1.36
C SER A 35 -1.32 10.93 -0.06
N ILE A 36 -1.42 9.61 -0.18
CA ILE A 36 -1.38 8.96 -1.48
C ILE A 36 -2.73 9.07 -2.18
N SER A 37 -2.71 9.54 -3.42
CA SER A 37 -3.94 9.71 -4.19
C SER A 37 -3.77 9.11 -5.58
N THR A 38 -4.74 9.36 -6.46
CA THR A 38 -4.67 8.83 -7.80
C THR A 38 -3.48 9.43 -8.56
N LYS A 39 -3.24 10.72 -8.36
CA LYS A 39 -2.13 11.38 -9.03
C LYS A 39 -0.80 10.77 -8.58
N GLU A 40 -0.64 10.59 -7.28
CA GLU A 40 0.58 10.01 -6.73
C GLU A 40 0.59 8.49 -6.97
N LEU A 41 -0.60 7.90 -6.93
CA LEU A 41 -0.72 6.45 -7.13
C LEU A 41 -0.19 6.07 -8.50
N GLY A 42 -0.54 6.85 -9.50
CA GLY A 42 -0.09 6.58 -10.86
C GLY A 42 1.43 6.58 -10.93
N LYS A 43 2.06 7.50 -10.19
CA LYS A 43 3.51 7.58 -10.18
C LYS A 43 4.12 6.25 -9.71
N VAL A 44 3.66 5.77 -8.56
CA VAL A 44 4.16 4.52 -8.04
C VAL A 44 3.75 3.36 -8.94
N MET A 45 2.51 3.37 -9.38
CA MET A 45 2.00 2.32 -10.25
C MET A 45 2.82 2.25 -11.54
N ARG A 46 3.17 3.41 -12.07
CA ARG A 46 3.96 3.48 -13.30
C ARG A 46 5.30 2.81 -13.07
N MET A 47 5.86 3.01 -11.89
CA MET A 47 7.15 2.40 -11.55
C MET A 47 7.04 0.89 -11.59
N LEU A 48 5.90 0.37 -11.14
CA LEU A 48 5.69 -1.08 -11.11
C LEU A 48 5.25 -1.58 -12.48
N GLY A 49 5.15 -0.65 -13.43
CA GLY A 49 4.73 -1.00 -14.79
C GLY A 49 3.22 -0.88 -14.94
N GLN A 50 2.56 -0.41 -13.89
CA GLN A 50 1.11 -0.25 -13.93
C GLN A 50 0.75 1.18 -14.34
N ASN A 51 -0.30 1.30 -15.15
CA ASN A 51 -0.73 2.61 -15.62
C ASN A 51 -2.25 2.73 -15.52
N PRO A 52 -2.77 2.56 -14.35
CA PRO A 52 -4.24 2.65 -14.09
C PRO A 52 -4.77 4.07 -14.29
N THR A 53 -6.04 4.16 -14.67
CA THR A 53 -6.67 5.46 -14.89
C THR A 53 -7.15 6.07 -13.58
N PRO A 54 -7.47 7.33 -13.58
CA PRO A 54 -7.94 8.04 -12.36
C PRO A 54 -9.13 7.33 -11.71
N GLU A 55 -10.07 6.87 -12.54
CA GLU A 55 -11.24 6.16 -12.03
C GLU A 55 -10.80 4.89 -11.30
N GLU A 56 -9.86 4.17 -11.89
CA GLU A 56 -9.37 2.95 -11.27
C GLU A 56 -8.53 3.31 -10.04
N LEU A 57 -7.78 4.41 -10.15
CA LEU A 57 -6.92 4.85 -9.06
C LEU A 57 -7.75 5.19 -7.83
N GLN A 58 -8.88 5.86 -8.04
CA GLN A 58 -9.75 6.24 -6.94
C GLN A 58 -10.36 4.99 -6.30
N GLU A 59 -10.73 4.02 -7.13
CA GLU A 59 -11.31 2.79 -6.63
C GLU A 59 -10.30 2.02 -5.79
N MET A 60 -9.06 1.97 -6.26
CA MET A 60 -8.02 1.27 -5.55
C MET A 60 -7.83 1.87 -4.15
N ILE A 61 -7.79 3.20 -4.09
CA ILE A 61 -7.63 3.88 -2.82
C ILE A 61 -8.86 3.63 -1.94
N ASP A 62 -10.01 3.46 -2.58
CA ASP A 62 -11.25 3.22 -1.86
C ASP A 62 -11.17 1.92 -1.09
N GLU A 63 -10.38 0.99 -1.59
CA GLU A 63 -10.23 -0.31 -0.94
C GLU A 63 -9.71 -0.14 0.49
N VAL A 64 -8.75 0.74 0.67
CA VAL A 64 -8.20 1.00 1.99
C VAL A 64 -8.71 2.32 2.54
N ASP A 65 -9.42 3.07 1.70
CA ASP A 65 -9.96 4.36 2.11
C ASP A 65 -11.40 4.20 2.62
N GLU A 66 -11.55 4.00 3.92
CA GLU A 66 -12.86 3.84 4.52
C GLU A 66 -13.40 5.18 5.01
N ASP A 67 -12.50 6.14 5.22
CA ASP A 67 -12.91 7.44 5.70
C ASP A 67 -13.49 8.28 4.56
N GLY A 68 -13.50 7.71 3.36
CA GLY A 68 -14.04 8.40 2.20
C GLY A 68 -13.17 9.59 1.81
N SER A 69 -11.95 9.62 2.34
CA SER A 69 -11.03 10.71 2.05
C SER A 69 -10.66 10.72 0.57
N GLY A 70 -10.75 9.55 -0.06
CA GLY A 70 -10.42 9.43 -1.48
C GLY A 70 -8.92 9.26 -1.67
N THR A 71 -8.17 9.33 -0.58
CA THR A 71 -6.72 9.17 -0.63
C THR A 71 -6.23 8.32 0.54
N VAL A 72 -5.04 7.75 0.40
CA VAL A 72 -4.46 6.93 1.45
C VAL A 72 -3.44 7.74 2.26
N ASP A 73 -3.71 7.88 3.55
CA ASP A 73 -2.83 8.62 4.44
C ASP A 73 -1.80 7.68 5.07
N PHE A 74 -1.12 8.17 6.10
CA PHE A 74 -0.11 7.36 6.77
C PHE A 74 -0.68 6.04 7.26
N ASP A 75 -1.79 6.12 7.99
CA ASP A 75 -2.43 4.92 8.52
C ASP A 75 -3.05 4.10 7.38
N GLU A 76 -3.59 4.80 6.39
CA GLU A 76 -4.23 4.16 5.25
C GLU A 76 -3.22 3.38 4.42
N PHE A 77 -2.04 3.98 4.18
CA PHE A 77 -1.02 3.31 3.39
C PHE A 77 -0.52 2.08 4.13
N LEU A 78 -0.45 2.17 5.45
CA LEU A 78 0.02 1.06 6.27
C LEU A 78 -0.90 -0.14 6.10
N VAL A 79 -2.20 0.14 6.06
CA VAL A 79 -3.20 -0.91 5.88
C VAL A 79 -3.02 -1.57 4.53
N MET A 80 -2.77 -0.77 3.50
CA MET A 80 -2.59 -1.31 2.16
C MET A 80 -1.66 -2.51 2.19
N MET A 81 -0.51 -2.35 2.84
CA MET A 81 0.46 -3.43 2.93
C MET A 81 -0.13 -4.60 3.73
N VAL A 82 -0.72 -4.28 4.86
CA VAL A 82 -1.34 -5.29 5.71
C VAL A 82 -2.47 -5.99 4.98
N ARG A 83 -3.25 -5.21 4.22
CA ARG A 83 -4.36 -5.76 3.47
C ARG A 83 -3.87 -6.82 2.49
N SER A 84 -2.76 -6.54 1.82
CA SER A 84 -2.22 -7.49 0.86
C SER A 84 -1.82 -8.78 1.56
N MET A 85 -1.21 -8.66 2.74
CA MET A 85 -0.80 -9.82 3.51
C MET A 85 -2.03 -10.55 4.07
N LYS A 86 -2.99 -9.77 4.55
CA LYS A 86 -4.22 -10.34 5.11
C LYS A 86 -4.95 -11.16 4.07
N ASP A 87 -5.05 -10.63 2.86
CA ASP A 87 -5.73 -11.34 1.78
C ASP A 87 -5.05 -12.67 1.49
N ASP A 88 -3.74 -12.64 1.37
CA ASP A 88 -2.97 -13.86 1.09
C ASP A 88 -3.13 -14.84 2.24
N SER A 89 -3.14 -14.32 3.46
CA SER A 89 -3.28 -15.17 4.64
C SER A 89 -4.62 -15.89 4.62
N LYS A 90 -5.66 -15.18 4.20
CA LYS A 90 -7.00 -15.77 4.15
C LYS A 90 -7.01 -16.96 3.20
N GLY A 91 -7.18 -18.15 3.77
CA GLY A 91 -7.21 -19.37 2.97
C GLY A 91 -8.36 -19.35 1.98
N LYS A 92 -9.52 -18.85 2.42
CA LYS A 92 -10.69 -18.78 1.57
C LYS A 92 -11.17 -17.34 1.43
N PHE A 93 -11.43 -16.93 0.20
CA PHE A 93 -11.88 -15.58 -0.06
C PHE A 93 -12.90 -15.55 -1.20
N LYS A 94 -14.13 -15.16 -0.88
CA LYS A 94 -15.19 -15.11 -1.88
C LYS A 94 -16.05 -13.86 -1.69
N ARG A 95 -15.61 -12.75 -2.28
CA ARG A 95 -16.32 -11.49 -2.19
C ARG A 95 -16.26 -10.73 -3.51
N PRO A 96 -17.09 -9.74 -3.67
CA PRO A 96 -17.15 -8.90 -4.89
C PRO A 96 -15.86 -8.12 -5.10
N THR A 97 -15.94 -7.05 -5.89
CA THR A 97 -14.75 -6.23 -6.17
C THR A 97 -14.01 -6.74 -7.41
N LEU A 98 -12.92 -6.07 -7.74
CA LEU A 98 -12.12 -6.47 -8.90
C LEU A 98 -11.53 -7.87 -8.71
N ARG A 99 -11.04 -8.14 -7.49
CA ARG A 99 -10.45 -9.44 -7.19
C ARG A 99 -9.14 -9.63 -7.95
N ARG A 100 -8.40 -10.67 -7.60
CA ARG A 100 -7.13 -10.95 -8.25
C ARG A 100 -6.13 -9.84 -7.99
N VAL A 101 -6.23 -8.75 -8.75
CA VAL A 101 -5.34 -7.62 -8.58
C VAL A 101 -3.97 -7.89 -9.22
N ARG A 102 -3.58 -9.15 -9.22
CA ARG A 102 -2.30 -9.55 -9.80
C ARG A 102 -1.19 -8.60 -9.34
N ILE A 103 -1.48 -7.84 -8.29
CA ILE A 103 -0.51 -6.88 -7.76
C ILE A 103 -0.30 -7.08 -6.26
N SER A 104 0.96 -7.12 -5.83
CA SER A 104 1.26 -7.30 -4.42
C SER A 104 1.82 -6.01 -3.84
N ALA A 105 1.19 -5.51 -2.78
CA ALA A 105 1.62 -4.27 -2.16
C ALA A 105 3.06 -4.43 -1.65
N ASP A 106 3.38 -5.62 -1.15
CA ASP A 106 4.73 -5.88 -0.65
C ASP A 106 5.73 -5.67 -1.78
N ALA A 107 5.37 -6.10 -2.98
CA ALA A 107 6.24 -5.94 -4.13
C ALA A 107 6.43 -4.46 -4.43
N MET A 108 5.35 -3.70 -4.30
CA MET A 108 5.40 -2.26 -4.55
C MET A 108 6.35 -1.56 -3.57
N MET A 109 6.20 -1.88 -2.29
CA MET A 109 7.03 -1.27 -1.26
C MET A 109 8.50 -1.40 -1.65
N GLN A 110 8.87 -2.59 -2.16
CA GLN A 110 10.24 -2.81 -2.58
C GLN A 110 10.63 -1.85 -3.69
N ALA A 111 9.71 -1.67 -4.64
CA ALA A 111 9.96 -0.77 -5.76
C ALA A 111 10.11 0.66 -5.25
N LEU A 112 9.29 1.03 -4.26
CA LEU A 112 9.33 2.37 -3.72
C LEU A 112 10.69 2.65 -3.08
N LEU A 113 11.20 1.68 -2.32
CA LEU A 113 12.50 1.83 -1.67
C LEU A 113 13.62 1.73 -2.70
N GLY A 114 13.47 0.81 -3.65
CA GLY A 114 14.49 0.62 -4.67
C GLY A 114 14.52 -0.83 -5.14
N ALA A 115 15.58 -1.18 -5.88
CA ALA A 115 15.74 -2.54 -6.37
C ALA A 115 16.03 -3.51 -5.23
N ARG A 116 15.76 -4.79 -5.45
CA ARG A 116 16.00 -5.80 -4.43
C ARG A 116 17.31 -5.52 -3.71
N ALA A 117 17.31 -5.75 -2.40
CA ALA A 117 18.50 -5.52 -1.59
C ALA A 117 19.50 -6.65 -1.79
N LYS A 118 20.77 -6.39 -1.48
CA LYS A 118 21.82 -7.39 -1.61
C LYS A 118 21.46 -8.65 -0.83
N GLY A 119 20.77 -8.47 0.30
CA GLY A 119 20.39 -9.60 1.13
C GLY A 119 19.72 -9.11 2.42
N HIS A 120 19.74 -9.96 3.42
CA HIS A 120 19.13 -9.64 4.71
C HIS A 120 20.07 -8.75 5.52
N HIS A 121 20.31 -7.54 5.02
CA HIS A 121 21.19 -6.60 5.70
C HIS A 121 20.53 -6.06 6.96
N HIS A 122 21.32 -5.92 8.02
CA HIS A 122 20.81 -5.41 9.29
C HIS A 122 19.36 -5.87 9.51
N HIS A 123 19.11 -7.14 9.23
CA HIS A 123 17.77 -7.69 9.38
C HIS A 123 17.41 -7.81 10.87
N HIS A 124 16.11 -7.90 11.15
CA HIS A 124 15.66 -8.02 12.53
C HIS A 124 16.08 -9.36 13.11
N HIS A 125 16.07 -9.46 14.45
CA HIS A 125 16.45 -10.69 15.13
C HIS A 125 17.01 -11.72 14.14
CA CA B . -8.26 7.47 3.88
CL1 WW6 C . -2.16 3.33 -2.65
C5 WW6 C . -2.99 1.91 -3.22
C6 WW6 C . -4.32 1.76 -2.83
C7 WW6 C . -5.03 0.66 -3.25
C8 WW6 C . -4.45 -0.30 -4.05
C9 WW6 C . -3.13 -0.18 -4.46
C10 WW6 C . -2.38 0.93 -4.05
C4 WW6 C . -1.04 1.03 -4.47
C3 WW6 C . -0.48 0.07 -5.29
C2 WW6 C . -1.22 -1.03 -5.69
C1 WW6 C . -2.53 -1.17 -5.29
S1 WW6 C . -3.43 -2.61 -5.83
O1 WW6 C . -2.95 -2.99 -7.24
O2 WW6 C . -4.94 -2.34 -5.92
N1 WW6 C . -3.14 -3.85 -4.80
C11 WW6 C . -3.74 -3.55 -3.47
C12 WW6 C . -3.33 -4.62 -2.47
C13 WW6 C . -4.56 -5.15 -1.75
C14 WW6 C . -4.99 -6.48 -2.38
C15 WW6 C . -5.79 -7.30 -1.38
N2 WW6 C . -7.23 -6.96 -1.45
H6 WW6 C . -4.79 2.50 -2.19
H7 WW6 C . -6.06 0.54 -2.93
H8 WW6 C . -5.03 -1.17 -4.37
H4 WW6 C . -0.45 1.90 -4.16
H3 WW6 C . 0.56 0.17 -5.60
H21 WW6 C . -0.76 -1.79 -6.32
H17 WW6 C . -2.16 -3.96 -4.70
H11 WW6 C . -4.82 -3.53 -3.56
H8L WW6 C . -3.37 -2.59 -3.13
H12 WW6 C . -2.63 -4.19 -1.74
H8M WW6 C . -2.83 -5.44 -2.99
H13 WW6 C . -5.37 -4.43 -1.84
H8O WW6 C . -4.33 -5.30 -0.69
H14 WW6 C . -4.11 -7.03 -2.69
H8N WW6 C . -5.60 -6.26 -3.26
H15 WW6 C . -5.42 -7.10 -0.37
H8P WW6 C . -5.67 -8.36 -1.61
H23 WW6 C . -7.75 -7.63 -0.92
H22 WW6 C . -7.52 -6.96 -2.40
H24 WW6 C . -7.37 -6.04 -1.06
N MET A 1 -11.21 -0.84 5.71
CA MET A 1 -10.35 -0.70 6.92
C MET A 1 -10.98 -1.48 8.07
N ASP A 2 -10.78 -2.79 8.07
CA ASP A 2 -11.34 -3.65 9.11
C ASP A 2 -10.70 -3.33 10.46
N ASP A 3 -11.37 -3.73 11.53
CA ASP A 3 -10.87 -3.46 12.87
C ASP A 3 -9.50 -4.11 13.07
N ILE A 4 -9.35 -5.30 12.52
CA ILE A 4 -8.08 -6.02 12.62
C ILE A 4 -6.97 -5.25 11.91
N TYR A 5 -7.30 -4.65 10.77
CA TYR A 5 -6.32 -3.89 10.01
C TYR A 5 -5.79 -2.74 10.85
N LYS A 6 -6.68 -2.07 11.58
CA LYS A 6 -6.26 -0.96 12.43
C LYS A 6 -5.32 -1.47 13.52
N ALA A 7 -5.66 -2.61 14.08
CA ALA A 7 -4.83 -3.23 15.11
C ALA A 7 -3.48 -3.63 14.55
N ALA A 8 -3.50 -4.14 13.31
CA ALA A 8 -2.28 -4.58 12.66
C ALA A 8 -1.30 -3.43 12.54
N VAL A 9 -1.81 -2.26 12.19
CA VAL A 9 -0.95 -1.09 12.05
C VAL A 9 -0.31 -0.76 13.40
N GLU A 10 -1.11 -0.78 14.46
CA GLU A 10 -0.62 -0.49 15.80
C GLU A 10 0.37 -1.56 16.26
N GLN A 11 0.12 -2.80 15.85
CA GLN A 11 0.98 -3.92 16.23
C GLN A 11 2.38 -3.76 15.63
N LEU A 12 2.44 -3.24 14.40
CA LEU A 12 3.73 -3.06 13.74
C LEU A 12 4.75 -2.48 14.71
N THR A 13 5.95 -3.05 14.70
CA THR A 13 7.02 -2.60 15.57
C THR A 13 7.63 -1.31 15.04
N GLU A 14 8.65 -0.81 15.73
CA GLU A 14 9.28 0.44 15.32
C GLU A 14 9.83 0.31 13.90
N GLU A 15 10.50 -0.79 13.61
CA GLU A 15 11.05 -0.99 12.28
C GLU A 15 9.95 -1.13 11.23
N GLN A 16 8.91 -1.89 11.56
CA GLN A 16 7.79 -2.09 10.65
C GLN A 16 7.07 -0.78 10.37
N LYS A 17 6.82 -0.01 11.42
CA LYS A 17 6.16 1.28 11.26
C LYS A 17 7.02 2.22 10.44
N ASN A 18 8.31 2.21 10.72
CA ASN A 18 9.25 3.08 10.00
C ASN A 18 9.27 2.71 8.52
N GLU A 19 9.31 1.42 8.23
CA GLU A 19 9.34 0.94 6.85
C GLU A 19 8.11 1.41 6.09
N PHE A 20 6.94 1.19 6.69
CA PHE A 20 5.70 1.59 6.06
C PHE A 20 5.64 3.10 5.91
N LYS A 21 6.09 3.82 6.93
CA LYS A 21 6.06 5.27 6.89
C LYS A 21 6.89 5.79 5.71
N ALA A 22 8.03 5.16 5.47
CA ALA A 22 8.89 5.57 4.38
C ALA A 22 8.16 5.42 3.04
N ALA A 23 7.43 4.32 2.89
CA ALA A 23 6.67 4.09 1.67
C ALA A 23 5.61 5.17 1.49
N PHE A 24 4.97 5.55 2.58
CA PHE A 24 3.95 6.58 2.55
C PHE A 24 4.51 7.89 2.00
N ASP A 25 5.66 8.30 2.51
CA ASP A 25 6.28 9.54 2.07
C ASP A 25 6.59 9.50 0.58
N ILE A 26 7.11 8.37 0.12
CA ILE A 26 7.46 8.20 -1.29
C ILE A 26 6.20 8.26 -2.16
N PHE A 27 5.15 7.58 -1.71
CA PHE A 27 3.89 7.57 -2.45
C PHE A 27 3.34 8.99 -2.58
N VAL A 28 3.44 9.76 -1.51
CA VAL A 28 2.94 11.13 -1.52
C VAL A 28 4.05 12.11 -1.90
N LEU A 29 5.00 11.63 -2.70
CA LEU A 29 6.09 12.49 -3.13
C LEU A 29 5.58 13.71 -3.86
N GLY A 30 5.77 14.88 -3.27
CA GLY A 30 5.30 16.12 -3.88
C GLY A 30 3.85 16.41 -3.50
N ALA A 31 3.27 15.52 -2.71
CA ALA A 31 1.87 15.70 -2.28
C ALA A 31 1.74 16.92 -1.37
N GLU A 32 0.81 17.80 -1.71
CA GLU A 32 0.58 19.00 -0.91
C GLU A 32 -0.02 18.64 0.45
N ASP A 33 -0.97 17.71 0.44
CA ASP A 33 -1.63 17.29 1.66
C ASP A 33 -0.84 16.15 2.32
N GLY A 34 0.11 15.58 1.59
CA GLY A 34 0.92 14.50 2.11
C GLY A 34 0.18 13.17 2.01
N SER A 35 -0.97 13.17 1.35
CA SER A 35 -1.76 11.96 1.18
C SER A 35 -1.44 11.30 -0.16
N ILE A 36 -1.88 10.06 -0.32
CA ILE A 36 -1.64 9.35 -1.57
C ILE A 36 -2.92 9.28 -2.39
N SER A 37 -2.93 9.97 -3.52
CA SER A 37 -4.11 10.01 -4.39
C SER A 37 -3.82 9.26 -5.69
N THR A 38 -4.74 9.36 -6.64
CA THR A 38 -4.57 8.69 -7.92
C THR A 38 -3.38 9.28 -8.69
N LYS A 39 -3.19 10.59 -8.59
CA LYS A 39 -2.09 11.23 -9.30
C LYS A 39 -0.76 10.69 -8.77
N GLU A 40 -0.62 10.67 -7.45
CA GLU A 40 0.59 10.13 -6.83
C GLU A 40 0.65 8.62 -7.00
N LEU A 41 -0.51 7.98 -6.87
CA LEU A 41 -0.61 6.53 -7.02
C LEU A 41 -0.18 6.10 -8.40
N GLY A 42 -0.68 6.82 -9.40
CA GLY A 42 -0.34 6.50 -10.78
C GLY A 42 1.16 6.61 -11.01
N LYS A 43 1.78 7.63 -10.40
CA LYS A 43 3.22 7.81 -10.54
C LYS A 43 3.96 6.57 -10.03
N VAL A 44 3.57 6.10 -8.84
CA VAL A 44 4.19 4.92 -8.27
C VAL A 44 3.89 3.69 -9.12
N MET A 45 2.65 3.59 -9.59
CA MET A 45 2.23 2.46 -10.40
C MET A 45 3.07 2.40 -11.68
N ARG A 46 3.36 3.57 -12.25
CA ARG A 46 4.15 3.64 -13.47
C ARG A 46 5.54 3.07 -13.22
N MET A 47 6.09 3.38 -12.04
CA MET A 47 7.41 2.87 -11.68
C MET A 47 7.41 1.35 -11.65
N LEU A 48 6.31 0.78 -11.18
CA LEU A 48 6.19 -0.67 -11.07
C LEU A 48 5.96 -1.28 -12.46
N GLY A 49 5.78 -0.42 -13.46
CA GLY A 49 5.54 -0.87 -14.82
C GLY A 49 4.05 -0.97 -15.12
N GLN A 50 3.22 -0.50 -14.18
CA GLN A 50 1.78 -0.54 -14.36
C GLN A 50 1.27 0.80 -14.87
N ASN A 51 0.04 0.81 -15.38
CA ASN A 51 -0.55 2.04 -15.89
C ASN A 51 -2.03 2.11 -15.53
N PRO A 52 -2.34 2.13 -14.26
CA PRO A 52 -3.75 2.22 -13.78
C PRO A 52 -4.40 3.56 -14.12
N THR A 53 -5.69 3.51 -14.41
CA THR A 53 -6.43 4.73 -14.75
C THR A 53 -6.92 5.43 -13.49
N PRO A 54 -7.31 6.66 -13.61
CA PRO A 54 -7.79 7.46 -12.45
C PRO A 54 -8.90 6.76 -11.68
N GLU A 55 -9.85 6.19 -12.43
CA GLU A 55 -10.96 5.49 -11.79
C GLU A 55 -10.45 4.32 -10.96
N GLU A 56 -9.54 3.54 -11.55
CA GLU A 56 -8.95 2.41 -10.86
C GLU A 56 -8.12 2.88 -9.67
N LEU A 57 -7.41 4.00 -9.87
CA LEU A 57 -6.56 4.55 -8.82
C LEU A 57 -7.40 4.93 -7.61
N GLN A 58 -8.56 5.53 -7.85
CA GLN A 58 -9.43 5.92 -6.75
C GLN A 58 -9.98 4.68 -6.03
N GLU A 59 -10.32 3.66 -6.81
CA GLU A 59 -10.84 2.43 -6.23
C GLU A 59 -9.81 1.79 -5.30
N MET A 60 -8.56 1.76 -5.77
CA MET A 60 -7.49 1.17 -4.96
C MET A 60 -7.32 1.95 -3.66
N ILE A 61 -7.42 3.28 -3.76
CA ILE A 61 -7.30 4.12 -2.58
C ILE A 61 -8.55 3.99 -1.71
N ASP A 62 -9.68 3.78 -2.35
CA ASP A 62 -10.95 3.65 -1.64
C ASP A 62 -10.94 2.40 -0.76
N GLU A 63 -10.26 1.36 -1.23
CA GLU A 63 -10.19 0.10 -0.49
C GLU A 63 -9.57 0.31 0.88
N VAL A 64 -8.55 1.16 0.92
CA VAL A 64 -7.86 1.46 2.18
C VAL A 64 -8.38 2.76 2.77
N ASP A 65 -9.26 3.43 2.05
CA ASP A 65 -9.83 4.69 2.52
C ASP A 65 -11.05 4.44 3.40
N GLU A 66 -10.86 4.53 4.72
CA GLU A 66 -11.94 4.30 5.65
C GLU A 66 -12.83 5.53 5.76
N ASP A 67 -12.23 6.71 5.80
CA ASP A 67 -13.01 7.94 5.94
C ASP A 67 -13.58 8.37 4.59
N GLY A 68 -13.26 7.61 3.54
CA GLY A 68 -13.77 7.92 2.22
C GLY A 68 -13.19 9.24 1.70
N SER A 69 -12.07 9.66 2.28
CA SER A 69 -11.44 10.91 1.88
C SER A 69 -10.98 10.86 0.44
N GLY A 70 -10.80 9.65 -0.07
CA GLY A 70 -10.35 9.46 -1.45
C GLY A 70 -8.83 9.41 -1.53
N THR A 71 -8.19 9.50 -0.37
CA THR A 71 -6.72 9.47 -0.31
C THR A 71 -6.26 8.51 0.78
N VAL A 72 -5.03 8.00 0.63
CA VAL A 72 -4.49 7.09 1.61
C VAL A 72 -3.48 7.81 2.51
N ASP A 73 -3.87 8.04 3.76
CA ASP A 73 -2.99 8.71 4.72
C ASP A 73 -2.02 7.72 5.33
N PHE A 74 -1.35 8.13 6.41
CA PHE A 74 -0.39 7.27 7.07
C PHE A 74 -1.04 5.96 7.54
N ASP A 75 -2.16 6.08 8.23
CA ASP A 75 -2.86 4.91 8.72
C ASP A 75 -3.48 4.12 7.56
N GLU A 76 -4.00 4.83 6.57
CA GLU A 76 -4.63 4.20 5.41
C GLU A 76 -3.62 3.42 4.59
N PHE A 77 -2.45 4.01 4.34
CA PHE A 77 -1.45 3.33 3.53
C PHE A 77 -0.92 2.12 4.29
N LEU A 78 -0.84 2.23 5.62
CA LEU A 78 -0.36 1.12 6.45
C LEU A 78 -1.28 -0.09 6.33
N VAL A 79 -2.58 0.17 6.36
CA VAL A 79 -3.58 -0.89 6.25
C VAL A 79 -3.47 -1.56 4.89
N MET A 80 -3.26 -0.77 3.84
CA MET A 80 -3.14 -1.31 2.50
C MET A 80 -2.02 -2.34 2.46
N MET A 81 -0.87 -2.01 3.05
CA MET A 81 0.25 -2.92 3.07
C MET A 81 -0.09 -4.17 3.89
N VAL A 82 -0.72 -3.94 5.02
CA VAL A 82 -1.13 -5.03 5.91
C VAL A 82 -2.17 -5.91 5.22
N ARG A 83 -3.07 -5.27 4.48
CA ARG A 83 -4.12 -6.00 3.77
C ARG A 83 -3.52 -7.04 2.84
N SER A 84 -2.49 -6.64 2.09
CA SER A 84 -1.83 -7.57 1.18
C SER A 84 -1.19 -8.71 1.95
N MET A 85 -0.61 -8.38 3.10
CA MET A 85 0.03 -9.40 3.94
C MET A 85 -1.00 -10.38 4.46
N LYS A 86 -2.15 -9.87 4.88
CA LYS A 86 -3.22 -10.70 5.39
C LYS A 86 -3.69 -11.69 4.34
N ASP A 87 -3.83 -11.22 3.10
CA ASP A 87 -4.29 -12.07 2.01
C ASP A 87 -3.28 -13.18 1.75
N ASP A 88 -3.52 -14.33 2.38
CA ASP A 88 -2.63 -15.48 2.23
C ASP A 88 -2.68 -16.02 0.81
N SER A 89 -3.65 -15.53 0.05
CA SER A 89 -3.79 -15.97 -1.33
C SER A 89 -2.53 -15.64 -2.12
N LYS A 90 -1.92 -14.50 -1.84
CA LYS A 90 -0.71 -14.09 -2.54
C LYS A 90 -0.80 -14.44 -4.02
N GLY A 91 0.19 -15.17 -4.53
CA GLY A 91 0.20 -15.57 -5.93
C GLY A 91 -0.65 -16.82 -6.16
N LYS A 92 -1.16 -17.39 -5.07
CA LYS A 92 -1.99 -18.58 -5.15
C LYS A 92 -3.29 -18.28 -5.88
N PHE A 93 -3.59 -16.99 -6.05
CA PHE A 93 -4.81 -16.59 -6.74
C PHE A 93 -5.10 -17.51 -7.92
N LYS A 94 -6.37 -17.59 -8.30
CA LYS A 94 -6.78 -18.42 -9.42
C LYS A 94 -7.13 -17.55 -10.63
N ARG A 95 -8.19 -17.93 -11.35
CA ARG A 95 -8.61 -17.18 -12.53
C ARG A 95 -9.36 -15.91 -12.10
N PRO A 96 -9.41 -14.94 -12.96
CA PRO A 96 -10.11 -13.65 -12.69
C PRO A 96 -11.62 -13.78 -12.81
N THR A 97 -12.35 -13.04 -11.97
CA THR A 97 -13.80 -13.08 -11.99
C THR A 97 -14.37 -11.69 -12.26
N LEU A 98 -13.82 -10.69 -11.58
CA LEU A 98 -14.27 -9.32 -11.73
C LEU A 98 -13.40 -8.36 -10.91
N ARG A 99 -13.50 -8.48 -9.59
CA ARG A 99 -12.72 -7.63 -8.70
C ARG A 99 -11.54 -8.40 -8.11
N ARG A 100 -11.04 -7.94 -6.97
CA ARG A 100 -9.91 -8.61 -6.33
C ARG A 100 -8.62 -8.36 -7.11
N VAL A 101 -8.06 -7.16 -6.97
CA VAL A 101 -6.83 -6.80 -7.66
C VAL A 101 -5.85 -7.97 -7.62
N ARG A 102 -5.09 -8.13 -8.70
CA ARG A 102 -4.11 -9.21 -8.78
C ARG A 102 -2.70 -8.68 -8.54
N ILE A 103 -2.60 -7.38 -8.33
CA ILE A 103 -1.31 -6.75 -8.09
C ILE A 103 -0.77 -7.13 -6.71
N SER A 104 0.56 -7.20 -6.58
CA SER A 104 1.16 -7.55 -5.32
C SER A 104 1.75 -6.32 -4.67
N ALA A 105 1.29 -6.03 -3.45
CA ALA A 105 1.78 -4.87 -2.72
C ALA A 105 3.28 -5.00 -2.47
N ASP A 106 3.72 -6.22 -2.19
CA ASP A 106 5.13 -6.47 -1.95
C ASP A 106 5.95 -6.08 -3.18
N ALA A 107 5.41 -6.37 -4.35
CA ALA A 107 6.10 -6.05 -5.60
C ALA A 107 6.30 -4.54 -5.70
N MET A 108 5.28 -3.79 -5.31
CA MET A 108 5.36 -2.33 -5.33
C MET A 108 6.45 -1.84 -4.38
N MET A 109 6.54 -2.46 -3.21
CA MET A 109 7.53 -2.07 -2.21
C MET A 109 8.93 -2.21 -2.78
N GLN A 110 9.16 -3.30 -3.50
CA GLN A 110 10.47 -3.54 -4.11
C GLN A 110 10.80 -2.43 -5.11
N ALA A 111 9.79 -2.01 -5.87
CA ALA A 111 9.99 -0.96 -6.86
C ALA A 111 10.46 0.33 -6.20
N LEU A 112 9.86 0.66 -5.06
CA LEU A 112 10.23 1.87 -4.35
C LEU A 112 11.50 1.65 -3.52
N LEU A 113 11.53 0.55 -2.77
CA LEU A 113 12.67 0.21 -1.95
C LEU A 113 13.89 -0.11 -2.80
N GLY A 114 13.64 -0.41 -4.06
CA GLY A 114 14.70 -0.73 -5.00
C GLY A 114 15.69 0.41 -5.10
N ALA A 115 15.18 1.64 -5.00
CA ALA A 115 16.05 2.80 -5.08
C ALA A 115 17.02 2.84 -3.91
N ARG A 116 18.08 2.05 -4.02
CA ARG A 116 19.09 1.99 -2.96
C ARG A 116 18.48 1.48 -1.66
N ALA A 117 19.33 1.26 -0.66
CA ALA A 117 18.84 0.77 0.64
C ALA A 117 17.90 -0.42 0.43
N LYS A 118 18.34 -1.40 -0.34
CA LYS A 118 17.54 -2.58 -0.60
C LYS A 118 18.05 -3.78 0.19
N GLY A 119 17.15 -4.46 0.89
CA GLY A 119 17.51 -5.62 1.68
C GLY A 119 17.72 -5.24 3.14
N HIS A 120 17.30 -6.12 4.05
CA HIS A 120 17.44 -5.86 5.47
C HIS A 120 17.31 -7.16 6.26
N HIS A 121 17.23 -8.28 5.55
CA HIS A 121 17.11 -9.58 6.20
C HIS A 121 15.80 -9.68 6.97
N HIS A 122 14.83 -10.40 6.41
CA HIS A 122 13.54 -10.56 7.07
C HIS A 122 13.30 -12.02 7.43
N HIS A 123 13.48 -12.35 8.70
CA HIS A 123 13.28 -13.72 9.16
C HIS A 123 13.40 -13.80 10.68
N HIS A 124 12.75 -14.80 11.26
CA HIS A 124 12.81 -14.99 12.71
C HIS A 124 14.12 -15.62 13.11
N HIS A 125 14.51 -15.42 14.38
CA HIS A 125 15.76 -15.97 14.89
C HIS A 125 16.93 -15.04 14.58
CA CA B . -8.42 8.49 3.45
CL1 WW6 C . -1.44 3.76 -2.70
C5 WW6 C . -2.27 2.25 -3.01
C6 WW6 C . -3.56 2.12 -2.52
C7 WW6 C . -4.27 0.96 -2.73
C8 WW6 C . -3.70 -0.10 -3.42
C9 WW6 C . -2.40 0.00 -3.93
C10 WW6 C . -1.68 1.17 -3.73
C4 WW6 C . -0.36 1.25 -4.24
C3 WW6 C . 0.19 0.17 -4.94
C2 WW6 C . -0.54 -0.98 -5.14
C1 WW6 C . -1.83 -1.09 -4.63
S1 WW6 C . -2.71 -2.61 -4.92
O1 WW6 C . -2.28 -3.20 -6.25
O2 WW6 C . -4.22 -2.39 -4.98
N1 WW6 C . -2.35 -3.67 -3.72
C11 WW6 C . -2.97 -3.24 -2.45
C12 WW6 C . -3.22 -4.43 -1.54
C13 WW6 C . -4.69 -4.45 -1.12
C14 WW6 C . -5.42 -5.55 -1.89
C15 WW6 C . -6.66 -5.99 -1.11
N2 WW6 C . -6.83 -7.45 -1.16
H6 WW6 C . -4.03 2.94 -1.97
H7 WW6 C . -5.29 0.86 -2.34
H8 WW6 C . -4.26 -1.01 -3.57
H4 WW6 C . 0.23 2.16 -4.10
H3 WW6 C . 1.19 0.24 -5.34
H21 WW6 C . -0.11 -1.82 -5.67
H17 WW6 C . -1.36 -3.72 -3.61
H11 WW6 C . -3.90 -2.72 -2.65
H8L WW6 C . -2.28 -2.55 -1.94
H12 WW6 C . -2.59 -4.35 -0.66
H8M WW6 C . -2.97 -5.35 -2.07
H13 WW6 C . -5.14 -3.49 -1.35
H8O WW6 C . -4.76 -4.64 -0.06
H14 WW6 C . -4.76 -6.41 -2.02
H8N WW6 C . -5.71 -5.18 -2.87
H15 WW6 C . -7.54 -5.51 -1.53
H8P WW6 C . -6.55 -5.67 -0.07
H23 WW6 C . -7.37 -7.76 -0.36
H22 WW6 C . -5.94 -7.89 -1.15
H24 WW6 C . -7.32 -7.70 -2.00
N MET A 1 -12.62 1.42 8.69
CA MET A 1 -11.37 0.66 9.01
C MET A 1 -11.68 -0.39 10.08
N ASP A 2 -11.45 -1.65 9.73
CA ASP A 2 -11.71 -2.74 10.67
C ASP A 2 -10.75 -2.67 11.85
N ASP A 3 -11.22 -3.12 13.02
CA ASP A 3 -10.40 -3.09 14.21
C ASP A 3 -9.15 -3.94 14.03
N ILE A 4 -9.27 -4.97 13.20
CA ILE A 4 -8.14 -5.86 12.94
C ILE A 4 -7.03 -5.11 12.20
N TYR A 5 -7.40 -4.39 11.14
CA TYR A 5 -6.41 -3.65 10.37
C TYR A 5 -5.74 -2.58 11.23
N LYS A 6 -6.54 -1.92 12.06
CA LYS A 6 -6.01 -0.88 12.94
C LYS A 6 -5.01 -1.49 13.91
N ALA A 7 -5.38 -2.63 14.47
CA ALA A 7 -4.50 -3.32 15.42
C ALA A 7 -3.21 -3.74 14.74
N ALA A 8 -3.33 -4.20 13.49
CA ALA A 8 -2.17 -4.64 12.74
C ALA A 8 -1.17 -3.51 12.57
N VAL A 9 -1.66 -2.32 12.31
CA VAL A 9 -0.79 -1.17 12.14
C VAL A 9 -0.05 -0.88 13.44
N GLU A 10 -0.78 -0.89 14.55
CA GLU A 10 -0.19 -0.62 15.86
C GLU A 10 0.77 -1.75 16.24
N GLN A 11 0.45 -2.97 15.82
CA GLN A 11 1.27 -4.13 16.14
C GLN A 11 2.62 -4.02 15.45
N LEU A 12 2.64 -3.49 14.22
CA LEU A 12 3.88 -3.37 13.49
C LEU A 12 4.95 -2.73 14.37
N THR A 13 6.10 -3.40 14.46
CA THR A 13 7.21 -2.91 15.27
C THR A 13 7.69 -1.56 14.73
N GLU A 14 8.72 -1.01 15.37
CA GLU A 14 9.26 0.27 14.94
C GLU A 14 9.75 0.19 13.50
N GLU A 15 10.49 -0.86 13.18
CA GLU A 15 10.99 -1.04 11.83
C GLU A 15 9.84 -1.24 10.85
N GLN A 16 8.82 -2.01 11.27
CA GLN A 16 7.67 -2.25 10.40
C GLN A 16 6.98 -0.94 10.04
N LYS A 17 6.67 -0.13 11.04
CA LYS A 17 6.01 1.15 10.80
C LYS A 17 6.94 2.08 10.02
N ASN A 18 8.21 2.08 10.39
CA ASN A 18 9.19 2.93 9.71
C ASN A 18 9.36 2.49 8.26
N GLU A 19 9.41 1.18 8.04
CA GLU A 19 9.58 0.64 6.70
C GLU A 19 8.42 1.06 5.81
N PHE A 20 7.21 0.94 6.32
CA PHE A 20 6.03 1.33 5.57
C PHE A 20 5.97 2.84 5.44
N LYS A 21 6.36 3.54 6.51
CA LYS A 21 6.33 5.00 6.50
C LYS A 21 7.23 5.54 5.41
N ALA A 22 8.33 4.83 5.13
CA ALA A 22 9.27 5.26 4.10
C ALA A 22 8.56 5.34 2.75
N ALA A 23 7.77 4.32 2.45
CA ALA A 23 7.03 4.29 1.19
C ALA A 23 6.00 5.41 1.17
N PHE A 24 5.38 5.66 2.31
CA PHE A 24 4.38 6.72 2.43
C PHE A 24 4.96 8.06 2.00
N ASP A 25 6.13 8.38 2.53
CA ASP A 25 6.79 9.64 2.20
C ASP A 25 7.05 9.74 0.69
N ILE A 26 7.62 8.69 0.13
CA ILE A 26 7.91 8.66 -1.30
C ILE A 26 6.62 8.66 -2.11
N PHE A 27 5.64 7.89 -1.66
CA PHE A 27 4.37 7.80 -2.34
C PHE A 27 3.73 9.18 -2.48
N VAL A 28 3.90 10.01 -1.46
CA VAL A 28 3.34 11.36 -1.48
C VAL A 28 4.42 12.37 -1.85
N LEU A 29 5.41 11.94 -2.63
CA LEU A 29 6.49 12.82 -3.04
C LEU A 29 5.93 14.06 -3.73
N GLY A 30 5.93 15.18 -3.03
CA GLY A 30 5.42 16.43 -3.59
C GLY A 30 3.94 16.60 -3.30
N ALA A 31 3.33 15.59 -2.67
CA ALA A 31 1.91 15.65 -2.34
C ALA A 31 1.64 16.77 -1.34
N GLU A 32 0.67 17.62 -1.66
CA GLU A 32 0.32 18.74 -0.79
C GLU A 32 -0.25 18.23 0.54
N ASP A 33 -1.13 17.25 0.45
CA ASP A 33 -1.76 16.69 1.65
C ASP A 33 -0.86 15.62 2.27
N GLY A 34 0.09 15.14 1.49
CA GLY A 34 1.01 14.12 1.97
C GLY A 34 0.36 12.74 1.94
N SER A 35 -0.85 12.68 1.40
CA SER A 35 -1.57 11.41 1.33
C SER A 35 -1.52 10.86 -0.10
N ILE A 36 -1.47 9.54 -0.21
CA ILE A 36 -1.41 8.90 -1.52
C ILE A 36 -2.75 9.01 -2.23
N SER A 37 -2.76 9.68 -3.37
CA SER A 37 -3.99 9.84 -4.15
C SER A 37 -3.81 9.23 -5.53
N THR A 38 -4.82 9.39 -6.37
CA THR A 38 -4.76 8.85 -7.72
C THR A 38 -3.52 9.38 -8.45
N LYS A 39 -3.21 10.66 -8.24
CA LYS A 39 -2.05 11.25 -8.91
C LYS A 39 -0.77 10.57 -8.44
N GLU A 40 -0.62 10.44 -7.12
CA GLU A 40 0.54 9.77 -6.54
C GLU A 40 0.50 8.29 -6.86
N LEU A 41 -0.69 7.72 -6.84
CA LEU A 41 -0.88 6.30 -7.11
C LEU A 41 -0.40 5.96 -8.51
N GLY A 42 -0.80 6.76 -9.47
CA GLY A 42 -0.39 6.55 -10.86
C GLY A 42 1.12 6.63 -10.98
N LYS A 43 1.72 7.59 -10.27
CA LYS A 43 3.17 7.76 -10.32
C LYS A 43 3.87 6.48 -9.82
N VAL A 44 3.42 5.99 -8.68
CA VAL A 44 4.00 4.77 -8.11
C VAL A 44 3.76 3.57 -9.02
N MET A 45 2.55 3.48 -9.55
CA MET A 45 2.21 2.39 -10.45
C MET A 45 3.10 2.41 -11.68
N ARG A 46 3.38 3.60 -12.18
CA ARG A 46 4.23 3.75 -13.35
C ARG A 46 5.62 3.17 -13.07
N MET A 47 6.09 3.42 -11.86
CA MET A 47 7.41 2.91 -11.47
C MET A 47 7.41 1.39 -11.47
N LEU A 48 6.31 0.79 -11.03
CA LEU A 48 6.19 -0.66 -10.97
C LEU A 48 5.97 -1.23 -12.37
N GLY A 49 5.89 -0.35 -13.36
CA GLY A 49 5.66 -0.78 -14.73
C GLY A 49 4.18 -0.84 -15.05
N GLN A 50 3.36 -0.35 -14.13
CA GLN A 50 1.91 -0.36 -14.33
C GLN A 50 1.41 1.02 -14.74
N ASN A 51 0.39 1.05 -15.58
CA ASN A 51 -0.17 2.32 -16.03
C ASN A 51 -1.67 2.33 -15.85
N PRO A 52 -2.14 2.22 -14.64
CA PRO A 52 -3.60 2.24 -14.32
C PRO A 52 -4.24 3.60 -14.59
N THR A 53 -5.51 3.58 -14.96
CA THR A 53 -6.24 4.81 -15.25
C THR A 53 -6.71 5.47 -13.96
N PRO A 54 -7.14 6.69 -14.05
CA PRO A 54 -7.63 7.46 -12.86
C PRO A 54 -8.74 6.73 -12.13
N GLU A 55 -9.63 6.11 -12.90
CA GLU A 55 -10.75 5.40 -12.30
C GLU A 55 -10.24 4.28 -11.40
N GLU A 56 -9.26 3.53 -11.91
CA GLU A 56 -8.66 2.43 -11.15
C GLU A 56 -7.89 2.98 -9.96
N LEU A 57 -7.23 4.12 -10.16
CA LEU A 57 -6.44 4.74 -9.11
C LEU A 57 -7.32 5.08 -7.92
N GLN A 58 -8.51 5.62 -8.20
CA GLN A 58 -9.44 5.99 -7.14
C GLN A 58 -9.93 4.76 -6.40
N GLU A 59 -10.19 3.69 -7.15
CA GLU A 59 -10.67 2.44 -6.55
C GLU A 59 -9.62 1.86 -5.61
N MET A 60 -8.36 1.95 -6.02
CA MET A 60 -7.28 1.43 -5.19
C MET A 60 -7.24 2.17 -3.85
N ILE A 61 -7.43 3.48 -3.91
CA ILE A 61 -7.45 4.29 -2.70
C ILE A 61 -8.69 3.97 -1.87
N ASP A 62 -9.80 3.72 -2.55
CA ASP A 62 -11.05 3.41 -1.88
C ASP A 62 -10.93 2.09 -1.12
N GLU A 63 -9.98 1.25 -1.54
CA GLU A 63 -9.80 -0.05 -0.90
C GLU A 63 -9.44 0.11 0.58
N VAL A 64 -8.57 1.07 0.87
CA VAL A 64 -8.17 1.31 2.25
C VAL A 64 -8.82 2.59 2.77
N ASP A 65 -9.50 3.29 1.88
CA ASP A 65 -10.17 4.54 2.27
C ASP A 65 -11.62 4.27 2.70
N GLU A 66 -11.79 3.86 3.94
CA GLU A 66 -13.12 3.58 4.48
C GLU A 66 -13.85 4.85 4.85
N ASP A 67 -13.08 5.87 5.23
CA ASP A 67 -13.65 7.14 5.64
C ASP A 67 -14.13 7.93 4.42
N GLY A 68 -13.92 7.37 3.24
CA GLY A 68 -14.35 8.04 2.01
C GLY A 68 -13.52 9.28 1.74
N SER A 69 -12.32 9.33 2.33
CA SER A 69 -11.44 10.48 2.15
C SER A 69 -11.11 10.67 0.67
N GLY A 70 -10.90 9.57 -0.03
CA GLY A 70 -10.58 9.63 -1.45
C GLY A 70 -9.08 9.46 -1.67
N THR A 71 -8.32 9.55 -0.58
CA THR A 71 -6.87 9.39 -0.67
C THR A 71 -6.37 8.49 0.46
N VAL A 72 -5.20 7.89 0.24
CA VAL A 72 -4.60 7.01 1.24
C VAL A 72 -3.58 7.76 2.07
N ASP A 73 -3.84 7.86 3.37
CA ASP A 73 -2.94 8.56 4.28
C ASP A 73 -2.00 7.56 4.94
N PHE A 74 -1.31 8.00 5.99
CA PHE A 74 -0.38 7.13 6.71
C PHE A 74 -1.11 5.90 7.26
N ASP A 75 -2.23 6.13 7.91
CA ASP A 75 -3.00 5.03 8.47
C ASP A 75 -3.62 4.18 7.36
N GLU A 76 -3.98 4.83 6.24
CA GLU A 76 -4.59 4.12 5.13
C GLU A 76 -3.57 3.31 4.35
N PHE A 77 -2.43 3.90 4.05
CA PHE A 77 -1.40 3.20 3.29
C PHE A 77 -0.87 2.04 4.13
N LEU A 78 -0.82 2.25 5.44
CA LEU A 78 -0.33 1.22 6.35
C LEU A 78 -1.24 0.00 6.28
N VAL A 79 -2.54 0.24 6.35
CA VAL A 79 -3.52 -0.84 6.29
C VAL A 79 -3.45 -1.50 4.92
N MET A 80 -3.25 -0.70 3.87
CA MET A 80 -3.19 -1.23 2.52
C MET A 80 -2.20 -2.39 2.45
N MET A 81 -1.01 -2.19 3.01
CA MET A 81 0.00 -3.26 2.99
C MET A 81 -0.47 -4.42 3.86
N VAL A 82 -1.02 -4.08 5.02
CA VAL A 82 -1.52 -5.09 5.95
C VAL A 82 -2.68 -5.87 5.31
N ARG A 83 -3.52 -5.15 4.58
CA ARG A 83 -4.68 -5.76 3.93
C ARG A 83 -4.22 -6.90 3.01
N SER A 84 -3.22 -6.61 2.18
CA SER A 84 -2.68 -7.62 1.29
C SER A 84 -1.93 -8.69 2.08
N MET A 85 -1.29 -8.26 3.16
CA MET A 85 -0.50 -9.18 3.98
C MET A 85 -1.37 -10.33 4.48
N LYS A 86 -2.54 -10.00 5.01
CA LYS A 86 -3.45 -11.02 5.51
C LYS A 86 -4.68 -11.15 4.62
N ASP A 87 -4.71 -10.37 3.54
CA ASP A 87 -5.84 -10.39 2.62
C ASP A 87 -7.07 -10.95 3.32
N ASP A 88 -7.77 -10.10 4.06
CA ASP A 88 -8.95 -10.53 4.79
C ASP A 88 -10.08 -10.86 3.82
N SER A 89 -9.82 -10.65 2.53
CA SER A 89 -10.82 -10.95 1.51
C SER A 89 -11.16 -12.44 1.52
N LYS A 90 -10.22 -13.26 1.99
CA LYS A 90 -10.44 -14.70 2.06
C LYS A 90 -11.15 -15.19 0.80
N GLY A 91 -12.37 -15.71 0.98
CA GLY A 91 -13.14 -16.21 -0.15
C GLY A 91 -14.49 -15.49 -0.24
N LYS A 92 -14.67 -14.46 0.57
CA LYS A 92 -15.91 -13.70 0.57
C LYS A 92 -15.86 -12.58 -0.46
N PHE A 93 -16.63 -12.74 -1.53
CA PHE A 93 -16.68 -11.73 -2.59
C PHE A 93 -18.03 -11.03 -2.61
N LYS A 94 -18.02 -9.71 -2.51
CA LYS A 94 -19.26 -8.95 -2.53
C LYS A 94 -19.41 -8.21 -3.86
N ARG A 95 -20.43 -8.57 -4.63
CA ARG A 95 -20.66 -7.94 -5.92
C ARG A 95 -19.36 -7.87 -6.73
N PRO A 96 -19.46 -7.52 -7.97
CA PRO A 96 -18.27 -7.40 -8.87
C PRO A 96 -17.24 -6.43 -8.31
N THR A 97 -16.03 -6.95 -8.04
CA THR A 97 -14.97 -6.12 -7.49
C THR A 97 -13.69 -6.94 -7.31
N LEU A 98 -12.66 -6.30 -6.78
CA LEU A 98 -11.39 -6.99 -6.55
C LEU A 98 -10.81 -7.52 -7.87
N ARG A 99 -11.34 -7.01 -8.98
CA ARG A 99 -10.88 -7.43 -10.31
C ARG A 99 -9.57 -8.17 -10.21
N ARG A 100 -9.65 -9.47 -9.90
CA ARG A 100 -8.46 -10.31 -9.77
C ARG A 100 -7.21 -9.44 -9.68
N VAL A 101 -7.03 -8.77 -8.55
CA VAL A 101 -5.87 -7.91 -8.36
C VAL A 101 -4.60 -8.75 -8.33
N ARG A 102 -3.85 -8.69 -9.42
CA ARG A 102 -2.60 -9.45 -9.52
C ARG A 102 -1.42 -8.62 -9.02
N ILE A 103 -1.71 -7.43 -8.52
CA ILE A 103 -0.67 -6.55 -8.00
C ILE A 103 -0.36 -6.88 -6.55
N SER A 104 0.93 -7.10 -6.26
CA SER A 104 1.33 -7.42 -4.90
C SER A 104 1.86 -6.17 -4.22
N ALA A 105 1.29 -5.84 -3.06
CA ALA A 105 1.71 -4.66 -2.34
C ALA A 105 3.18 -4.78 -1.95
N ASP A 106 3.60 -5.98 -1.56
CA ASP A 106 4.99 -6.21 -1.18
C ASP A 106 5.92 -5.88 -2.35
N ALA A 107 5.50 -6.28 -3.56
CA ALA A 107 6.28 -6.02 -4.75
C ALA A 107 6.44 -4.50 -4.95
N MET A 108 5.35 -3.79 -4.70
CA MET A 108 5.36 -2.33 -4.84
C MET A 108 6.37 -1.71 -3.88
N MET A 109 6.45 -2.27 -2.67
CA MET A 109 7.37 -1.74 -1.67
C MET A 109 8.80 -1.83 -2.18
N GLN A 110 9.12 -2.94 -2.83
CA GLN A 110 10.46 -3.12 -3.37
C GLN A 110 10.73 -2.04 -4.43
N ALA A 111 9.73 -1.76 -5.25
CA ALA A 111 9.87 -0.74 -6.29
C ALA A 111 10.13 0.62 -5.66
N LEU A 112 9.41 0.93 -4.59
CA LEU A 112 9.58 2.21 -3.92
C LEU A 112 10.90 2.26 -3.17
N LEU A 113 11.23 1.16 -2.48
CA LEU A 113 12.46 1.07 -1.71
C LEU A 113 13.64 0.81 -2.65
N GLY A 114 13.35 0.31 -3.83
CA GLY A 114 14.38 0.01 -4.81
C GLY A 114 15.10 1.28 -5.25
N ALA A 115 16.22 1.11 -5.93
CA ALA A 115 17.00 2.26 -6.39
C ALA A 115 17.49 3.08 -5.19
N ARG A 116 18.69 2.76 -4.72
CA ARG A 116 19.25 3.45 -3.57
C ARG A 116 19.17 4.97 -3.76
N ALA A 117 18.90 5.38 -4.99
CA ALA A 117 18.80 6.81 -5.29
C ALA A 117 18.01 7.52 -4.20
N LYS A 118 18.66 8.48 -3.55
CA LYS A 118 18.00 9.23 -2.47
C LYS A 118 17.44 8.30 -1.43
N GLY A 119 18.19 7.23 -1.12
CA GLY A 119 17.76 6.27 -0.12
C GLY A 119 18.75 6.16 1.02
N HIS A 120 18.98 7.27 1.71
CA HIS A 120 19.91 7.29 2.84
C HIS A 120 19.16 7.41 4.15
N HIS A 121 19.19 6.34 4.95
CA HIS A 121 18.51 6.33 6.23
C HIS A 121 18.68 4.98 6.93
N HIS A 122 19.78 4.30 6.62
CA HIS A 122 20.05 3.00 7.21
C HIS A 122 21.51 2.90 7.64
N HIS A 123 21.83 3.51 8.78
CA HIS A 123 23.19 3.46 9.30
C HIS A 123 23.19 3.37 10.82
N HIS A 124 23.27 2.15 11.34
CA HIS A 124 23.27 1.94 12.78
C HIS A 124 22.10 2.67 13.43
N HIS A 125 20.95 2.63 12.78
CA HIS A 125 19.76 3.28 13.30
C HIS A 125 20.14 4.52 14.10
CA CA B . -8.68 8.72 3.85
CL1 WW6 C . -1.26 3.67 -3.21
C5 WW6 C . -2.13 2.17 -3.35
C6 WW6 C . -3.40 2.10 -2.79
C7 WW6 C . -4.14 0.94 -2.87
C8 WW6 C . -3.61 -0.18 -3.52
C9 WW6 C . -2.34 -0.15 -4.08
C10 WW6 C . -1.58 1.03 -4.01
C4 WW6 C . -0.31 1.05 -4.60
C3 WW6 C . 0.19 -0.09 -5.23
C2 WW6 C . -0.56 -1.25 -5.29
C1 WW6 C . -1.82 -1.28 -4.74
S1 WW6 C . -2.73 -2.82 -4.85
O1 WW6 C . -2.36 -3.51 -6.15
O2 WW6 C . -4.24 -2.56 -4.87
N1 WW6 C . -2.33 -3.79 -3.59
C11 WW6 C . -2.68 -3.17 -2.30
C12 WW6 C . -4.15 -3.38 -1.97
C13 WW6 C . -4.41 -4.86 -1.74
C14 WW6 C . -5.79 -5.05 -1.13
C15 WW6 C . -6.35 -6.42 -1.55
N2 WW6 C . -7.79 -6.33 -1.83
H6 WW6 C . -3.82 2.98 -2.28
H7 WW6 C . -5.15 0.90 -2.43
H8 WW6 C . -4.21 -1.09 -3.57
H4 WW6 C . 0.30 1.94 -4.55
H3 WW6 C . 1.19 -0.08 -5.68
H21 WW6 C . -0.16 -2.13 -5.79
H17 WW6 C . -1.35 -3.99 -3.61
H11 WW6 C . -2.48 -2.10 -2.36
H8L WW6 C . -2.07 -3.60 -1.51
H12 WW6 C . -4.75 -3.02 -2.80
H8M WW6 C . -4.41 -2.81 -1.07
H13 WW6 C . -3.66 -5.27 -1.07
H8O WW6 C . -4.36 -5.39 -2.71
H14 WW6 C . -6.46 -4.26 -1.47
H8N WW6 C . -5.71 -5.01 -0.04
H15 WW6 C . -6.18 -7.13 -0.75
H8P WW6 C . -5.82 -6.75 -2.44
H23 WW6 C . -8.04 -7.05 -2.49
H22 WW6 C . -8.00 -5.43 -2.23
H24 WW6 C . -8.30 -6.46 -0.98
N MET A 1 -10.75 0.62 6.75
CA MET A 1 -9.92 0.50 7.98
C MET A 1 -10.71 -0.26 9.04
N ASP A 2 -10.34 -1.52 9.27
CA ASP A 2 -11.01 -2.34 10.26
C ASP A 2 -10.22 -2.37 11.56
N ASP A 3 -10.86 -2.80 12.64
CA ASP A 3 -10.20 -2.88 13.93
C ASP A 3 -8.98 -3.79 13.86
N ILE A 4 -9.09 -4.83 13.06
CA ILE A 4 -7.99 -5.77 12.88
C ILE A 4 -6.83 -5.11 12.16
N TYR A 5 -7.14 -4.35 11.12
CA TYR A 5 -6.12 -3.65 10.36
C TYR A 5 -5.41 -2.64 11.24
N LYS A 6 -6.17 -1.96 12.09
CA LYS A 6 -5.60 -0.97 12.99
C LYS A 6 -4.59 -1.64 13.92
N ALA A 7 -4.96 -2.81 14.43
CA ALA A 7 -4.09 -3.56 15.32
C ALA A 7 -2.80 -3.94 14.60
N ALA A 8 -2.92 -4.29 13.32
CA ALA A 8 -1.76 -4.68 12.53
C ALA A 8 -0.74 -3.54 12.49
N VAL A 9 -1.24 -2.32 12.35
CA VAL A 9 -0.35 -1.16 12.31
C VAL A 9 0.41 -1.05 13.63
N GLU A 10 -0.31 -1.18 14.73
CA GLU A 10 0.30 -1.09 16.06
C GLU A 10 1.19 -2.29 16.32
N GLN A 11 0.87 -3.40 15.67
CA GLN A 11 1.63 -4.63 15.83
C GLN A 11 3.04 -4.47 15.26
N LEU A 12 3.15 -3.75 14.15
CA LEU A 12 4.44 -3.54 13.51
C LEU A 12 5.44 -2.98 14.51
N THR A 13 6.63 -3.57 14.55
CA THR A 13 7.67 -3.11 15.46
C THR A 13 8.13 -1.70 15.08
N GLU A 14 9.07 -1.16 15.85
CA GLU A 14 9.58 0.18 15.57
C GLU A 14 10.17 0.26 14.17
N GLU A 15 11.00 -0.73 13.83
CA GLU A 15 11.61 -0.76 12.50
C GLU A 15 10.54 -0.95 11.43
N GLN A 16 9.54 -1.79 11.71
CA GLN A 16 8.47 -2.03 10.76
C GLN A 16 7.71 -0.76 10.44
N LYS A 17 7.36 -0.01 11.49
CA LYS A 17 6.64 1.24 11.33
C LYS A 17 7.52 2.27 10.62
N ASN A 18 8.79 2.32 11.02
CA ASN A 18 9.74 3.26 10.43
C ASN A 18 9.90 2.96 8.93
N GLU A 19 9.96 1.68 8.59
CA GLU A 19 10.11 1.28 7.19
C GLU A 19 8.94 1.78 6.37
N PHE A 20 7.73 1.57 6.89
CA PHE A 20 6.53 2.01 6.20
C PHE A 20 6.48 3.53 6.15
N LYS A 21 6.93 4.18 7.22
CA LYS A 21 6.92 5.63 7.28
C LYS A 21 7.68 6.21 6.10
N ALA A 22 8.85 5.64 5.81
CA ALA A 22 9.66 6.11 4.70
C ALA A 22 8.91 5.92 3.38
N ALA A 23 8.24 4.78 3.25
CA ALA A 23 7.49 4.49 2.03
C ALA A 23 6.37 5.51 1.83
N PHE A 24 5.71 5.88 2.93
CA PHE A 24 4.64 6.86 2.87
C PHE A 24 5.13 8.18 2.29
N ASP A 25 6.27 8.64 2.81
CA ASP A 25 6.84 9.89 2.34
C ASP A 25 7.08 9.84 0.83
N ILE A 26 7.68 8.74 0.37
CA ILE A 26 7.97 8.58 -1.05
C ILE A 26 6.66 8.43 -1.83
N PHE A 27 5.72 7.67 -1.28
CA PHE A 27 4.45 7.45 -1.94
C PHE A 27 3.74 8.78 -2.19
N VAL A 28 3.83 9.69 -1.21
CA VAL A 28 3.20 11.00 -1.33
C VAL A 28 4.21 12.04 -1.79
N LEU A 29 5.22 11.60 -2.53
CA LEU A 29 6.25 12.52 -3.01
C LEU A 29 5.63 13.68 -3.79
N GLY A 30 5.69 14.87 -3.22
CA GLY A 30 5.14 16.05 -3.88
C GLY A 30 3.63 16.15 -3.63
N ALA A 31 3.09 15.20 -2.88
CA ALA A 31 1.66 15.20 -2.58
C ALA A 31 1.26 16.47 -1.84
N GLU A 32 0.24 17.15 -2.37
CA GLU A 32 -0.24 18.37 -1.76
C GLU A 32 -0.85 18.08 -0.39
N ASP A 33 -1.58 16.98 -0.29
CA ASP A 33 -2.22 16.59 0.95
C ASP A 33 -1.28 15.74 1.80
N GLY A 34 -0.23 15.23 1.17
CA GLY A 34 0.73 14.39 1.87
C GLY A 34 0.30 12.93 1.83
N SER A 35 -0.89 12.67 1.33
CA SER A 35 -1.41 11.31 1.25
C SER A 35 -1.32 10.80 -0.18
N ILE A 36 -1.43 9.48 -0.35
CA ILE A 36 -1.36 8.88 -1.68
C ILE A 36 -2.70 8.97 -2.40
N SER A 37 -2.68 9.54 -3.60
CA SER A 37 -3.89 9.69 -4.39
C SER A 37 -3.70 9.09 -5.78
N THR A 38 -4.60 9.43 -6.70
CA THR A 38 -4.50 8.91 -8.05
C THR A 38 -3.25 9.43 -8.73
N LYS A 39 -2.95 10.71 -8.53
CA LYS A 39 -1.76 11.30 -9.14
C LYS A 39 -0.51 10.63 -8.60
N GLU A 40 -0.44 10.52 -7.27
CA GLU A 40 0.69 9.88 -6.62
C GLU A 40 0.66 8.37 -6.86
N LEU A 41 -0.55 7.82 -6.85
CA LEU A 41 -0.74 6.39 -7.08
C LEU A 41 -0.26 5.99 -8.46
N GLY A 42 -0.65 6.79 -9.45
CA GLY A 42 -0.25 6.51 -10.83
C GLY A 42 1.26 6.53 -10.96
N LYS A 43 1.90 7.51 -10.32
CA LYS A 43 3.36 7.61 -10.36
C LYS A 43 4.00 6.35 -9.79
N VAL A 44 3.52 5.92 -8.63
CA VAL A 44 4.05 4.72 -7.99
C VAL A 44 3.76 3.49 -8.83
N MET A 45 2.54 3.38 -9.34
CA MET A 45 2.16 2.24 -10.16
C MET A 45 3.02 2.18 -11.42
N ARG A 46 3.29 3.35 -12.01
CA ARG A 46 4.09 3.42 -13.21
C ARG A 46 5.48 2.85 -12.93
N MET A 47 5.99 3.13 -11.74
CA MET A 47 7.30 2.63 -11.37
C MET A 47 7.29 1.11 -11.31
N LEU A 48 6.18 0.56 -10.84
CA LEU A 48 6.03 -0.89 -10.73
C LEU A 48 5.80 -1.51 -12.10
N GLY A 49 5.49 -0.67 -13.08
CA GLY A 49 5.24 -1.15 -14.43
C GLY A 49 3.75 -1.12 -14.76
N GLN A 50 2.97 -0.47 -13.90
CA GLN A 50 1.53 -0.39 -14.10
C GLN A 50 1.13 1.03 -14.51
N ASN A 51 0.09 1.13 -15.32
CA ASN A 51 -0.38 2.44 -15.77
C ASN A 51 -1.89 2.55 -15.56
N PRO A 52 -2.32 2.46 -14.33
CA PRO A 52 -3.76 2.57 -13.98
C PRO A 52 -4.34 3.94 -14.30
N THR A 53 -5.60 3.95 -14.73
CA THR A 53 -6.27 5.20 -15.08
C THR A 53 -6.81 5.90 -13.83
N PRO A 54 -7.16 7.15 -13.96
CA PRO A 54 -7.68 7.94 -12.81
C PRO A 54 -8.85 7.24 -12.12
N GLU A 55 -9.78 6.71 -12.90
CA GLU A 55 -10.93 6.00 -12.35
C GLU A 55 -10.47 4.78 -11.57
N GLU A 56 -9.52 4.05 -12.15
CA GLU A 56 -8.99 2.87 -11.50
C GLU A 56 -8.18 3.27 -10.27
N LEU A 57 -7.45 4.38 -10.40
CA LEU A 57 -6.63 4.87 -9.31
C LEU A 57 -7.49 5.24 -8.10
N GLN A 58 -8.61 5.89 -8.36
CA GLN A 58 -9.53 6.28 -7.29
C GLN A 58 -10.14 5.04 -6.64
N GLU A 59 -10.44 4.04 -7.46
CA GLU A 59 -11.01 2.80 -6.95
C GLU A 59 -10.03 2.09 -6.03
N MET A 60 -8.76 2.05 -6.43
CA MET A 60 -7.75 1.40 -5.63
C MET A 60 -7.65 2.05 -4.26
N ILE A 61 -7.65 3.38 -4.24
CA ILE A 61 -7.57 4.10 -2.98
C ILE A 61 -8.83 3.84 -2.15
N ASP A 62 -9.96 3.72 -2.83
CA ASP A 62 -11.23 3.49 -2.16
C ASP A 62 -11.17 2.18 -1.37
N GLU A 63 -10.40 1.23 -1.88
CA GLU A 63 -10.28 -0.07 -1.22
C GLU A 63 -9.76 0.11 0.21
N VAL A 64 -8.84 1.04 0.40
CA VAL A 64 -8.28 1.30 1.72
C VAL A 64 -8.75 2.65 2.25
N ASP A 65 -9.88 3.12 1.72
CA ASP A 65 -10.44 4.40 2.13
C ASP A 65 -11.93 4.28 2.38
N GLU A 66 -12.32 4.23 3.66
CA GLU A 66 -13.72 4.12 4.03
C GLU A 66 -14.34 5.50 4.25
N ASP A 67 -13.50 6.48 4.59
CA ASP A 67 -13.99 7.82 4.83
C ASP A 67 -14.26 8.55 3.52
N GLY A 68 -14.00 7.87 2.41
CA GLY A 68 -14.25 8.45 1.09
C GLY A 68 -13.30 9.62 0.82
N SER A 69 -12.17 9.63 1.52
CA SER A 69 -11.20 10.70 1.36
C SER A 69 -10.67 10.74 -0.08
N GLY A 70 -10.75 9.60 -0.76
CA GLY A 70 -10.29 9.51 -2.14
C GLY A 70 -8.77 9.34 -2.19
N THR A 71 -8.14 9.32 -1.02
CA THR A 71 -6.70 9.16 -0.95
C THR A 71 -6.31 8.21 0.19
N VAL A 72 -5.11 7.65 0.11
CA VAL A 72 -4.63 6.75 1.15
C VAL A 72 -3.62 7.45 2.04
N ASP A 73 -3.96 7.58 3.32
CA ASP A 73 -3.08 8.23 4.28
C ASP A 73 -2.21 7.20 4.99
N PHE A 74 -1.57 7.62 6.07
CA PHE A 74 -0.72 6.72 6.83
C PHE A 74 -1.53 5.54 7.35
N ASP A 75 -2.71 5.83 7.89
CA ASP A 75 -3.57 4.79 8.43
C ASP A 75 -3.95 3.79 7.35
N GLU A 76 -4.50 4.29 6.25
CA GLU A 76 -4.91 3.43 5.15
C GLU A 76 -3.69 2.84 4.46
N PHE A 77 -2.58 3.59 4.47
CA PHE A 77 -1.36 3.11 3.84
C PHE A 77 -0.94 1.77 4.47
N LEU A 78 -0.80 1.76 5.80
CA LEU A 78 -0.38 0.54 6.48
C LEU A 78 -1.48 -0.52 6.38
N VAL A 79 -2.72 -0.07 6.45
CA VAL A 79 -3.86 -0.98 6.35
C VAL A 79 -3.85 -1.67 5.00
N MET A 80 -3.59 -0.91 3.93
CA MET A 80 -3.55 -1.49 2.60
C MET A 80 -2.50 -2.60 2.55
N MET A 81 -1.32 -2.33 3.12
CA MET A 81 -0.26 -3.32 3.12
C MET A 81 -0.67 -4.52 3.96
N VAL A 82 -1.23 -4.23 5.13
CA VAL A 82 -1.70 -5.28 6.04
C VAL A 82 -2.86 -6.05 5.40
N ARG A 83 -3.70 -5.34 4.67
CA ARG A 83 -4.85 -5.95 4.02
C ARG A 83 -4.39 -7.07 3.08
N SER A 84 -3.36 -6.80 2.27
CA SER A 84 -2.86 -7.81 1.35
C SER A 84 -2.27 -9.00 2.12
N MET A 85 -1.54 -8.70 3.18
CA MET A 85 -0.94 -9.75 4.01
C MET A 85 -2.00 -10.49 4.80
N LYS A 86 -2.99 -9.75 5.29
CA LYS A 86 -4.06 -10.33 6.08
C LYS A 86 -4.80 -11.41 5.29
N ASP A 87 -5.11 -11.10 4.03
CA ASP A 87 -5.81 -12.06 3.19
C ASP A 87 -7.04 -12.61 3.92
N ASP A 88 -8.20 -12.04 3.63
CA ASP A 88 -9.44 -12.47 4.27
C ASP A 88 -9.66 -13.96 4.04
N SER A 89 -9.00 -14.49 3.03
CA SER A 89 -9.14 -15.91 2.70
C SER A 89 -8.72 -16.78 3.88
N LYS A 90 -7.65 -16.37 4.57
CA LYS A 90 -7.15 -17.12 5.72
C LYS A 90 -7.99 -18.36 5.98
N GLY A 91 -8.84 -18.30 6.99
CA GLY A 91 -9.71 -19.42 7.33
C GLY A 91 -11.17 -19.10 7.02
N LYS A 92 -11.39 -18.16 6.10
CA LYS A 92 -12.74 -17.77 5.73
C LYS A 92 -12.95 -17.93 4.23
N PHE A 93 -14.19 -18.27 3.85
CA PHE A 93 -14.52 -18.45 2.44
C PHE A 93 -15.05 -17.15 1.85
N LYS A 94 -14.17 -16.42 1.15
CA LYS A 94 -14.56 -15.17 0.52
C LYS A 94 -13.38 -14.56 -0.24
N ARG A 95 -13.63 -14.20 -1.50
CA ARG A 95 -12.60 -13.61 -2.35
C ARG A 95 -13.11 -12.33 -3.00
N PRO A 96 -12.20 -11.53 -3.47
CA PRO A 96 -12.54 -10.22 -4.12
C PRO A 96 -13.32 -10.42 -5.43
N THR A 97 -14.20 -9.48 -5.72
CA THR A 97 -15.00 -9.55 -6.95
C THR A 97 -14.08 -9.70 -8.16
N LEU A 98 -14.18 -10.83 -8.84
CA LEU A 98 -13.35 -11.09 -10.01
C LEU A 98 -11.87 -10.92 -9.68
N ARG A 99 -11.57 -10.85 -8.39
CA ARG A 99 -10.18 -10.70 -7.94
C ARG A 99 -9.32 -10.16 -9.07
N ARG A 100 -9.78 -9.08 -9.70
CA ARG A 100 -9.03 -8.48 -10.80
C ARG A 100 -8.10 -7.40 -10.30
N VAL A 101 -6.97 -7.80 -9.73
CA VAL A 101 -6.00 -6.85 -9.21
C VAL A 101 -4.73 -6.88 -10.03
N ARG A 102 -4.29 -8.08 -10.39
CA ARG A 102 -3.07 -8.24 -11.17
C ARG A 102 -1.96 -7.35 -10.63
N ILE A 103 -2.09 -6.94 -9.38
CA ILE A 103 -1.10 -6.08 -8.75
C ILE A 103 -0.56 -6.71 -7.46
N SER A 104 0.76 -6.79 -7.34
CA SER A 104 1.36 -7.37 -6.16
C SER A 104 1.81 -6.26 -5.22
N ALA A 105 1.20 -6.18 -4.04
CA ALA A 105 1.56 -5.16 -3.09
C ALA A 105 3.04 -5.27 -2.73
N ASP A 106 3.52 -6.50 -2.62
CA ASP A 106 4.92 -6.74 -2.30
C ASP A 106 5.82 -6.12 -3.38
N ALA A 107 5.41 -6.28 -4.64
CA ALA A 107 6.18 -5.73 -5.75
C ALA A 107 6.28 -4.22 -5.63
N MET A 108 5.18 -3.58 -5.25
CA MET A 108 5.15 -2.13 -5.08
C MET A 108 6.10 -1.70 -3.97
N MET A 109 6.14 -2.48 -2.89
CA MET A 109 7.00 -2.14 -1.78
C MET A 109 8.45 -2.09 -2.22
N GLN A 110 8.84 -3.04 -3.05
CA GLN A 110 10.21 -3.07 -3.56
C GLN A 110 10.51 -1.82 -4.37
N ALA A 111 9.56 -1.41 -5.20
CA ALA A 111 9.73 -0.22 -6.02
C ALA A 111 9.85 1.03 -5.16
N LEU A 112 9.02 1.11 -4.13
CA LEU A 112 9.04 2.26 -3.23
C LEU A 112 10.31 2.28 -2.39
N LEU A 113 10.73 1.09 -1.95
CA LEU A 113 11.92 0.97 -1.12
C LEU A 113 13.18 1.02 -1.98
N GLY A 114 13.00 0.94 -3.29
CA GLY A 114 14.13 0.97 -4.21
C GLY A 114 15.27 1.81 -3.63
N ALA A 115 16.50 1.34 -3.85
CA ALA A 115 17.67 2.04 -3.34
C ALA A 115 17.97 1.62 -1.91
N ARG A 116 16.95 1.13 -1.21
CA ARG A 116 17.13 0.69 0.17
C ARG A 116 17.39 -0.81 0.22
N ALA A 117 18.67 -1.17 0.30
CA ALA A 117 19.05 -2.57 0.36
C ALA A 117 18.60 -3.20 1.68
N LYS A 118 18.08 -4.42 1.60
CA LYS A 118 17.61 -5.13 2.79
C LYS A 118 18.79 -5.71 3.56
N GLY A 119 19.93 -5.83 2.89
CA GLY A 119 21.13 -6.37 3.53
C GLY A 119 20.88 -7.79 4.03
N HIS A 120 21.19 -8.03 5.30
CA HIS A 120 21.01 -9.36 5.88
C HIS A 120 19.59 -9.87 5.60
N HIS A 121 19.49 -11.12 5.15
CA HIS A 121 18.19 -11.71 4.87
C HIS A 121 18.24 -13.22 5.07
N HIS A 122 17.29 -13.74 5.83
CA HIS A 122 17.25 -15.18 6.09
C HIS A 122 15.85 -15.73 5.79
N HIS A 123 15.80 -16.96 5.29
CA HIS A 123 14.53 -17.58 4.95
C HIS A 123 13.71 -17.84 6.21
N HIS A 124 12.39 -17.86 6.07
CA HIS A 124 11.51 -18.12 7.21
C HIS A 124 10.63 -19.33 6.96
N HIS A 125 10.81 -20.36 7.79
CA HIS A 125 10.02 -21.58 7.65
C HIS A 125 8.73 -21.48 8.43
CA CA B . -9.03 7.83 3.20
CL1 WW6 C . -1.83 3.60 -2.82
C5 WW6 C . -2.76 2.18 -3.22
C6 WW6 C . -4.09 2.15 -2.82
C7 WW6 C . -4.89 1.06 -3.10
C8 WW6 C . -4.37 -0.02 -3.79
C9 WW6 C . -3.04 -0.03 -4.20
C10 WW6 C . -2.22 1.07 -3.93
C4 WW6 C . -0.88 1.04 -4.36
C3 WW6 C . -0.39 -0.07 -5.06
C2 WW6 C . -1.20 -1.14 -5.33
C1 WW6 C . -2.52 -1.14 -4.91
S1 WW6 C . -3.54 -2.54 -5.27
O1 WW6 C . -2.68 -3.68 -5.82
O2 WW6 C . -4.58 -2.15 -6.32
N1 WW6 C . -4.31 -3.02 -3.91
C11 WW6 C . -3.32 -3.55 -2.93
C12 WW6 C . -3.96 -4.55 -1.98
C13 WW6 C . -5.13 -3.90 -1.24
C14 WW6 C . -6.45 -4.43 -1.81
C15 WW6 C . -7.00 -5.51 -0.89
N2 WW6 C . -7.64 -6.59 -1.66
H6 WW6 C . -4.51 2.99 -2.27
H7 WW6 C . -5.92 1.06 -2.78
H8 WW6 C . -5.01 -0.88 -4.00
H4 WW6 C . -0.23 1.88 -4.16
H3 WW6 C . 0.64 -0.08 -5.38
H21 WW6 C . -0.81 -2.00 -5.87
H17 WW6 C . -4.98 -3.72 -4.12
H11 WW6 C . -2.92 -2.72 -2.35
H8L WW6 C . -2.51 -4.03 -3.47
H12 WW6 C . -3.21 -4.87 -1.26
H8M WW6 C . -4.31 -5.40 -2.55
H13 WW6 C . -5.09 -2.82 -1.37
H8O WW6 C . -5.06 -4.14 -0.18
H14 WW6 C . -6.28 -4.84 -2.80
H8N WW6 C . -7.16 -3.60 -1.88
H15 WW6 C . -7.73 -5.07 -0.21
H8P WW6 C . -6.18 -5.93 -0.30
H23 WW6 C . -7.04 -6.86 -2.42
H22 WW6 C . -8.52 -6.26 -2.03
H24 WW6 C . -7.81 -7.38 -1.07
N MET A 1 -12.49 2.01 8.62
CA MET A 1 -11.28 1.34 9.16
C MET A 1 -11.71 0.22 10.10
N ASP A 2 -10.88 -0.82 10.20
CA ASP A 2 -11.19 -1.95 11.06
C ASP A 2 -10.28 -1.94 12.29
N ASP A 3 -10.82 -2.38 13.43
CA ASP A 3 -10.06 -2.41 14.66
C ASP A 3 -8.85 -3.32 14.51
N ILE A 4 -9.06 -4.44 13.85
CA ILE A 4 -7.98 -5.40 13.61
C ILE A 4 -6.87 -4.77 12.76
N TYR A 5 -7.28 -4.00 11.74
CA TYR A 5 -6.30 -3.36 10.86
C TYR A 5 -5.43 -2.39 11.65
N LYS A 6 -6.05 -1.63 12.55
CA LYS A 6 -5.31 -0.68 13.36
C LYS A 6 -4.30 -1.43 14.23
N ALA A 7 -4.72 -2.57 14.76
CA ALA A 7 -3.86 -3.39 15.60
C ALA A 7 -2.65 -3.87 14.79
N ALA A 8 -2.88 -4.21 13.53
CA ALA A 8 -1.80 -4.68 12.67
C ALA A 8 -0.71 -3.63 12.55
N VAL A 9 -1.13 -2.38 12.37
CA VAL A 9 -0.17 -1.29 12.25
C VAL A 9 0.68 -1.18 13.51
N GLU A 10 0.02 -1.21 14.66
CA GLU A 10 0.71 -1.13 15.94
C GLU A 10 1.56 -2.38 16.15
N GLN A 11 1.14 -3.48 15.54
CA GLN A 11 1.85 -4.74 15.66
C GLN A 11 3.22 -4.65 14.97
N LEU A 12 3.30 -3.80 13.95
CA LEU A 12 4.56 -3.64 13.22
C LEU A 12 5.66 -3.17 14.16
N THR A 13 6.84 -3.75 14.02
CA THR A 13 7.98 -3.38 14.86
C THR A 13 8.48 -1.99 14.49
N GLU A 14 9.51 -1.54 15.20
CA GLU A 14 10.08 -0.22 14.94
C GLU A 14 10.58 -0.11 13.51
N GLU A 15 11.31 -1.14 13.07
CA GLU A 15 11.86 -1.12 11.71
C GLU A 15 10.74 -1.08 10.68
N GLN A 16 9.68 -1.87 10.91
CA GLN A 16 8.56 -1.91 9.99
C GLN A 16 7.88 -0.55 9.92
N LYS A 17 7.63 0.04 11.08
CA LYS A 17 7.00 1.35 11.13
C LYS A 17 7.89 2.39 10.45
N ASN A 18 9.18 2.32 10.72
CA ASN A 18 10.13 3.25 10.12
C ASN A 18 10.17 3.07 8.60
N GLU A 19 10.21 1.81 8.18
CA GLU A 19 10.25 1.49 6.75
C GLU A 19 9.00 2.01 6.05
N PHE A 20 7.85 1.77 6.64
CA PHE A 20 6.60 2.22 6.06
C PHE A 20 6.53 3.75 6.08
N LYS A 21 7.02 4.35 7.14
CA LYS A 21 6.98 5.81 7.24
C LYS A 21 7.65 6.44 6.04
N ALA A 22 8.81 5.91 5.66
CA ALA A 22 9.53 6.43 4.51
C ALA A 22 8.71 6.23 3.23
N ALA A 23 8.07 5.06 3.13
CA ALA A 23 7.26 4.75 1.95
C ALA A 23 6.10 5.73 1.83
N PHE A 24 5.48 6.04 2.96
CA PHE A 24 4.37 6.98 2.97
C PHE A 24 4.79 8.33 2.40
N ASP A 25 5.92 8.84 2.89
CA ASP A 25 6.42 10.12 2.42
C ASP A 25 6.69 10.06 0.92
N ILE A 26 7.33 8.99 0.47
CA ILE A 26 7.63 8.81 -0.94
C ILE A 26 6.34 8.71 -1.74
N PHE A 27 5.38 7.97 -1.21
CA PHE A 27 4.11 7.80 -1.89
C PHE A 27 3.40 9.13 -2.07
N VAL A 28 3.47 9.97 -1.05
CA VAL A 28 2.83 11.28 -1.10
C VAL A 28 3.85 12.35 -1.48
N LEU A 29 4.86 11.96 -2.24
CA LEU A 29 5.89 12.89 -2.66
C LEU A 29 5.29 14.03 -3.48
N GLY A 30 5.42 15.26 -2.97
CA GLY A 30 4.88 16.42 -3.67
C GLY A 30 3.39 16.59 -3.39
N ALA A 31 2.83 15.69 -2.58
CA ALA A 31 1.41 15.75 -2.25
C ALA A 31 1.12 16.89 -1.28
N GLU A 32 0.22 17.79 -1.67
CA GLU A 32 -0.14 18.91 -0.81
C GLU A 32 -0.82 18.41 0.46
N ASP A 33 -1.72 17.45 0.30
CA ASP A 33 -2.43 16.85 1.43
C ASP A 33 -1.50 15.95 2.23
N GLY A 34 -0.51 15.40 1.54
CA GLY A 34 0.45 14.50 2.18
C GLY A 34 -0.07 13.06 2.20
N SER A 35 -1.19 12.83 1.53
CA SER A 35 -1.77 11.49 1.47
C SER A 35 -1.64 10.93 0.06
N ILE A 36 -1.74 9.61 -0.05
CA ILE A 36 -1.61 8.96 -1.36
C ILE A 36 -2.89 9.12 -2.16
N SER A 37 -2.77 9.72 -3.33
CA SER A 37 -3.92 9.93 -4.20
C SER A 37 -3.69 9.29 -5.56
N THR A 38 -4.63 9.45 -6.46
CA THR A 38 -4.50 8.86 -7.79
C THR A 38 -3.23 9.34 -8.47
N LYS A 39 -2.94 10.64 -8.36
CA LYS A 39 -1.75 11.18 -8.97
C LYS A 39 -0.49 10.51 -8.39
N GLU A 40 -0.43 10.46 -7.07
CA GLU A 40 0.69 9.81 -6.39
C GLU A 40 0.69 8.31 -6.68
N LEU A 41 -0.50 7.73 -6.71
CA LEU A 41 -0.65 6.30 -6.97
C LEU A 41 -0.14 5.96 -8.35
N GLY A 42 -0.51 6.78 -9.32
CA GLY A 42 -0.08 6.54 -10.69
C GLY A 42 1.44 6.51 -10.78
N LYS A 43 2.09 7.43 -10.07
CA LYS A 43 3.55 7.47 -10.06
C LYS A 43 4.12 6.15 -9.55
N VAL A 44 3.61 5.68 -8.42
CA VAL A 44 4.07 4.43 -7.83
C VAL A 44 3.75 3.25 -8.76
N MET A 45 2.55 3.25 -9.31
CA MET A 45 2.13 2.17 -10.18
C MET A 45 3.01 2.12 -11.43
N ARG A 46 3.39 3.30 -11.94
CA ARG A 46 4.24 3.35 -13.12
C ARG A 46 5.56 2.67 -12.82
N MET A 47 6.07 2.90 -11.61
CA MET A 47 7.33 2.29 -11.23
C MET A 47 7.19 0.76 -11.25
N LEU A 48 6.04 0.26 -10.83
CA LEU A 48 5.80 -1.18 -10.79
C LEU A 48 5.63 -1.73 -12.21
N GLY A 49 5.54 -0.83 -13.19
CA GLY A 49 5.37 -1.24 -14.57
C GLY A 49 3.92 -1.11 -15.01
N GLN A 50 3.08 -0.55 -14.13
CA GLN A 50 1.67 -0.37 -14.46
C GLN A 50 1.39 1.08 -14.84
N ASN A 51 0.55 1.27 -15.85
CA ASN A 51 0.20 2.60 -16.29
C ASN A 51 -1.30 2.83 -16.15
N PRO A 52 -1.82 2.67 -14.97
CA PRO A 52 -3.27 2.86 -14.70
C PRO A 52 -3.69 4.33 -14.81
N THR A 53 -4.92 4.54 -15.27
CA THR A 53 -5.45 5.90 -15.42
C THR A 53 -5.98 6.42 -14.09
N PRO A 54 -6.21 7.70 -14.01
CA PRO A 54 -6.73 8.34 -12.77
C PRO A 54 -8.00 7.66 -12.28
N GLU A 55 -8.87 7.29 -13.22
CA GLU A 55 -10.11 6.61 -12.87
C GLU A 55 -9.83 5.31 -12.14
N GLU A 56 -8.90 4.53 -12.70
CA GLU A 56 -8.52 3.26 -12.10
C GLU A 56 -7.83 3.50 -10.76
N LEU A 57 -7.02 4.55 -10.70
CA LEU A 57 -6.29 4.88 -9.49
C LEU A 57 -7.24 5.17 -8.34
N GLN A 58 -8.32 5.89 -8.62
CA GLN A 58 -9.28 6.23 -7.57
C GLN A 58 -9.99 4.97 -7.09
N GLU A 59 -10.30 4.08 -8.02
CA GLU A 59 -10.98 2.83 -7.67
C GLU A 59 -10.08 1.99 -6.78
N MET A 60 -8.79 1.94 -7.12
CA MET A 60 -7.86 1.16 -6.32
C MET A 60 -7.80 1.70 -4.89
N ILE A 61 -7.71 3.02 -4.76
CA ILE A 61 -7.67 3.65 -3.45
C ILE A 61 -8.96 3.35 -2.69
N ASP A 62 -10.04 3.17 -3.43
CA ASP A 62 -11.33 2.89 -2.82
C ASP A 62 -11.30 1.57 -2.07
N GLU A 63 -10.35 0.72 -2.41
CA GLU A 63 -10.21 -0.59 -1.77
C GLU A 63 -9.97 -0.44 -0.26
N VAL A 64 -9.11 0.50 0.10
CA VAL A 64 -8.81 0.71 1.51
C VAL A 64 -9.38 2.03 2.00
N ASP A 65 -10.01 2.76 1.08
CA ASP A 65 -10.60 4.04 1.42
C ASP A 65 -12.03 3.87 1.94
N GLU A 66 -12.16 3.27 3.12
CA GLU A 66 -13.47 3.07 3.72
C GLU A 66 -14.03 4.37 4.26
N ASP A 67 -13.15 5.35 4.48
CA ASP A 67 -13.58 6.63 4.99
C ASP A 67 -14.09 7.54 3.86
N GLY A 68 -14.01 7.03 2.63
CA GLY A 68 -14.48 7.80 1.48
C GLY A 68 -13.59 9.00 1.23
N SER A 69 -12.39 8.99 1.82
CA SER A 69 -11.46 10.10 1.66
C SER A 69 -11.02 10.23 0.20
N GLY A 70 -11.09 9.12 -0.53
CA GLY A 70 -10.69 9.11 -1.93
C GLY A 70 -9.19 8.98 -2.07
N THR A 71 -8.50 8.97 -0.93
CA THR A 71 -7.05 8.85 -0.93
C THR A 71 -6.58 7.93 0.19
N VAL A 72 -5.34 7.46 0.09
CA VAL A 72 -4.77 6.59 1.12
C VAL A 72 -3.75 7.35 1.96
N ASP A 73 -4.08 7.55 3.23
CA ASP A 73 -3.18 8.25 4.13
C ASP A 73 -2.25 7.25 4.80
N PHE A 74 -1.51 7.71 5.80
CA PHE A 74 -0.59 6.82 6.50
C PHE A 74 -1.35 5.64 7.10
N ASP A 75 -2.49 5.92 7.72
CA ASP A 75 -3.29 4.87 8.34
C ASP A 75 -3.75 3.86 7.29
N GLU A 76 -4.22 4.37 6.15
CA GLU A 76 -4.68 3.50 5.06
C GLU A 76 -3.51 2.80 4.40
N PHE A 77 -2.37 3.46 4.35
CA PHE A 77 -1.18 2.88 3.75
C PHE A 77 -0.85 1.57 4.48
N LEU A 78 -0.71 1.64 5.80
CA LEU A 78 -0.37 0.46 6.59
C LEU A 78 -1.47 -0.58 6.48
N VAL A 79 -2.70 -0.11 6.51
CA VAL A 79 -3.86 -0.97 6.38
C VAL A 79 -3.89 -1.63 5.01
N MET A 80 -3.54 -0.87 3.98
CA MET A 80 -3.53 -1.42 2.62
C MET A 80 -2.65 -2.65 2.55
N MET A 81 -1.44 -2.55 3.10
CA MET A 81 -0.53 -3.68 3.08
C MET A 81 -1.04 -4.80 3.98
N VAL A 82 -1.53 -4.41 5.15
CA VAL A 82 -2.09 -5.36 6.11
C VAL A 82 -3.32 -6.04 5.51
N ARG A 83 -4.14 -5.26 4.81
CA ARG A 83 -5.34 -5.80 4.19
C ARG A 83 -4.97 -6.81 3.10
N SER A 84 -3.93 -6.49 2.33
CA SER A 84 -3.50 -7.38 1.25
C SER A 84 -3.12 -8.75 1.79
N MET A 85 -2.42 -8.78 2.92
CA MET A 85 -2.03 -10.04 3.51
C MET A 85 -3.19 -10.65 4.30
N LYS A 86 -3.93 -9.79 5.00
CA LYS A 86 -5.08 -10.23 5.78
C LYS A 86 -6.20 -10.70 4.87
N ASP A 87 -6.13 -10.32 3.60
CA ASP A 87 -7.15 -10.72 2.64
C ASP A 87 -7.21 -12.24 2.54
N ASP A 88 -6.06 -12.89 2.71
CA ASP A 88 -6.01 -14.34 2.63
C ASP A 88 -6.93 -14.97 3.68
N SER A 89 -6.96 -14.39 4.86
CA SER A 89 -7.80 -14.90 5.95
C SER A 89 -9.27 -14.84 5.56
N LYS A 90 -9.64 -13.82 4.79
CA LYS A 90 -11.02 -13.66 4.36
C LYS A 90 -11.37 -14.66 3.24
N GLY A 91 -10.56 -14.64 2.18
CA GLY A 91 -10.78 -15.55 1.06
C GLY A 91 -10.45 -16.99 1.44
N LYS A 92 -11.14 -17.94 0.82
CA LYS A 92 -10.91 -19.35 1.11
C LYS A 92 -12.00 -20.22 0.50
N PHE A 93 -13.20 -20.11 1.06
CA PHE A 93 -14.32 -20.91 0.57
C PHE A 93 -15.26 -20.07 -0.29
N LYS A 94 -14.80 -18.87 -0.66
CA LYS A 94 -15.61 -17.97 -1.47
C LYS A 94 -15.53 -18.37 -2.95
N ARG A 95 -16.70 -18.43 -3.60
CA ARG A 95 -16.77 -18.79 -5.00
C ARG A 95 -16.16 -17.69 -5.87
N PRO A 96 -15.94 -17.98 -7.11
CA PRO A 96 -15.33 -17.04 -8.08
C PRO A 96 -16.17 -15.77 -8.23
N THR A 97 -15.50 -14.62 -8.21
CA THR A 97 -16.20 -13.34 -8.34
C THR A 97 -15.25 -12.19 -8.05
N LEU A 98 -15.80 -10.97 -8.03
CA LEU A 98 -14.99 -9.78 -7.75
C LEU A 98 -13.94 -9.58 -8.85
N ARG A 99 -13.21 -8.48 -8.76
CA ARG A 99 -12.18 -8.18 -9.75
C ARG A 99 -10.83 -8.68 -9.28
N ARG A 100 -10.14 -9.41 -10.15
CA ARG A 100 -8.82 -9.95 -9.80
C ARG A 100 -7.79 -8.84 -9.74
N VAL A 101 -6.86 -8.95 -8.79
CA VAL A 101 -5.81 -7.95 -8.65
C VAL A 101 -4.45 -8.58 -8.93
N ARG A 102 -3.81 -8.11 -10.00
CA ARG A 102 -2.50 -8.64 -10.37
C ARG A 102 -1.39 -7.84 -9.71
N ILE A 103 -1.77 -6.91 -8.85
CA ILE A 103 -0.80 -6.08 -8.16
C ILE A 103 -0.66 -6.52 -6.71
N SER A 104 0.54 -6.93 -6.33
CA SER A 104 0.77 -7.37 -4.95
C SER A 104 1.32 -6.21 -4.15
N ALA A 105 0.77 -6.00 -2.97
CA ALA A 105 1.20 -4.90 -2.12
C ALA A 105 2.68 -5.07 -1.77
N ASP A 106 3.10 -6.30 -1.51
CA ASP A 106 4.49 -6.57 -1.18
C ASP A 106 5.41 -6.18 -2.35
N ALA A 107 4.98 -6.51 -3.57
CA ALA A 107 5.75 -6.18 -4.76
C ALA A 107 5.93 -4.67 -4.89
N MET A 108 4.86 -3.94 -4.60
CA MET A 108 4.90 -2.49 -4.67
C MET A 108 5.90 -1.93 -3.68
N MET A 109 5.97 -2.54 -2.51
CA MET A 109 6.89 -2.07 -1.48
C MET A 109 8.32 -2.13 -2.00
N GLN A 110 8.63 -3.21 -2.71
CA GLN A 110 9.96 -3.37 -3.26
C GLN A 110 10.26 -2.25 -4.26
N ALA A 111 9.26 -1.93 -5.10
CA ALA A 111 9.43 -0.87 -6.09
C ALA A 111 9.66 0.46 -5.42
N LEU A 112 8.92 0.72 -4.34
CA LEU A 112 9.04 1.97 -3.61
C LEU A 112 10.40 2.06 -2.92
N LEU A 113 10.82 0.95 -2.32
CA LEU A 113 12.09 0.89 -1.61
C LEU A 113 13.25 0.91 -2.60
N GLY A 114 13.07 0.22 -3.72
CA GLY A 114 14.10 0.14 -4.75
C GLY A 114 14.22 1.44 -5.53
N ALA A 115 14.32 2.54 -4.80
CA ALA A 115 14.45 3.84 -5.43
C ALA A 115 15.92 4.24 -5.57
N ARG A 116 16.77 3.57 -4.81
CA ARG A 116 18.20 3.86 -4.84
C ARG A 116 19.01 2.56 -4.76
N ALA A 117 18.32 1.45 -4.55
CA ALA A 117 18.99 0.16 -4.46
C ALA A 117 19.73 0.03 -3.13
N LYS A 118 19.15 -0.72 -2.20
CA LYS A 118 19.77 -0.91 -0.89
C LYS A 118 21.12 -1.60 -1.04
N GLY A 119 21.20 -2.57 -1.95
CA GLY A 119 22.44 -3.30 -2.18
C GLY A 119 22.43 -4.62 -1.45
N HIS A 120 21.45 -4.82 -0.59
CA HIS A 120 21.34 -6.07 0.16
C HIS A 120 19.87 -6.44 0.38
N HIS A 121 19.42 -7.47 -0.32
CA HIS A 121 18.03 -7.92 -0.19
C HIS A 121 17.88 -8.85 1.01
N HIS A 122 18.96 -9.54 1.35
CA HIS A 122 18.95 -10.47 2.47
C HIS A 122 17.64 -11.26 2.50
N HIS A 123 17.34 -11.94 1.40
CA HIS A 123 16.12 -12.72 1.31
C HIS A 123 14.90 -11.87 1.67
N HIS A 124 14.92 -10.61 1.23
CA HIS A 124 13.83 -9.70 1.55
C HIS A 124 13.78 -9.42 3.04
N HIS A 125 14.95 -9.22 3.64
CA HIS A 125 15.02 -8.94 5.07
C HIS A 125 13.94 -9.70 5.83
CA CA B . -8.86 6.97 3.17
CL1 WW6 C . -2.26 3.55 -3.07
C5 WW6 C . -3.05 2.08 -3.52
C6 WW6 C . -4.44 2.01 -3.38
C7 WW6 C . -5.12 0.87 -3.72
C8 WW6 C . -4.44 -0.24 -4.21
C9 WW6 C . -3.06 -0.21 -4.36
C10 WW6 C . -2.34 0.94 -4.02
C4 WW6 C . -0.94 0.94 -4.18
C3 WW6 C . -0.29 -0.18 -4.69
C2 WW6 C . -1.02 -1.32 -5.02
C1 WW6 C . -2.38 -1.35 -4.86
S1 WW6 C . -3.27 -2.82 -5.29
O1 WW6 C . -2.28 -3.92 -5.66
O2 WW6 C . -4.17 -2.52 -6.49
N1 WW6 C . -4.16 -3.30 -4.02
C11 WW6 C . -3.29 -3.84 -2.95
C12 WW6 C . -4.11 -4.24 -1.74
C13 WW6 C . -5.14 -5.31 -2.12
C14 WW6 C . -4.55 -6.71 -1.90
C15 WW6 C . -4.14 -7.32 -3.24
N2 WW6 C . -4.70 -8.66 -3.41
H6 WW6 C . -4.98 2.87 -2.99
H7 WW6 C . -6.21 0.84 -3.61
H8 WW6 C . -5.00 -1.13 -4.49
H4 WW6 C . -0.36 1.82 -3.93
H3 WW6 C . 0.79 -0.20 -4.82
H21 WW6 C . -0.50 -2.20 -5.40
H17 WW6 C . -4.81 -4.00 -4.31
H11 WW6 C . -2.57 -3.07 -2.66
H8L WW6 C . -2.75 -4.71 -3.33
H12 WW6 C . -4.60 -3.36 -1.35
H8M WW6 C . -3.43 -4.63 -0.97
H13 WW6 C . -5.42 -5.19 -3.16
H8O WW6 C . -6.02 -5.18 -1.49
H14 WW6 C . -5.30 -7.35 -1.42
H8N WW6 C . -3.68 -6.63 -1.25
H15 WW6 C . -3.05 -7.37 -3.29
H8P WW6 C . -4.50 -6.67 -4.04
H23 WW6 C . -4.58 -9.18 -2.56
H22 WW6 C . -4.24 -9.13 -4.15
H24 WW6 C . -5.69 -8.58 -3.62
N MET A 1 -12.17 0.28 6.92
CA MET A 1 -10.96 -0.10 7.70
C MET A 1 -11.36 -0.99 8.86
N ASP A 2 -11.06 -2.28 8.74
CA ASP A 2 -11.39 -3.24 9.79
C ASP A 2 -10.61 -2.94 11.05
N ASP A 3 -11.18 -3.29 12.20
CA ASP A 3 -10.51 -3.06 13.48
C ASP A 3 -9.18 -3.78 13.52
N ILE A 4 -9.16 -4.98 12.97
CA ILE A 4 -7.93 -5.78 12.94
C ILE A 4 -6.84 -5.03 12.18
N TYR A 5 -7.20 -4.45 11.04
CA TYR A 5 -6.23 -3.71 10.23
C TYR A 5 -5.66 -2.54 11.03
N LYS A 6 -6.53 -1.85 11.76
CA LYS A 6 -6.09 -0.72 12.56
C LYS A 6 -5.09 -1.18 13.60
N ALA A 7 -5.40 -2.29 14.26
CA ALA A 7 -4.53 -2.85 15.27
C ALA A 7 -3.21 -3.29 14.64
N ALA A 8 -3.29 -3.86 13.45
CA ALA A 8 -2.10 -4.34 12.76
C ALA A 8 -1.13 -3.19 12.53
N VAL A 9 -1.66 -2.04 12.14
CA VAL A 9 -0.81 -0.89 11.91
C VAL A 9 -0.10 -0.47 13.20
N GLU A 10 -0.87 -0.41 14.28
CA GLU A 10 -0.32 -0.04 15.58
C GLU A 10 0.53 -1.16 16.17
N GLN A 11 0.23 -2.39 15.75
CA GLN A 11 0.96 -3.56 16.24
C GLN A 11 2.40 -3.53 15.74
N LEU A 12 2.60 -3.03 14.53
CA LEU A 12 3.94 -2.96 13.97
C LEU A 12 4.88 -2.19 14.90
N THR A 13 6.09 -2.70 15.07
CA THR A 13 7.08 -2.07 15.94
C THR A 13 7.60 -0.78 15.28
N GLU A 14 8.52 -0.12 15.96
CA GLU A 14 9.09 1.12 15.43
C GLU A 14 9.73 0.87 14.07
N GLU A 15 10.53 -0.19 13.96
CA GLU A 15 11.19 -0.50 12.70
C GLU A 15 10.17 -0.82 11.60
N GLN A 16 9.16 -1.59 11.96
CA GLN A 16 8.11 -1.96 11.01
C GLN A 16 7.34 -0.73 10.56
N LYS A 17 7.01 0.14 11.52
CA LYS A 17 6.28 1.36 11.21
C LYS A 17 7.12 2.25 10.30
N ASN A 18 8.41 2.34 10.61
CA ASN A 18 9.32 3.16 9.80
C ASN A 18 9.41 2.62 8.38
N GLU A 19 9.47 1.30 8.27
CA GLU A 19 9.56 0.67 6.95
C GLU A 19 8.35 1.04 6.09
N PHE A 20 7.17 0.92 6.68
CA PHE A 20 5.94 1.26 5.96
C PHE A 20 5.83 2.77 5.77
N LYS A 21 6.24 3.51 6.79
CA LYS A 21 6.16 4.95 6.73
C LYS A 21 7.02 5.49 5.60
N ALA A 22 8.18 4.86 5.41
CA ALA A 22 9.10 5.30 4.36
C ALA A 22 8.42 5.23 3.00
N ALA A 23 7.68 4.14 2.77
CA ALA A 23 6.97 3.98 1.50
C ALA A 23 5.90 5.06 1.37
N PHE A 24 5.23 5.36 2.46
CA PHE A 24 4.18 6.38 2.46
C PHE A 24 4.75 7.72 2.01
N ASP A 25 5.86 8.12 2.62
CA ASP A 25 6.48 9.40 2.28
C ASP A 25 6.86 9.44 0.81
N ILE A 26 7.51 8.38 0.34
CA ILE A 26 7.92 8.31 -1.05
C ILE A 26 6.70 8.27 -1.96
N PHE A 27 5.69 7.52 -1.54
CA PHE A 27 4.47 7.40 -2.32
C PHE A 27 3.82 8.76 -2.53
N VAL A 28 3.78 9.56 -1.47
CA VAL A 28 3.19 10.88 -1.53
C VAL A 28 4.25 11.94 -1.86
N LEU A 29 5.28 11.53 -2.58
CA LEU A 29 6.36 12.45 -2.94
C LEU A 29 5.80 13.63 -3.73
N GLY A 30 5.83 14.81 -3.13
CA GLY A 30 5.33 16.00 -3.78
C GLY A 30 3.85 16.22 -3.47
N ALA A 31 3.26 15.29 -2.72
CA ALA A 31 1.85 15.40 -2.37
C ALA A 31 1.62 16.65 -1.51
N GLU A 32 0.61 17.43 -1.90
CA GLU A 32 0.28 18.64 -1.16
C GLU A 32 -0.33 18.30 0.20
N ASP A 33 -1.12 17.24 0.24
CA ASP A 33 -1.76 16.83 1.49
C ASP A 33 -0.87 15.83 2.24
N GLY A 34 0.11 15.28 1.53
CA GLY A 34 1.03 14.32 2.13
C GLY A 34 0.46 12.91 2.04
N SER A 35 -0.80 12.80 1.62
CA SER A 35 -1.46 11.51 1.48
C SER A 35 -1.30 10.98 0.06
N ILE A 36 -1.56 9.69 -0.12
CA ILE A 36 -1.43 9.08 -1.44
C ILE A 36 -2.76 9.11 -2.18
N SER A 37 -2.79 9.85 -3.29
CA SER A 37 -4.00 9.97 -4.08
C SER A 37 -3.79 9.34 -5.46
N THR A 38 -4.74 9.56 -6.35
CA THR A 38 -4.63 9.02 -7.70
C THR A 38 -3.39 9.55 -8.40
N LYS A 39 -3.09 10.83 -8.20
CA LYS A 39 -1.91 11.43 -8.83
C LYS A 39 -0.64 10.73 -8.36
N GLU A 40 -0.52 10.58 -7.05
CA GLU A 40 0.65 9.91 -6.47
C GLU A 40 0.61 8.42 -6.78
N LEU A 41 -0.59 7.85 -6.78
CA LEU A 41 -0.76 6.44 -7.05
C LEU A 41 -0.26 6.10 -8.45
N GLY A 42 -0.63 6.94 -9.41
CA GLY A 42 -0.19 6.74 -10.79
C GLY A 42 1.33 6.78 -10.89
N LYS A 43 1.95 7.70 -10.16
CA LYS A 43 3.41 7.82 -10.18
C LYS A 43 4.06 6.51 -9.75
N VAL A 44 3.60 5.97 -8.62
CA VAL A 44 4.15 4.71 -8.12
C VAL A 44 3.84 3.58 -9.07
N MET A 45 2.61 3.56 -9.58
CA MET A 45 2.19 2.52 -10.52
C MET A 45 3.04 2.57 -11.78
N ARG A 46 3.37 3.78 -12.23
CA ARG A 46 4.17 3.94 -13.42
C ARG A 46 5.53 3.30 -13.21
N MET A 47 6.07 3.46 -12.02
CA MET A 47 7.37 2.89 -11.71
C MET A 47 7.31 1.36 -11.79
N LEU A 48 6.19 0.80 -11.37
CA LEU A 48 6.01 -0.65 -11.37
C LEU A 48 5.71 -1.14 -12.78
N GLY A 49 5.55 -0.21 -13.72
CA GLY A 49 5.26 -0.56 -15.09
C GLY A 49 3.75 -0.56 -15.35
N GLN A 50 2.99 -0.07 -14.38
CA GLN A 50 1.53 -0.01 -14.52
C GLN A 50 1.07 1.41 -14.81
N ASN A 51 0.02 1.54 -15.59
CA ASN A 51 -0.51 2.86 -15.91
C ASN A 51 -2.01 2.90 -15.68
N PRO A 52 -2.43 2.75 -14.45
CA PRO A 52 -3.87 2.78 -14.08
C PRO A 52 -4.52 4.13 -14.34
N THR A 53 -5.79 4.11 -14.75
CA THR A 53 -6.52 5.34 -15.04
C THR A 53 -7.00 6.00 -13.76
N PRO A 54 -7.43 7.22 -13.85
CA PRO A 54 -7.92 7.97 -12.66
C PRO A 54 -8.99 7.22 -11.90
N GLU A 55 -9.93 6.62 -12.65
CA GLU A 55 -11.01 5.88 -12.03
C GLU A 55 -10.46 4.70 -11.23
N GLU A 56 -9.55 3.97 -11.86
CA GLU A 56 -8.91 2.83 -11.21
C GLU A 56 -8.10 3.30 -10.01
N LEU A 57 -7.43 4.44 -10.17
CA LEU A 57 -6.60 4.98 -9.10
C LEU A 57 -7.45 5.28 -7.86
N GLN A 58 -8.62 5.86 -8.09
CA GLN A 58 -9.53 6.17 -6.98
C GLN A 58 -10.05 4.89 -6.34
N GLU A 59 -10.43 3.93 -7.17
CA GLU A 59 -10.96 2.68 -6.66
C GLU A 59 -9.91 1.98 -5.79
N MET A 60 -8.67 2.00 -6.25
CA MET A 60 -7.58 1.36 -5.50
C MET A 60 -7.43 2.03 -4.14
N ILE A 61 -7.51 3.35 -4.12
CA ILE A 61 -7.39 4.09 -2.87
C ILE A 61 -8.60 3.80 -1.99
N ASP A 62 -9.76 3.66 -2.61
CA ASP A 62 -10.99 3.39 -1.89
C ASP A 62 -10.91 2.04 -1.19
N GLU A 63 -10.05 1.17 -1.70
CA GLU A 63 -9.89 -0.16 -1.13
C GLU A 63 -9.46 -0.06 0.33
N VAL A 64 -8.56 0.86 0.62
CA VAL A 64 -8.08 1.05 1.99
C VAL A 64 -8.58 2.38 2.54
N ASP A 65 -9.37 3.09 1.75
CA ASP A 65 -9.90 4.38 2.18
C ASP A 65 -11.40 4.29 2.44
N GLU A 66 -11.77 4.08 3.70
CA GLU A 66 -13.17 3.99 4.08
C GLU A 66 -13.72 5.33 4.50
N ASP A 67 -12.84 6.27 4.81
CA ASP A 67 -13.26 7.59 5.25
C ASP A 67 -13.76 8.41 4.07
N GLY A 68 -13.71 7.81 2.88
CA GLY A 68 -14.19 8.49 1.69
C GLY A 68 -13.26 9.65 1.30
N SER A 69 -12.08 9.69 1.92
CA SER A 69 -11.13 10.76 1.63
C SER A 69 -10.68 10.70 0.18
N GLY A 70 -10.78 9.52 -0.42
CA GLY A 70 -10.39 9.34 -1.81
C GLY A 70 -8.87 9.20 -1.94
N THR A 71 -8.18 9.23 -0.80
CA THR A 71 -6.73 9.10 -0.80
C THR A 71 -6.28 8.20 0.36
N VAL A 72 -5.08 7.64 0.23
CA VAL A 72 -4.53 6.78 1.27
C VAL A 72 -3.52 7.55 2.11
N ASP A 73 -3.82 7.71 3.39
CA ASP A 73 -2.94 8.42 4.30
C ASP A 73 -1.92 7.46 4.92
N PHE A 74 -1.22 7.92 5.95
CA PHE A 74 -0.24 7.07 6.62
C PHE A 74 -0.87 5.80 7.18
N ASP A 75 -1.96 5.95 7.92
CA ASP A 75 -2.64 4.81 8.49
C ASP A 75 -3.32 3.96 7.40
N GLU A 76 -3.77 4.64 6.35
CA GLU A 76 -4.44 3.96 5.24
C GLU A 76 -3.46 3.12 4.42
N PHE A 77 -2.28 3.66 4.13
CA PHE A 77 -1.31 2.92 3.36
C PHE A 77 -0.80 1.73 4.17
N LEU A 78 -0.70 1.91 5.49
CA LEU A 78 -0.25 0.83 6.37
C LEU A 78 -1.20 -0.35 6.31
N VAL A 79 -2.49 -0.06 6.32
CA VAL A 79 -3.51 -1.10 6.25
C VAL A 79 -3.38 -1.87 4.95
N MET A 80 -3.13 -1.16 3.85
CA MET A 80 -2.99 -1.82 2.56
C MET A 80 -1.88 -2.87 2.62
N MET A 81 -0.75 -2.50 3.21
CA MET A 81 0.38 -3.41 3.33
C MET A 81 0.00 -4.59 4.22
N VAL A 82 -0.69 -4.29 5.32
CA VAL A 82 -1.13 -5.32 6.25
C VAL A 82 -2.12 -6.26 5.58
N ARG A 83 -3.01 -5.71 4.77
CA ARG A 83 -4.01 -6.51 4.08
C ARG A 83 -3.33 -7.58 3.23
N SER A 84 -2.31 -7.18 2.46
CA SER A 84 -1.59 -8.13 1.63
C SER A 84 -0.83 -9.13 2.49
N MET A 85 -0.19 -8.64 3.56
CA MET A 85 0.58 -9.49 4.46
C MET A 85 -0.30 -10.56 5.09
N LYS A 86 -1.51 -10.18 5.49
CA LYS A 86 -2.44 -11.11 6.12
C LYS A 86 -3.13 -11.95 5.05
N ASP A 87 -2.88 -11.63 3.78
CA ASP A 87 -3.50 -12.36 2.68
C ASP A 87 -5.02 -12.39 2.84
N ASP A 88 -5.62 -11.22 3.04
CA ASP A 88 -7.07 -11.13 3.20
C ASP A 88 -7.78 -11.40 1.88
N SER A 89 -7.02 -11.36 0.79
CA SER A 89 -7.58 -11.60 -0.54
C SER A 89 -8.19 -13.00 -0.59
N LYS A 90 -7.51 -13.96 0.04
CA LYS A 90 -8.00 -15.33 0.06
C LYS A 90 -8.66 -15.66 1.39
N GLY A 91 -8.01 -15.25 2.49
CA GLY A 91 -8.53 -15.50 3.83
C GLY A 91 -9.56 -16.64 3.81
N LYS A 92 -9.09 -17.85 3.51
CA LYS A 92 -9.99 -19.00 3.46
C LYS A 92 -11.07 -18.79 2.41
N PHE A 93 -12.34 -18.88 2.83
CA PHE A 93 -13.45 -18.70 1.91
C PHE A 93 -14.13 -17.34 2.14
N LYS A 94 -13.45 -16.47 2.88
CA LYS A 94 -14.00 -15.14 3.16
C LYS A 94 -14.31 -14.39 1.87
N ARG A 95 -15.46 -13.74 1.83
CA ARG A 95 -15.86 -12.98 0.66
C ARG A 95 -15.81 -13.87 -0.59
N PRO A 96 -16.30 -13.37 -1.68
CA PRO A 96 -16.32 -14.10 -2.98
C PRO A 96 -14.92 -14.49 -3.45
N THR A 97 -13.91 -13.96 -2.76
CA THR A 97 -12.53 -14.25 -3.10
C THR A 97 -12.25 -13.90 -4.57
N LEU A 98 -11.01 -13.53 -4.87
CA LEU A 98 -10.66 -13.18 -6.24
C LEU A 98 -11.42 -11.95 -6.71
N ARG A 99 -11.05 -10.79 -6.17
CA ARG A 99 -11.73 -9.55 -6.54
C ARG A 99 -11.52 -9.24 -8.01
N ARG A 100 -10.33 -8.75 -8.34
CA ARG A 100 -10.01 -8.41 -9.73
C ARG A 100 -8.67 -7.66 -9.81
N VAL A 101 -7.87 -7.77 -8.77
CA VAL A 101 -6.56 -7.11 -8.73
C VAL A 101 -5.45 -8.13 -8.64
N ARG A 102 -4.59 -8.11 -9.63
CA ARG A 102 -3.47 -9.03 -9.68
C ARG A 102 -2.19 -8.38 -9.15
N ILE A 103 -2.25 -7.07 -8.97
CA ILE A 103 -1.10 -6.32 -8.47
C ILE A 103 -0.83 -6.67 -7.01
N SER A 104 0.42 -7.01 -6.72
CA SER A 104 0.79 -7.35 -5.36
C SER A 104 1.42 -6.14 -4.67
N ALA A 105 0.91 -5.80 -3.51
CA ALA A 105 1.43 -4.66 -2.77
C ALA A 105 2.90 -4.86 -2.48
N ASP A 106 3.28 -6.11 -2.22
CA ASP A 106 4.66 -6.43 -1.94
C ASP A 106 5.56 -6.05 -3.12
N ALA A 107 5.08 -6.33 -4.33
CA ALA A 107 5.84 -6.00 -5.54
C ALA A 107 6.05 -4.50 -5.64
N MET A 108 4.99 -3.75 -5.38
CA MET A 108 5.06 -2.29 -5.42
C MET A 108 6.00 -1.76 -4.35
N MET A 109 5.95 -2.38 -3.17
CA MET A 109 6.81 -1.95 -2.08
C MET A 109 8.27 -2.08 -2.48
N GLN A 110 8.58 -3.17 -3.17
CA GLN A 110 9.95 -3.41 -3.62
C GLN A 110 10.38 -2.30 -4.57
N ALA A 111 9.45 -1.90 -5.44
CA ALA A 111 9.73 -0.84 -6.40
C ALA A 111 10.04 0.47 -5.67
N LEU A 112 9.29 0.74 -4.61
CA LEU A 112 9.48 1.97 -3.84
C LEU A 112 10.74 1.87 -2.98
N LEU A 113 10.85 0.79 -2.21
CA LEU A 113 12.00 0.59 -1.34
C LEU A 113 13.27 0.34 -2.16
N GLY A 114 13.12 -0.43 -3.23
CA GLY A 114 14.25 -0.73 -4.10
C GLY A 114 15.01 -1.96 -3.60
N ALA A 115 15.99 -1.73 -2.74
CA ALA A 115 16.79 -2.83 -2.19
C ALA A 115 16.09 -3.44 -0.97
N ARG A 116 15.04 -2.78 -0.51
CA ARG A 116 14.31 -3.25 0.66
C ARG A 116 15.19 -3.22 1.91
N ALA A 117 15.62 -4.39 2.36
CA ALA A 117 16.47 -4.48 3.54
C ALA A 117 16.29 -5.83 4.24
N LYS A 118 15.47 -5.85 5.28
CA LYS A 118 15.24 -7.07 6.03
C LYS A 118 16.54 -7.62 6.59
N GLY A 119 17.54 -6.75 6.70
CA GLY A 119 18.83 -7.16 7.22
C GLY A 119 19.65 -7.90 6.16
N HIS A 120 20.76 -8.49 6.59
CA HIS A 120 21.62 -9.23 5.66
C HIS A 120 21.52 -10.73 5.92
N HIS A 121 21.70 -11.51 4.86
CA HIS A 121 21.62 -12.96 4.98
C HIS A 121 20.17 -13.41 5.12
N HIS A 122 19.94 -14.71 5.03
CA HIS A 122 18.59 -15.25 5.14
C HIS A 122 17.98 -14.89 6.49
N HIS A 123 18.79 -15.03 7.55
CA HIS A 123 18.33 -14.70 8.90
C HIS A 123 18.89 -13.36 9.34
N HIS A 124 18.22 -12.72 10.29
CA HIS A 124 18.65 -11.41 10.78
C HIS A 124 20.06 -11.52 11.36
N HIS A 125 20.88 -10.50 11.10
CA HIS A 125 22.24 -10.49 11.59
C HIS A 125 22.99 -11.74 11.15
CA CA B . -8.32 8.35 3.78
CL1 WW6 C . -1.61 3.76 -2.52
C5 WW6 C . -2.44 2.34 -3.10
C6 WW6 C . -3.78 2.20 -2.76
C7 WW6 C . -4.49 1.10 -3.18
C8 WW6 C . -3.88 0.11 -3.93
C9 WW6 C . -2.56 0.20 -4.29
C10 WW6 C . -1.80 1.32 -3.88
C4 WW6 C . -0.44 1.39 -4.25
C3 WW6 C . 0.14 0.37 -5.01
C2 WW6 C . -0.61 -0.72 -5.41
C1 WW6 C . -1.95 -0.83 -5.07
S1 WW6 C . -2.83 -2.27 -5.61
O1 WW6 C . -2.26 -2.71 -6.95
O2 WW6 C . -4.32 -2.00 -5.81
N1 WW6 C . -2.62 -3.48 -4.52
C11 WW6 C . -3.34 -3.18 -3.26
C12 WW6 C . -3.60 -4.46 -2.47
C13 WW6 C . -4.97 -4.38 -1.79
C14 WW6 C . -6.02 -5.07 -2.66
C15 WW6 C . -6.37 -6.43 -2.05
N2 WW6 C . -5.33 -7.42 -2.33
H6 WW6 C . -4.28 2.97 -2.17
H7 WW6 C . -5.55 1.01 -2.91
H8 WW6 C . -4.47 -0.75 -4.25
H4 WW6 C . 0.17 2.24 -3.94
H3 WW6 C . 1.19 0.43 -5.29
H21 WW6 C . -0.15 -1.51 -6.00
H17 WW6 C . -1.65 -3.59 -4.32
H11 WW6 C . -4.30 -2.70 -3.50
H8L WW6 C . -2.74 -2.49 -2.66
H12 WW6 C . -2.81 -4.57 -1.72
H8M WW6 C . -3.56 -5.30 -3.14
H13 WW6 C . -5.24 -3.34 -1.64
H8O WW6 C . -4.90 -4.87 -0.81
H14 WW6 C . -5.62 -5.21 -3.66
H8N WW6 C . -6.91 -4.44 -2.70
H15 WW6 C . -7.32 -6.77 -2.47
H8P WW6 C . -6.49 -6.31 -0.97
H23 WW6 C . -4.64 -7.03 -2.95
H22 WW6 C . -5.74 -8.23 -2.77
H24 WW6 C . -4.88 -7.69 -1.48
N MET A 1 -11.27 0.29 5.89
CA MET A 1 -10.25 0.19 6.98
C MET A 1 -10.90 -0.38 8.23
N ASP A 2 -10.84 -1.71 8.37
CA ASP A 2 -11.43 -2.37 9.54
C ASP A 2 -10.61 -2.10 10.79
N ASP A 3 -11.22 -2.34 11.95
CA ASP A 3 -10.52 -2.12 13.21
C ASP A 3 -9.28 -3.00 13.30
N ILE A 4 -9.41 -4.22 12.81
CA ILE A 4 -8.30 -5.17 12.83
C ILE A 4 -7.11 -4.60 12.04
N TYR A 5 -7.40 -3.99 10.89
CA TYR A 5 -6.34 -3.41 10.07
C TYR A 5 -5.67 -2.26 10.82
N LYS A 6 -6.48 -1.43 11.48
CA LYS A 6 -5.95 -0.30 12.23
C LYS A 6 -5.06 -0.81 13.37
N ALA A 7 -5.53 -1.83 14.05
CA ALA A 7 -4.78 -2.42 15.15
C ALA A 7 -3.47 -3.00 14.63
N ALA A 8 -3.52 -3.59 13.44
CA ALA A 8 -2.33 -4.18 12.85
C ALA A 8 -1.25 -3.12 12.65
N VAL A 9 -1.66 -1.93 12.23
CA VAL A 9 -0.70 -0.86 12.02
C VAL A 9 0.00 -0.51 13.32
N GLU A 10 -0.77 -0.40 14.39
CA GLU A 10 -0.22 -0.09 15.70
C GLU A 10 0.67 -1.23 16.20
N GLN A 11 0.28 -2.45 15.85
CA GLN A 11 1.03 -3.63 16.28
C GLN A 11 2.40 -3.67 15.62
N LEU A 12 2.48 -3.26 14.36
CA LEU A 12 3.74 -3.24 13.63
C LEU A 12 4.88 -2.83 14.56
N THR A 13 6.07 -3.37 14.30
CA THR A 13 7.24 -3.06 15.10
C THR A 13 7.87 -1.75 14.62
N GLU A 14 8.97 -1.36 15.26
CA GLU A 14 9.66 -0.12 14.89
C GLU A 14 10.09 -0.16 13.42
N GLU A 15 10.70 -1.26 13.01
CA GLU A 15 11.15 -1.39 11.63
C GLU A 15 9.97 -1.44 10.67
N GLN A 16 8.92 -2.16 11.05
CA GLN A 16 7.75 -2.27 10.20
C GLN A 16 7.10 -0.92 9.97
N LYS A 17 6.92 -0.16 11.05
CA LYS A 17 6.33 1.17 10.94
C LYS A 17 7.21 2.08 10.11
N ASN A 18 8.51 2.02 10.35
CA ASN A 18 9.46 2.85 9.62
C ASN A 18 9.49 2.44 8.14
N GLU A 19 9.53 1.14 7.90
CA GLU A 19 9.57 0.64 6.52
C GLU A 19 8.34 1.08 5.75
N PHE A 20 7.17 0.88 6.35
CA PHE A 20 5.92 1.27 5.71
C PHE A 20 5.83 2.77 5.59
N LYS A 21 6.29 3.46 6.63
CA LYS A 21 6.24 4.91 6.64
C LYS A 21 7.08 5.47 5.49
N ALA A 22 8.23 4.86 5.24
CA ALA A 22 9.11 5.30 4.17
C ALA A 22 8.38 5.22 2.84
N ALA A 23 7.69 4.11 2.60
CA ALA A 23 6.93 3.94 1.37
C ALA A 23 5.85 5.00 1.25
N PHE A 24 5.21 5.31 2.38
CA PHE A 24 4.17 6.33 2.41
C PHE A 24 4.71 7.66 1.91
N ASP A 25 5.88 8.05 2.42
CA ASP A 25 6.49 9.30 2.01
C ASP A 25 6.75 9.33 0.51
N ILE A 26 7.34 8.24 0.00
CA ILE A 26 7.64 8.14 -1.42
C ILE A 26 6.35 8.16 -2.23
N PHE A 27 5.35 7.43 -1.75
CA PHE A 27 4.07 7.38 -2.45
C PHE A 27 3.45 8.76 -2.54
N VAL A 28 3.49 9.51 -1.45
CA VAL A 28 2.92 10.84 -1.42
C VAL A 28 4.00 11.90 -1.71
N LEU A 29 5.01 11.50 -2.46
CA LEU A 29 6.10 12.41 -2.79
C LEU A 29 5.55 13.69 -3.43
N GLY A 30 5.70 14.80 -2.72
CA GLY A 30 5.21 16.09 -3.23
C GLY A 30 3.73 16.27 -2.92
N ALA A 31 3.13 15.29 -2.25
CA ALA A 31 1.71 15.38 -1.90
C ALA A 31 1.46 16.58 -1.00
N GLU A 32 0.49 17.41 -1.40
CA GLU A 32 0.16 18.59 -0.62
C GLU A 32 -0.43 18.20 0.74
N ASP A 33 -1.27 17.16 0.74
CA ASP A 33 -1.89 16.70 1.98
C ASP A 33 -1.04 15.62 2.63
N GLY A 34 -0.08 15.09 1.87
CA GLY A 34 0.79 14.05 2.37
C GLY A 34 0.15 12.67 2.20
N SER A 35 -1.11 12.65 1.78
CA SER A 35 -1.82 11.40 1.58
C SER A 35 -1.61 10.89 0.16
N ILE A 36 -1.72 9.59 -0.03
CA ILE A 36 -1.52 8.99 -1.34
C ILE A 36 -2.82 9.01 -2.13
N SER A 37 -2.84 9.79 -3.20
CA SER A 37 -4.02 9.90 -4.04
C SER A 37 -3.78 9.28 -5.41
N THR A 38 -4.71 9.51 -6.33
CA THR A 38 -4.56 8.96 -7.68
C THR A 38 -3.36 9.58 -8.39
N LYS A 39 -3.18 10.89 -8.24
CA LYS A 39 -2.06 11.56 -8.88
C LYS A 39 -0.74 10.97 -8.39
N GLU A 40 -0.60 10.85 -7.07
CA GLU A 40 0.59 10.27 -6.49
C GLU A 40 0.64 8.77 -6.75
N LEU A 41 -0.52 8.13 -6.68
CA LEU A 41 -0.62 6.69 -6.92
C LEU A 41 -0.19 6.36 -8.34
N GLY A 42 -0.67 7.15 -9.28
CA GLY A 42 -0.33 6.94 -10.68
C GLY A 42 1.17 7.04 -10.90
N LYS A 43 1.80 8.00 -10.23
CA LYS A 43 3.25 8.18 -10.36
C LYS A 43 3.98 6.91 -9.93
N VAL A 44 3.61 6.39 -8.76
CA VAL A 44 4.23 5.16 -8.26
C VAL A 44 3.87 3.98 -9.15
N MET A 45 2.63 3.93 -9.60
CA MET A 45 2.18 2.84 -10.45
C MET A 45 3.00 2.81 -11.74
N ARG A 46 3.30 3.99 -12.27
CA ARG A 46 4.09 4.09 -13.48
C ARG A 46 5.49 3.53 -13.24
N MET A 47 6.01 3.77 -12.05
CA MET A 47 7.34 3.28 -11.69
C MET A 47 7.38 1.76 -11.75
N LEU A 48 6.30 1.12 -11.30
CA LEU A 48 6.22 -0.34 -11.30
C LEU A 48 5.89 -0.86 -12.70
N GLY A 49 5.86 0.06 -13.67
CA GLY A 49 5.56 -0.32 -15.05
C GLY A 49 4.05 -0.33 -15.29
N GLN A 50 3.29 0.08 -14.27
CA GLN A 50 1.84 0.12 -14.39
C GLN A 50 1.35 1.55 -14.60
N ASN A 51 0.35 1.71 -15.45
CA ASN A 51 -0.20 3.03 -15.72
C ASN A 51 -1.71 3.01 -15.61
N PRO A 52 -2.22 2.76 -14.43
CA PRO A 52 -3.69 2.73 -14.18
C PRO A 52 -4.34 4.10 -14.36
N THR A 53 -5.60 4.08 -14.79
CA THR A 53 -6.35 5.32 -15.00
C THR A 53 -6.87 5.87 -13.69
N PRO A 54 -7.31 7.10 -13.68
CA PRO A 54 -7.84 7.76 -12.47
C PRO A 54 -8.93 6.93 -11.80
N GLU A 55 -9.80 6.33 -12.62
CA GLU A 55 -10.87 5.51 -12.08
C GLU A 55 -10.32 4.33 -11.30
N GLU A 56 -9.35 3.65 -11.88
CA GLU A 56 -8.72 2.51 -11.22
C GLU A 56 -7.94 2.99 -10.00
N LEU A 57 -7.29 4.15 -10.13
CA LEU A 57 -6.52 4.71 -9.03
C LEU A 57 -7.41 5.00 -7.83
N GLN A 58 -8.58 5.56 -8.11
CA GLN A 58 -9.54 5.87 -7.04
C GLN A 58 -10.09 4.60 -6.41
N GLU A 59 -10.41 3.62 -7.27
CA GLU A 59 -10.96 2.37 -6.77
C GLU A 59 -9.97 1.69 -5.82
N MET A 60 -8.70 1.64 -6.23
CA MET A 60 -7.67 1.02 -5.42
C MET A 60 -7.52 1.79 -4.10
N ILE A 61 -7.57 3.11 -4.20
CA ILE A 61 -7.46 3.94 -3.01
C ILE A 61 -8.71 3.79 -2.14
N ASP A 62 -9.84 3.59 -2.79
CA ASP A 62 -11.11 3.44 -2.08
C ASP A 62 -11.07 2.20 -1.20
N GLU A 63 -10.43 1.15 -1.70
CA GLU A 63 -10.35 -0.10 -0.95
C GLU A 63 -9.61 0.11 0.36
N VAL A 64 -8.51 0.86 0.32
CA VAL A 64 -7.72 1.14 1.50
C VAL A 64 -8.26 2.35 2.24
N ASP A 65 -9.24 3.01 1.62
CA ASP A 65 -9.85 4.20 2.22
C ASP A 65 -11.17 3.84 2.90
N GLU A 66 -11.24 4.09 4.21
CA GLU A 66 -12.44 3.79 4.97
C GLU A 66 -13.40 4.98 4.99
N ASP A 67 -12.85 6.18 5.13
CA ASP A 67 -13.68 7.37 5.18
C ASP A 67 -14.15 7.76 3.78
N GLY A 68 -13.72 7.01 2.78
CA GLY A 68 -14.12 7.27 1.41
C GLY A 68 -13.55 8.60 0.92
N SER A 69 -12.49 9.05 1.57
CA SER A 69 -11.86 10.31 1.20
C SER A 69 -11.30 10.25 -0.22
N GLY A 70 -11.12 9.03 -0.70
CA GLY A 70 -10.59 8.83 -2.06
C GLY A 70 -9.07 8.86 -2.05
N THR A 71 -8.48 8.96 -0.86
CA THR A 71 -7.03 9.00 -0.72
C THR A 71 -6.58 8.08 0.40
N VAL A 72 -5.32 7.66 0.36
CA VAL A 72 -4.77 6.79 1.39
C VAL A 72 -3.69 7.54 2.18
N ASP A 73 -3.95 7.78 3.46
CA ASP A 73 -3.00 8.48 4.31
C ASP A 73 -2.00 7.49 4.92
N PHE A 74 -1.27 7.95 5.94
CA PHE A 74 -0.28 7.10 6.59
C PHE A 74 -0.92 5.83 7.13
N ASP A 75 -2.01 5.98 7.86
CA ASP A 75 -2.70 4.83 8.42
C ASP A 75 -3.36 4.00 7.32
N GLU A 76 -3.84 4.68 6.29
CA GLU A 76 -4.51 4.00 5.19
C GLU A 76 -3.53 3.17 4.37
N PHE A 77 -2.35 3.73 4.07
CA PHE A 77 -1.37 3.01 3.27
C PHE A 77 -0.85 1.80 4.06
N LEU A 78 -0.76 1.96 5.38
CA LEU A 78 -0.30 0.87 6.23
C LEU A 78 -1.28 -0.30 6.17
N VAL A 79 -2.56 0.02 6.14
CA VAL A 79 -3.59 -1.01 6.06
C VAL A 79 -3.44 -1.81 4.78
N MET A 80 -3.29 -1.13 3.64
CA MET A 80 -3.14 -1.84 2.38
C MET A 80 -2.08 -2.92 2.51
N MET A 81 -0.93 -2.56 3.08
CA MET A 81 0.16 -3.51 3.25
C MET A 81 -0.27 -4.66 4.16
N VAL A 82 -0.93 -4.29 5.25
CA VAL A 82 -1.42 -5.27 6.21
C VAL A 82 -2.52 -6.14 5.61
N ARG A 83 -3.38 -5.50 4.81
CA ARG A 83 -4.49 -6.22 4.20
C ARG A 83 -3.98 -7.40 3.38
N SER A 84 -2.94 -7.15 2.58
CA SER A 84 -2.37 -8.21 1.77
C SER A 84 -1.80 -9.31 2.67
N MET A 85 -1.08 -8.90 3.71
CA MET A 85 -0.48 -9.87 4.63
C MET A 85 -1.57 -10.64 5.39
N LYS A 86 -2.60 -9.92 5.82
CA LYS A 86 -3.69 -10.54 6.57
C LYS A 86 -4.48 -11.48 5.68
N ASP A 87 -4.67 -11.09 4.42
CA ASP A 87 -5.41 -11.91 3.47
C ASP A 87 -4.72 -13.26 3.28
N ASP A 88 -3.40 -13.24 3.20
CA ASP A 88 -2.65 -14.48 3.01
C ASP A 88 -2.72 -15.34 4.28
N SER A 89 -2.58 -14.70 5.44
CA SER A 89 -2.62 -15.41 6.71
C SER A 89 -4.03 -15.91 7.02
N LYS A 90 -5.02 -15.04 6.80
CA LYS A 90 -6.41 -15.39 7.06
C LYS A 90 -7.10 -15.88 5.80
N GLY A 91 -6.38 -15.81 4.68
CA GLY A 91 -6.93 -16.25 3.40
C GLY A 91 -7.84 -15.18 2.81
N LYS A 92 -8.39 -15.46 1.63
CA LYS A 92 -9.29 -14.52 0.97
C LYS A 92 -10.65 -15.16 0.73
N PHE A 93 -10.71 -16.48 0.89
CA PHE A 93 -11.97 -17.21 0.69
C PHE A 93 -12.45 -17.03 -0.75
N LYS A 94 -11.59 -16.49 -1.60
CA LYS A 94 -11.94 -16.28 -3.00
C LYS A 94 -10.81 -16.73 -3.92
N ARG A 95 -11.12 -17.58 -4.89
CA ARG A 95 -10.13 -18.07 -5.84
C ARG A 95 -10.04 -17.15 -7.05
N PRO A 96 -9.01 -17.28 -7.82
CA PRO A 96 -8.79 -16.45 -9.04
C PRO A 96 -9.95 -16.57 -10.01
N THR A 97 -10.48 -15.42 -10.44
CA THR A 97 -11.59 -15.41 -11.38
C THR A 97 -12.44 -14.15 -11.19
N LEU A 98 -12.06 -13.32 -10.22
CA LEU A 98 -12.78 -12.09 -9.94
C LEU A 98 -11.86 -11.06 -9.29
N ARG A 99 -12.05 -9.79 -9.63
CA ARG A 99 -11.23 -8.73 -9.05
C ARG A 99 -9.75 -8.99 -9.33
N ARG A 100 -9.10 -9.68 -8.39
CA ARG A 100 -7.68 -9.99 -8.54
C ARG A 100 -6.85 -8.71 -8.61
N VAL A 101 -5.65 -8.76 -8.05
CA VAL A 101 -4.78 -7.59 -8.06
C VAL A 101 -3.42 -7.96 -8.64
N ARG A 102 -3.10 -7.40 -9.80
CA ARG A 102 -1.83 -7.69 -10.46
C ARG A 102 -0.68 -7.01 -9.73
N ILE A 103 -1.01 -6.27 -8.68
CA ILE A 103 0.00 -5.57 -7.90
C ILE A 103 0.04 -6.09 -6.46
N SER A 104 1.20 -6.55 -6.03
CA SER A 104 1.37 -7.05 -4.67
C SER A 104 1.98 -5.98 -3.79
N ALA A 105 1.41 -5.78 -2.61
CA ALA A 105 1.90 -4.77 -1.70
C ALA A 105 3.36 -5.05 -1.33
N ASP A 106 3.68 -6.33 -1.14
CA ASP A 106 5.04 -6.71 -0.80
C ASP A 106 5.99 -6.28 -1.91
N ALA A 107 5.62 -6.58 -3.15
CA ALA A 107 6.43 -6.20 -4.30
C ALA A 107 6.52 -4.68 -4.41
N MET A 108 5.48 -4.01 -3.96
CA MET A 108 5.43 -2.55 -4.00
C MET A 108 6.59 -1.98 -3.19
N MET A 109 6.91 -2.63 -2.06
CA MET A 109 7.98 -2.15 -1.19
C MET A 109 9.29 -2.10 -1.96
N GLN A 110 9.58 -3.13 -2.74
CA GLN A 110 10.81 -3.19 -3.52
C GLN A 110 10.82 -2.09 -4.58
N ALA A 111 9.66 -1.84 -5.18
CA ALA A 111 9.57 -0.80 -6.21
C ALA A 111 9.94 0.56 -5.64
N LEU A 112 9.51 0.82 -4.41
CA LEU A 112 9.81 2.11 -3.79
C LEU A 112 11.18 2.09 -3.12
N LEU A 113 11.43 1.04 -2.32
CA LEU A 113 12.70 0.91 -1.62
C LEU A 113 13.83 0.66 -2.61
N GLY A 114 13.53 -0.14 -3.63
CA GLY A 114 14.53 -0.47 -4.65
C GLY A 114 15.77 0.40 -4.52
N ALA A 115 16.64 0.02 -3.60
CA ALA A 115 17.87 0.78 -3.37
C ALA A 115 18.98 -0.14 -2.88
N ARG A 116 20.11 -0.09 -3.57
CA ARG A 116 21.26 -0.92 -3.21
C ARG A 116 22.01 -0.32 -2.02
N ALA A 117 21.52 0.81 -1.52
CA ALA A 117 22.15 1.47 -0.40
C ALA A 117 22.19 0.56 0.82
N LYS A 118 21.12 -0.20 1.03
CA LYS A 118 21.05 -1.13 2.15
C LYS A 118 20.42 -2.44 1.72
N GLY A 119 19.68 -2.42 0.62
CA GLY A 119 19.03 -3.61 0.11
C GLY A 119 18.11 -4.23 1.16
N HIS A 120 18.18 -5.54 1.30
CA HIS A 120 17.35 -6.23 2.29
C HIS A 120 18.15 -7.32 3.00
N HIS A 121 19.47 -7.17 3.01
CA HIS A 121 20.34 -8.15 3.65
C HIS A 121 20.35 -7.95 5.16
N HIS A 122 20.63 -9.03 5.90
CA HIS A 122 20.68 -8.96 7.36
C HIS A 122 19.35 -8.48 7.92
N HIS A 123 19.01 -8.95 9.12
CA HIS A 123 17.76 -8.57 9.75
C HIS A 123 17.73 -7.07 10.00
N HIS A 124 18.81 -6.53 10.55
CA HIS A 124 18.90 -5.11 10.83
C HIS A 124 20.34 -4.71 11.15
N HIS A 125 21.28 -5.59 10.83
CA HIS A 125 22.68 -5.32 11.10
C HIS A 125 22.87 -4.74 12.50
CA CA B . -9.23 7.88 3.00
CL1 WW6 C . -1.98 4.14 -1.99
C5 WW6 C . -2.63 2.66 -2.64
C6 WW6 C . -4.02 2.52 -2.68
C7 WW6 C . -4.59 1.38 -3.18
C8 WW6 C . -3.80 0.36 -3.66
C9 WW6 C . -2.42 0.45 -3.64
C10 WW6 C . -1.81 1.60 -3.13
C4 WW6 C . -0.40 1.68 -3.13
C3 WW6 C . 0.36 0.62 -3.62
C2 WW6 C . -0.25 -0.50 -4.11
C1 WW6 C . -1.63 -0.59 -4.13
S1 WW6 C . -2.37 -2.07 -4.78
O1 WW6 C . -1.29 -2.97 -5.38
O2 WW6 C . -3.37 -1.69 -5.87
N1 WW6 C . -3.14 -2.86 -3.58
C11 WW6 C . -2.16 -3.37 -2.60
C12 WW6 C . -2.83 -4.21 -1.52
C13 WW6 C . -3.87 -3.37 -0.77
C14 WW6 C . -5.26 -3.58 -1.38
C15 WW6 C . -6.31 -3.60 -0.27
N2 WW6 C . -7.44 -4.47 -0.65
H6 WW6 C . -4.66 3.32 -2.30
H7 WW6 C . -5.68 1.28 -3.20
H8 WW6 C . -4.27 -0.54 -4.05
H4 WW6 C . 0.09 2.57 -2.73
H3 WW6 C . 1.45 0.69 -3.61
H21 WW6 C . 0.34 -1.33 -4.50
H17 WW6 C . -3.66 -3.63 -3.95
H11 WW6 C . -1.67 -2.51 -2.12
H8L WW6 C . -1.41 -3.97 -3.11
H12 WW6 C . -2.08 -4.57 -0.83
H8M WW6 C . -3.33 -5.07 -1.99
H13 WW6 C . -3.60 -2.32 -0.83
H8O WW6 C . -3.88 -3.67 0.28
H14 WW6 C . -5.28 -4.51 -1.94
H8N WW6 C . -5.47 -2.76 -2.07
H15 WW6 C . -6.66 -2.60 -0.09
H8P WW6 C . -5.85 -3.99 0.64
H23 WW6 C . -8.28 -3.92 -0.66
H22 WW6 C . -7.53 -5.21 0.01
H24 WW6 C . -7.29 -4.85 -1.55
N MET A 1 -12.04 -0.26 7.14
CA MET A 1 -10.90 -0.36 8.11
C MET A 1 -11.29 -1.30 9.24
N ASP A 2 -10.89 -2.56 9.11
CA ASP A 2 -11.20 -3.57 10.13
C ASP A 2 -10.41 -3.29 11.40
N ASP A 3 -10.92 -3.77 12.53
CA ASP A 3 -10.26 -3.57 13.82
C ASP A 3 -8.86 -4.17 13.79
N ILE A 4 -8.70 -5.20 12.97
CA ILE A 4 -7.40 -5.86 12.85
C ILE A 4 -6.41 -4.96 12.11
N TYR A 5 -6.90 -4.29 11.06
CA TYR A 5 -6.05 -3.41 10.29
C TYR A 5 -5.50 -2.29 11.17
N LYS A 6 -6.36 -1.70 11.99
CA LYS A 6 -5.93 -0.63 12.88
C LYS A 6 -4.92 -1.17 13.90
N ALA A 7 -5.24 -2.35 14.44
CA ALA A 7 -4.35 -2.98 15.42
C ALA A 7 -3.05 -3.39 14.75
N ALA A 8 -3.15 -3.86 13.51
CA ALA A 8 -1.97 -4.29 12.77
C ALA A 8 -0.99 -3.14 12.62
N VAL A 9 -1.51 -1.95 12.32
CA VAL A 9 -0.66 -0.78 12.17
C VAL A 9 0.08 -0.51 13.47
N GLU A 10 -0.66 -0.54 14.58
CA GLU A 10 -0.05 -0.30 15.89
C GLU A 10 0.77 -1.51 16.34
N GLN A 11 0.43 -2.68 15.81
CA GLN A 11 1.13 -3.91 16.16
C GLN A 11 2.56 -3.89 15.62
N LEU A 12 2.75 -3.22 14.50
CA LEU A 12 4.08 -3.14 13.88
C LEU A 12 5.07 -2.51 14.85
N THR A 13 6.28 -3.06 14.88
CA THR A 13 7.33 -2.55 15.76
C THR A 13 7.93 -1.26 15.18
N GLU A 14 8.92 -0.72 15.88
CA GLU A 14 9.56 0.52 15.43
C GLU A 14 10.14 0.34 14.03
N GLU A 15 10.84 -0.78 13.81
CA GLU A 15 11.44 -1.04 12.50
C GLU A 15 10.35 -1.19 11.43
N GLN A 16 9.29 -1.91 11.76
CA GLN A 16 8.20 -2.12 10.81
C GLN A 16 7.51 -0.81 10.49
N LYS A 17 7.26 0.00 11.52
CA LYS A 17 6.61 1.29 11.32
C LYS A 17 7.49 2.19 10.46
N ASN A 18 8.80 2.16 10.71
CA ASN A 18 9.72 2.97 9.95
C ASN A 18 9.69 2.59 8.48
N GLU A 19 9.64 1.28 8.21
CA GLU A 19 9.61 0.79 6.84
C GLU A 19 8.36 1.29 6.11
N PHE A 20 7.22 1.14 6.76
CA PHE A 20 5.96 1.59 6.17
C PHE A 20 5.94 3.12 6.09
N LYS A 21 6.45 3.77 7.12
CA LYS A 21 6.45 5.22 7.15
C LYS A 21 7.24 5.77 5.97
N ALA A 22 8.37 5.13 5.67
CA ALA A 22 9.22 5.56 4.57
C ALA A 22 8.44 5.46 3.25
N ALA A 23 7.69 4.37 3.10
CA ALA A 23 6.90 4.16 1.89
C ALA A 23 5.86 5.26 1.76
N PHE A 24 5.24 5.64 2.88
CA PHE A 24 4.24 6.69 2.88
C PHE A 24 4.81 7.99 2.35
N ASP A 25 5.98 8.37 2.85
CA ASP A 25 6.62 9.60 2.42
C ASP A 25 6.90 9.56 0.92
N ILE A 26 7.46 8.45 0.45
CA ILE A 26 7.77 8.29 -0.97
C ILE A 26 6.49 8.23 -1.78
N PHE A 27 5.50 7.50 -1.27
CA PHE A 27 4.22 7.35 -1.96
C PHE A 27 3.56 8.71 -2.13
N VAL A 28 3.68 9.55 -1.11
CA VAL A 28 3.08 10.88 -1.17
C VAL A 28 4.10 11.91 -1.63
N LEU A 29 5.09 11.47 -2.42
CA LEU A 29 6.11 12.37 -2.92
C LEU A 29 5.48 13.51 -3.70
N GLY A 30 5.61 14.72 -3.16
CA GLY A 30 5.06 15.91 -3.82
C GLY A 30 3.60 16.12 -3.42
N ALA A 31 3.06 15.18 -2.66
CA ALA A 31 1.67 15.28 -2.24
C ALA A 31 1.48 16.45 -1.28
N GLU A 32 0.62 17.39 -1.67
CA GLU A 32 0.36 18.56 -0.83
C GLU A 32 -0.25 18.14 0.50
N ASP A 33 -1.24 17.25 0.44
CA ASP A 33 -1.91 16.77 1.65
C ASP A 33 -1.03 15.76 2.38
N GLY A 34 -0.02 15.25 1.68
CA GLY A 34 0.88 14.28 2.25
C GLY A 34 0.34 12.86 2.09
N SER A 35 -0.88 12.75 1.61
CA SER A 35 -1.50 11.44 1.42
C SER A 35 -1.30 10.98 -0.02
N ILE A 36 -1.67 9.73 -0.29
CA ILE A 36 -1.51 9.17 -1.63
C ILE A 36 -2.81 9.30 -2.43
N SER A 37 -2.74 10.00 -3.55
CA SER A 37 -3.92 10.19 -4.40
C SER A 37 -3.71 9.53 -5.74
N THR A 38 -4.62 9.79 -6.68
CA THR A 38 -4.52 9.20 -7.99
C THR A 38 -3.22 9.64 -8.68
N LYS A 39 -2.80 10.87 -8.43
CA LYS A 39 -1.57 11.36 -9.04
C LYS A 39 -0.38 10.52 -8.55
N GLU A 40 -0.31 10.32 -7.24
CA GLU A 40 0.76 9.51 -6.66
C GLU A 40 0.57 8.05 -7.04
N LEU A 41 -0.69 7.62 -7.07
CA LEU A 41 -1.01 6.24 -7.40
C LEU A 41 -0.49 5.90 -8.79
N GLY A 42 -0.76 6.76 -9.75
CA GLY A 42 -0.32 6.53 -11.12
C GLY A 42 1.19 6.45 -11.19
N LYS A 43 1.88 7.33 -10.47
CA LYS A 43 3.34 7.33 -10.47
C LYS A 43 3.88 5.99 -9.98
N VAL A 44 3.35 5.51 -8.86
CA VAL A 44 3.80 4.24 -8.30
C VAL A 44 3.46 3.09 -9.25
N MET A 45 2.26 3.10 -9.79
CA MET A 45 1.84 2.06 -10.71
C MET A 45 2.74 2.02 -11.94
N ARG A 46 3.11 3.19 -12.43
CA ARG A 46 3.96 3.28 -13.61
C ARG A 46 5.30 2.60 -13.33
N MET A 47 5.79 2.80 -12.10
CA MET A 47 7.05 2.19 -11.71
C MET A 47 6.93 0.66 -11.71
N LEU A 48 5.76 0.17 -11.33
CA LEU A 48 5.52 -1.27 -11.27
C LEU A 48 5.34 -1.82 -12.67
N GLY A 49 5.24 -0.94 -13.66
CA GLY A 49 5.06 -1.35 -15.04
C GLY A 49 3.59 -1.25 -15.46
N GLN A 50 2.76 -0.72 -14.57
CA GLN A 50 1.34 -0.57 -14.87
C GLN A 50 1.01 0.88 -15.19
N ASN A 51 -0.05 1.08 -15.97
CA ASN A 51 -0.47 2.42 -16.34
C ASN A 51 -1.97 2.59 -16.13
N PRO A 52 -2.41 2.49 -14.90
CA PRO A 52 -3.85 2.65 -14.55
C PRO A 52 -4.34 4.07 -14.77
N THR A 53 -5.60 4.20 -15.17
CA THR A 53 -6.20 5.50 -15.42
C THR A 53 -6.60 6.17 -14.10
N PRO A 54 -6.83 7.46 -14.14
CA PRO A 54 -7.24 8.22 -12.92
C PRO A 54 -8.41 7.57 -12.20
N GLU A 55 -9.38 7.08 -12.98
CA GLU A 55 -10.54 6.43 -12.39
C GLU A 55 -10.12 5.21 -11.58
N GLU A 56 -9.24 4.40 -12.17
CA GLU A 56 -8.75 3.21 -11.50
C GLU A 56 -7.90 3.59 -10.28
N LEU A 57 -7.16 4.68 -10.42
CA LEU A 57 -6.29 5.14 -9.34
C LEU A 57 -7.11 5.48 -8.09
N GLN A 58 -8.25 6.15 -8.28
CA GLN A 58 -9.11 6.52 -7.17
C GLN A 58 -9.74 5.27 -6.55
N GLU A 59 -10.15 4.34 -7.41
CA GLU A 59 -10.76 3.11 -6.93
C GLU A 59 -9.75 2.33 -6.07
N MET A 60 -8.50 2.33 -6.48
CA MET A 60 -7.48 1.62 -5.73
C MET A 60 -7.40 2.18 -4.32
N ILE A 61 -7.37 3.51 -4.21
CA ILE A 61 -7.31 4.14 -2.90
C ILE A 61 -8.55 3.79 -2.09
N ASP A 62 -9.67 3.62 -2.78
CA ASP A 62 -10.92 3.29 -2.13
C ASP A 62 -10.84 1.90 -1.48
N GLU A 63 -9.98 1.06 -2.03
CA GLU A 63 -9.82 -0.30 -1.50
C GLU A 63 -9.39 -0.26 -0.03
N VAL A 64 -8.46 0.62 0.29
CA VAL A 64 -8.00 0.76 1.66
C VAL A 64 -8.57 2.02 2.30
N ASP A 65 -9.29 2.81 1.50
CA ASP A 65 -9.89 4.04 2.01
C ASP A 65 -11.37 3.83 2.31
N GLU A 66 -11.68 3.63 3.59
CA GLU A 66 -13.06 3.42 4.01
C GLU A 66 -13.71 4.73 4.40
N ASP A 67 -12.89 5.72 4.76
CA ASP A 67 -13.41 7.02 5.17
C ASP A 67 -13.88 7.82 3.95
N GLY A 68 -13.70 7.26 2.76
CA GLY A 68 -14.12 7.91 1.54
C GLY A 68 -13.30 9.17 1.29
N SER A 69 -12.12 9.25 1.90
CA SER A 69 -11.26 10.40 1.74
C SER A 69 -10.81 10.56 0.29
N GLY A 70 -10.76 9.44 -0.42
CA GLY A 70 -10.35 9.45 -1.82
C GLY A 70 -8.84 9.28 -1.94
N THR A 71 -8.15 9.36 -0.81
CA THR A 71 -6.70 9.21 -0.79
C THR A 71 -6.26 8.34 0.38
N VAL A 72 -5.06 7.78 0.28
CA VAL A 72 -4.52 6.94 1.35
C VAL A 72 -3.60 7.74 2.26
N ASP A 73 -3.90 7.73 3.55
CA ASP A 73 -3.09 8.47 4.51
C ASP A 73 -2.06 7.54 5.17
N PHE A 74 -1.46 8.01 6.26
CA PHE A 74 -0.46 7.20 6.96
C PHE A 74 -1.08 5.89 7.45
N ASP A 75 -2.21 5.99 8.13
CA ASP A 75 -2.89 4.81 8.63
C ASP A 75 -3.44 3.97 7.48
N GLU A 76 -3.90 4.65 6.44
CA GLU A 76 -4.47 3.97 5.27
C GLU A 76 -3.41 3.21 4.47
N PHE A 77 -2.26 3.85 4.22
CA PHE A 77 -1.22 3.22 3.47
C PHE A 77 -0.67 2.02 4.23
N LEU A 78 -0.66 2.13 5.56
CA LEU A 78 -0.18 1.02 6.40
C LEU A 78 -1.10 -0.19 6.28
N VAL A 79 -2.41 0.09 6.21
CA VAL A 79 -3.39 -0.98 6.08
C VAL A 79 -3.17 -1.75 4.79
N MET A 80 -2.84 -1.03 3.71
CA MET A 80 -2.59 -1.70 2.44
C MET A 80 -1.61 -2.86 2.61
N MET A 81 -0.51 -2.60 3.32
CA MET A 81 0.50 -3.64 3.54
C MET A 81 -0.07 -4.77 4.39
N VAL A 82 -0.80 -4.38 5.44
CA VAL A 82 -1.43 -5.35 6.33
C VAL A 82 -2.45 -6.20 5.59
N ARG A 83 -3.22 -5.54 4.73
CA ARG A 83 -4.25 -6.24 3.95
C ARG A 83 -3.61 -7.33 3.09
N SER A 84 -2.52 -7.00 2.42
CA SER A 84 -1.83 -7.97 1.57
C SER A 84 -1.29 -9.12 2.42
N MET A 85 -0.81 -8.79 3.62
CA MET A 85 -0.27 -9.81 4.52
C MET A 85 -1.36 -10.80 4.92
N LYS A 86 -2.55 -10.27 5.20
CA LYS A 86 -3.68 -11.11 5.59
C LYS A 86 -4.12 -12.00 4.44
N ASP A 87 -3.87 -11.54 3.21
CA ASP A 87 -4.24 -12.29 2.02
C ASP A 87 -3.64 -13.68 2.05
N ASP A 88 -2.59 -13.85 2.85
CA ASP A 88 -1.90 -15.14 2.96
C ASP A 88 -2.89 -16.22 3.38
N SER A 89 -3.75 -15.90 4.33
CA SER A 89 -4.75 -16.84 4.82
C SER A 89 -5.72 -17.19 3.70
N LYS A 90 -5.97 -16.24 2.81
CA LYS A 90 -6.88 -16.45 1.70
C LYS A 90 -6.13 -16.91 0.46
N GLY A 91 -5.41 -16.00 -0.17
CA GLY A 91 -4.65 -16.33 -1.36
C GLY A 91 -5.55 -16.87 -2.46
N LYS A 92 -5.19 -18.01 -3.02
CA LYS A 92 -5.98 -18.62 -4.08
C LYS A 92 -6.77 -19.82 -3.56
N PHE A 93 -8.04 -19.87 -3.90
CA PHE A 93 -8.90 -20.96 -3.47
C PHE A 93 -9.40 -21.77 -4.66
N LYS A 94 -8.51 -22.00 -5.63
CA LYS A 94 -8.88 -22.75 -6.82
C LYS A 94 -9.86 -21.96 -7.69
N ARG A 95 -9.44 -21.64 -8.91
CA ARG A 95 -10.30 -20.89 -9.83
C ARG A 95 -10.34 -19.41 -9.41
N PRO A 96 -11.06 -18.62 -10.14
CA PRO A 96 -11.20 -17.17 -9.88
C PRO A 96 -12.17 -16.87 -8.75
N THR A 97 -12.13 -15.64 -8.24
CA THR A 97 -13.02 -15.24 -7.15
C THR A 97 -13.51 -13.82 -7.35
N LEU A 98 -13.75 -13.13 -6.25
CA LEU A 98 -14.22 -11.75 -6.30
C LEU A 98 -13.08 -10.76 -6.10
N ARG A 99 -13.09 -9.67 -6.87
CA ARG A 99 -12.05 -8.65 -6.75
C ARG A 99 -10.68 -9.30 -6.57
N ARG A 100 -10.19 -9.94 -7.63
CA ARG A 100 -8.89 -10.61 -7.57
C ARG A 100 -7.81 -9.70 -8.14
N VAL A 101 -7.13 -8.97 -7.27
CA VAL A 101 -6.07 -8.07 -7.70
C VAL A 101 -4.75 -8.82 -7.82
N ARG A 102 -4.23 -8.90 -9.03
CA ARG A 102 -2.96 -9.58 -9.27
C ARG A 102 -1.79 -8.75 -8.78
N ILE A 103 -2.06 -7.49 -8.48
CA ILE A 103 -1.01 -6.59 -8.00
C ILE A 103 -0.73 -6.85 -6.53
N SER A 104 0.50 -7.28 -6.24
CA SER A 104 0.89 -7.55 -4.86
C SER A 104 1.42 -6.28 -4.22
N ALA A 105 0.87 -5.94 -3.07
CA ALA A 105 1.29 -4.73 -2.37
C ALA A 105 2.79 -4.80 -2.08
N ASP A 106 3.28 -6.00 -1.82
CA ASP A 106 4.70 -6.17 -1.54
C ASP A 106 5.52 -5.74 -2.74
N ALA A 107 5.03 -6.06 -3.94
CA ALA A 107 5.73 -5.68 -5.17
C ALA A 107 5.83 -4.17 -5.27
N MET A 108 4.73 -3.49 -4.95
CA MET A 108 4.70 -2.03 -4.99
C MET A 108 5.71 -1.46 -4.00
N MET A 109 5.80 -2.08 -2.83
CA MET A 109 6.72 -1.63 -1.80
C MET A 109 8.15 -1.69 -2.32
N GLN A 110 8.47 -2.77 -3.02
CA GLN A 110 9.80 -2.95 -3.58
C GLN A 110 10.11 -1.81 -4.56
N ALA A 111 9.13 -1.48 -5.40
CA ALA A 111 9.31 -0.42 -6.38
C ALA A 111 9.50 0.93 -5.68
N LEU A 112 8.70 1.17 -4.64
CA LEU A 112 8.79 2.42 -3.90
C LEU A 112 10.14 2.52 -3.18
N LEU A 113 10.57 1.41 -2.59
CA LEU A 113 11.84 1.37 -1.87
C LEU A 113 13.00 1.46 -2.85
N GLY A 114 12.82 0.86 -4.02
CA GLY A 114 13.85 0.87 -5.04
C GLY A 114 14.18 2.29 -5.49
N ALA A 115 13.15 3.13 -5.58
CA ALA A 115 13.34 4.51 -6.00
C ALA A 115 14.28 5.25 -5.05
N ARG A 116 14.09 5.05 -3.74
CA ARG A 116 14.92 5.71 -2.76
C ARG A 116 16.18 4.89 -2.50
N ALA A 117 16.00 3.60 -2.21
CA ALA A 117 17.11 2.71 -1.93
C ALA A 117 17.28 1.70 -3.06
N LYS A 118 18.53 1.31 -3.33
CA LYS A 118 18.79 0.35 -4.37
C LYS A 118 19.15 -1.02 -3.78
N GLY A 119 19.03 -1.13 -2.46
CA GLY A 119 19.33 -2.38 -1.78
C GLY A 119 19.05 -2.27 -0.29
N HIS A 120 18.87 -3.42 0.36
CA HIS A 120 18.59 -3.44 1.79
C HIS A 120 19.41 -4.52 2.49
N HIS A 121 18.75 -5.61 2.87
CA HIS A 121 19.44 -6.71 3.55
C HIS A 121 20.55 -7.26 2.67
N HIS A 122 21.67 -7.63 3.29
CA HIS A 122 22.80 -8.17 2.54
C HIS A 122 23.20 -7.21 1.42
N HIS A 123 24.42 -6.70 1.47
CA HIS A 123 24.91 -5.79 0.45
C HIS A 123 25.38 -6.56 -0.78
N HIS A 124 26.64 -6.33 -1.17
CA HIS A 124 27.20 -7.01 -2.32
C HIS A 124 27.66 -8.41 -1.95
N HIS A 125 26.71 -9.35 -1.93
CA HIS A 125 27.01 -10.74 -1.58
C HIS A 125 28.51 -10.94 -1.38
CA CA B . -8.43 8.09 3.73
CL1 WW6 C . -1.55 3.55 -2.95
C5 WW6 C . -2.52 2.16 -3.33
C6 WW6 C . -3.84 2.17 -2.91
C7 WW6 C . -4.67 1.10 -3.17
C8 WW6 C . -4.20 -0.01 -3.86
C9 WW6 C . -2.88 -0.06 -4.29
C10 WW6 C . -2.02 1.01 -4.04
C4 WW6 C . -0.70 0.93 -4.50
C3 WW6 C . -0.25 -0.20 -5.17
C2 WW6 C . -1.10 -1.26 -5.42
C1 WW6 C . -2.41 -1.20 -4.99
S1 WW6 C . -3.49 -2.57 -5.32
O1 WW6 C . -2.71 -3.70 -5.98
O2 WW6 C . -4.61 -2.12 -6.25
N1 WW6 C . -4.14 -3.09 -3.90
C11 WW6 C . -3.11 -3.74 -3.06
C12 WW6 C . -3.69 -4.20 -1.73
C13 WW6 C . -3.84 -5.72 -1.75
C14 WW6 C . -5.31 -6.11 -1.67
C15 WW6 C . -5.49 -7.56 -2.11
N2 WW6 C . -6.54 -7.67 -3.14
H6 WW6 C . -4.23 3.02 -2.38
H7 WW6 C . -5.71 1.13 -2.84
H8 WW6 C . -4.87 -0.85 -4.06
H4 WW6 C . 0.00 1.75 -4.31
H3 WW6 C . 0.78 -0.25 -5.51
H21 WW6 C . -0.73 -2.13 -5.96
H17 WW6 C . -4.89 -3.72 -4.08
H11 WW6 C . -2.30 -3.03 -2.87
H8L WW6 C . -2.71 -4.61 -3.60
H12 WW6 C . -4.67 -3.74 -1.57
H8M WW6 C . -3.02 -3.91 -0.93
H13 WW6 C . -3.29 -6.15 -0.91
H8O WW6 C . -3.40 -6.10 -2.67
H14 WW6 C . -5.90 -5.45 -2.31
H8N WW6 C . -5.65 -5.99 -0.63
H15 WW6 C . -5.78 -8.16 -1.24
H8P WW6 C . -4.55 -7.93 -2.51
H23 WW6 C . -6.68 -8.63 -3.38
H22 WW6 C . -6.25 -7.16 -3.96
H24 WW6 C . -7.39 -7.27 -2.79
#